data_2CQV
#
_entry.id   2CQV
#
_entity_poly.entity_id   1
_entity_poly.type   'polypeptide(L)'
_entity_poly.pdbx_seq_one_letter_code
;GSSGSSGPQIIQFPEDQKVRAGESVELFGKVTGTQPITCTWMKFRKQIQESEHMKVENSENGSKLTILAARQEHCGCYTL
LVENKLGSRQAQVNLTVVDKPDPPAGTPSGPSSG
;
_entity_poly.pdbx_strand_id   A
#
# COMPACT_ATOMS: atom_id res chain seq x y z
N GLY A 1 -35.44 -0.89 -8.81
CA GLY A 1 -34.88 -1.75 -7.80
C GLY A 1 -33.36 -1.81 -7.85
N SER A 2 -32.72 -1.74 -6.69
CA SER A 2 -31.27 -1.77 -6.61
C SER A 2 -30.81 -2.11 -5.20
N SER A 3 -29.71 -2.86 -5.10
CA SER A 3 -29.17 -3.27 -3.82
C SER A 3 -27.70 -2.86 -3.70
N GLY A 4 -27.35 -2.23 -2.59
CA GLY A 4 -25.99 -1.80 -2.37
C GLY A 4 -25.67 -0.48 -3.04
N SER A 5 -24.63 -0.46 -3.86
CA SER A 5 -24.22 0.74 -4.56
C SER A 5 -24.25 1.95 -3.64
N SER A 6 -23.67 1.79 -2.44
CA SER A 6 -23.64 2.86 -1.47
C SER A 6 -22.48 3.82 -1.73
N GLY A 7 -21.29 3.25 -1.91
CA GLY A 7 -20.11 4.06 -2.17
C GLY A 7 -18.84 3.24 -2.17
N PRO A 8 -17.74 3.86 -2.64
CA PRO A 8 -16.43 3.20 -2.71
C PRO A 8 -15.83 2.96 -1.33
N GLN A 9 -15.51 1.71 -1.03
CA GLN A 9 -14.93 1.34 0.26
C GLN A 9 -13.74 0.42 0.07
N ILE A 10 -12.79 0.49 1.00
CA ILE A 10 -11.59 -0.35 0.95
C ILE A 10 -11.67 -1.49 1.95
N ILE A 11 -12.09 -2.67 1.48
CA ILE A 11 -12.21 -3.83 2.34
C ILE A 11 -10.86 -4.53 2.51
N GLN A 12 -9.98 -4.34 1.53
CA GLN A 12 -8.65 -4.95 1.57
C GLN A 12 -7.56 -3.89 1.50
N PHE A 13 -6.62 -3.95 2.45
CA PHE A 13 -5.53 -2.99 2.49
C PHE A 13 -4.43 -3.46 3.44
N PRO A 14 -3.17 -3.26 3.03
CA PRO A 14 -2.00 -3.67 3.82
C PRO A 14 -1.84 -2.81 5.08
N GLU A 15 -1.38 -3.43 6.17
CA GLU A 15 -1.18 -2.72 7.42
C GLU A 15 0.29 -2.41 7.64
N ASP A 16 0.59 -1.70 8.72
CA ASP A 16 1.96 -1.33 9.05
C ASP A 16 2.92 -2.48 8.72
N GLN A 17 3.79 -2.24 7.75
CA GLN A 17 4.77 -3.25 7.34
C GLN A 17 6.15 -2.63 7.13
N LYS A 18 7.13 -3.48 6.87
CA LYS A 18 8.51 -3.02 6.65
C LYS A 18 8.99 -3.40 5.26
N VAL A 19 10.13 -2.84 4.86
CA VAL A 19 10.71 -3.12 3.55
C VAL A 19 12.19 -2.79 3.52
N ARG A 20 12.99 -3.66 2.92
CA ARG A 20 14.43 -3.45 2.82
C ARG A 20 14.75 -2.41 1.74
N ALA A 21 15.64 -1.48 2.08
CA ALA A 21 16.04 -0.44 1.13
C ALA A 21 16.49 -1.04 -0.19
N GLY A 22 15.72 -0.81 -1.24
CA GLY A 22 16.06 -1.33 -2.54
C GLY A 22 15.12 -2.43 -2.99
N GLU A 23 14.42 -3.04 -2.04
CA GLU A 23 13.49 -4.12 -2.35
C GLU A 23 12.28 -3.59 -3.12
N SER A 24 11.32 -4.46 -3.38
CA SER A 24 10.12 -4.09 -4.13
C SER A 24 8.86 -4.48 -3.36
N VAL A 25 8.01 -3.50 -3.10
CA VAL A 25 6.76 -3.75 -2.37
C VAL A 25 5.55 -3.50 -3.27
N GLU A 26 4.44 -4.13 -2.92
CA GLU A 26 3.20 -3.98 -3.70
C GLU A 26 2.02 -3.69 -2.78
N LEU A 27 1.61 -2.44 -2.72
CA LEU A 27 0.48 -2.04 -1.88
C LEU A 27 -0.79 -1.91 -2.70
N PHE A 28 -1.71 -2.85 -2.51
CA PHE A 28 -2.97 -2.84 -3.25
C PHE A 28 -4.15 -2.70 -2.29
N GLY A 29 -5.12 -1.87 -2.66
CA GLY A 29 -6.29 -1.66 -1.82
C GLY A 29 -7.58 -1.93 -2.56
N LYS A 30 -8.05 -3.17 -2.49
CA LYS A 30 -9.30 -3.55 -3.17
C LYS A 30 -10.42 -2.58 -2.82
N VAL A 31 -11.15 -2.14 -3.84
CA VAL A 31 -12.25 -1.21 -3.65
C VAL A 31 -13.55 -1.75 -4.25
N THR A 32 -14.65 -1.54 -3.56
CA THR A 32 -15.96 -2.01 -4.03
C THR A 32 -16.97 -0.87 -4.05
N GLY A 33 -17.95 -0.99 -4.95
CA GLY A 33 -18.97 0.04 -5.06
C GLY A 33 -19.63 0.05 -6.42
N THR A 34 -19.56 1.20 -7.10
CA THR A 34 -20.16 1.34 -8.42
C THR A 34 -19.20 2.03 -9.38
N GLN A 35 -18.72 1.30 -10.38
CA GLN A 35 -17.80 1.85 -11.37
C GLN A 35 -18.53 2.79 -12.33
N PRO A 36 -17.77 3.73 -12.92
CA PRO A 36 -16.33 3.85 -12.68
C PRO A 36 -16.03 4.37 -11.27
N ILE A 37 -14.80 4.14 -10.82
CA ILE A 37 -14.38 4.57 -9.50
C ILE A 37 -12.99 5.18 -9.53
N THR A 38 -12.87 6.40 -9.01
CA THR A 38 -11.59 7.10 -8.98
C THR A 38 -10.72 6.61 -7.82
N CYS A 39 -9.41 6.55 -8.06
CA CYS A 39 -8.48 6.09 -7.04
C CYS A 39 -7.14 6.83 -7.16
N THR A 40 -6.72 7.47 -6.07
CA THR A 40 -5.47 8.21 -6.06
C THR A 40 -4.57 7.76 -4.92
N TRP A 41 -3.27 7.70 -5.19
CA TRP A 41 -2.30 7.28 -4.18
C TRP A 41 -1.47 8.46 -3.68
N MET A 42 -1.65 8.81 -2.41
CA MET A 42 -0.92 9.91 -1.82
C MET A 42 -0.17 9.46 -0.56
N LYS A 43 0.64 10.35 -0.02
CA LYS A 43 1.42 10.06 1.19
C LYS A 43 1.71 11.33 1.97
N PHE A 44 1.47 11.28 3.28
CA PHE A 44 1.72 12.43 4.15
C PHE A 44 1.14 13.69 3.54
N ARG A 45 -0.10 13.61 3.08
CA ARG A 45 -0.78 14.75 2.47
C ARG A 45 -0.04 15.22 1.23
N LYS A 46 0.40 14.27 0.40
CA LYS A 46 1.12 14.59 -0.83
C LYS A 46 0.91 13.49 -1.86
N GLN A 47 0.19 13.82 -2.93
CA GLN A 47 -0.08 12.87 -4.00
C GLN A 47 1.22 12.29 -4.55
N ILE A 48 1.29 10.97 -4.65
CA ILE A 48 2.48 10.30 -5.17
C ILE A 48 2.62 10.51 -6.67
N GLN A 49 3.86 10.63 -7.13
CA GLN A 49 4.13 10.84 -8.55
C GLN A 49 4.68 9.56 -9.19
N GLU A 50 4.00 9.07 -10.21
CA GLU A 50 4.42 7.86 -10.90
C GLU A 50 5.83 8.02 -11.46
N SER A 51 6.72 7.12 -11.06
CA SER A 51 8.11 7.16 -11.51
C SER A 51 8.73 5.77 -11.50
N GLU A 52 10.02 5.69 -11.81
CA GLU A 52 10.72 4.41 -11.84
C GLU A 52 10.97 3.90 -10.43
N HIS A 53 10.51 4.64 -9.44
CA HIS A 53 10.68 4.25 -8.05
C HIS A 53 9.33 3.89 -7.44
N MET A 54 8.29 4.52 -7.96
CA MET A 54 6.94 4.28 -7.49
C MET A 54 5.95 4.20 -8.66
N LYS A 55 5.42 3.01 -8.90
CA LYS A 55 4.47 2.81 -9.98
C LYS A 55 3.06 2.60 -9.44
N VAL A 56 2.06 2.91 -10.27
CA VAL A 56 0.67 2.77 -9.87
C VAL A 56 -0.16 2.17 -10.99
N GLU A 57 -1.02 1.21 -10.64
CA GLU A 57 -1.88 0.56 -11.64
C GLU A 57 -3.34 0.69 -11.25
N ASN A 58 -3.98 1.76 -11.70
CA ASN A 58 -5.39 1.99 -11.40
C ASN A 58 -6.29 1.05 -12.21
N SER A 59 -7.10 0.28 -11.50
CA SER A 59 -8.00 -0.67 -12.14
C SER A 59 -9.33 -0.75 -11.39
N GLU A 60 -10.25 -1.56 -11.91
CA GLU A 60 -11.56 -1.73 -11.28
C GLU A 60 -11.42 -2.31 -9.88
N ASN A 61 -10.91 -3.54 -9.80
CA ASN A 61 -10.74 -4.21 -8.52
C ASN A 61 -10.22 -3.24 -7.47
N GLY A 62 -9.39 -2.29 -7.89
CA GLY A 62 -8.84 -1.31 -6.98
C GLY A 62 -7.62 -0.61 -7.53
N SER A 63 -6.76 -0.12 -6.64
CA SER A 63 -5.56 0.59 -7.05
C SER A 63 -4.32 -0.02 -6.40
N LYS A 64 -3.26 -0.16 -7.18
CA LYS A 64 -2.01 -0.73 -6.70
C LYS A 64 -0.87 0.29 -6.76
N LEU A 65 0.04 0.23 -5.80
CA LEU A 65 1.17 1.15 -5.75
C LEU A 65 2.47 0.39 -5.52
N THR A 66 3.23 0.18 -6.59
CA THR A 66 4.51 -0.52 -6.50
C THR A 66 5.64 0.44 -6.16
N ILE A 67 6.54 -0.01 -5.30
CA ILE A 67 7.68 0.81 -4.89
C ILE A 67 8.99 0.13 -5.24
N LEU A 68 9.59 0.54 -6.35
CA LEU A 68 10.86 -0.03 -6.81
C LEU A 68 12.03 0.67 -6.14
N ALA A 69 13.09 -0.09 -5.86
CA ALA A 69 14.28 0.46 -5.23
C ALA A 69 13.92 1.25 -3.98
N ALA A 70 13.13 0.65 -3.10
CA ALA A 70 12.72 1.29 -1.87
C ALA A 70 13.84 2.16 -1.29
N ARG A 71 13.56 3.44 -1.12
CA ARG A 71 14.56 4.36 -0.58
C ARG A 71 14.26 4.69 0.88
N GLN A 72 15.26 5.24 1.58
CA GLN A 72 15.10 5.59 2.98
C GLN A 72 13.98 6.61 3.16
N GLU A 73 13.80 7.47 2.17
CA GLU A 73 12.76 8.49 2.22
C GLU A 73 11.38 7.89 1.97
N HIS A 74 11.33 6.84 1.17
CA HIS A 74 10.08 6.19 0.87
C HIS A 74 9.35 5.84 2.17
N CYS A 75 10.13 5.71 3.23
CA CYS A 75 9.59 5.39 4.55
C CYS A 75 8.59 6.45 4.99
N GLY A 76 7.35 6.02 5.26
CA GLY A 76 6.32 6.94 5.70
C GLY A 76 4.93 6.36 5.57
N CYS A 77 3.93 7.10 6.03
CA CYS A 77 2.55 6.65 5.96
C CYS A 77 1.88 7.11 4.68
N TYR A 78 1.28 6.17 3.97
CA TYR A 78 0.60 6.47 2.70
C TYR A 78 -0.90 6.65 2.92
N THR A 79 -1.61 6.97 1.84
CA THR A 79 -3.06 7.17 1.91
C THR A 79 -3.70 6.91 0.56
N LEU A 80 -4.55 5.89 0.49
CA LEU A 80 -5.24 5.55 -0.75
C LEU A 80 -6.64 6.16 -0.78
N LEU A 81 -6.84 7.13 -1.67
CA LEU A 81 -8.13 7.79 -1.79
C LEU A 81 -8.94 7.17 -2.93
N VAL A 82 -10.24 6.97 -2.68
CA VAL A 82 -11.12 6.39 -3.67
C VAL A 82 -12.47 7.12 -3.70
N GLU A 83 -12.68 7.93 -4.72
CA GLU A 83 -13.92 8.68 -4.87
C GLU A 83 -14.75 8.15 -6.03
N ASN A 84 -16.05 8.40 -5.98
CA ASN A 84 -16.95 7.94 -7.03
C ASN A 84 -18.31 8.63 -6.92
N LYS A 85 -19.03 8.72 -8.04
CA LYS A 85 -20.34 9.34 -8.07
C LYS A 85 -21.10 9.06 -6.77
N LEU A 86 -20.85 7.90 -6.18
CA LEU A 86 -21.51 7.52 -4.94
C LEU A 86 -20.96 8.31 -3.76
N GLY A 87 -19.76 7.96 -3.33
CA GLY A 87 -19.13 8.65 -2.21
C GLY A 87 -17.62 8.71 -2.33
N SER A 88 -16.93 8.51 -1.22
CA SER A 88 -15.47 8.56 -1.21
C SER A 88 -14.91 7.83 0.02
N ARG A 89 -13.64 7.47 -0.04
CA ARG A 89 -12.99 6.78 1.07
C ARG A 89 -11.49 7.05 1.06
N GLN A 90 -10.85 6.86 2.22
CA GLN A 90 -9.42 7.08 2.35
C GLN A 90 -8.82 6.14 3.38
N ALA A 91 -7.79 5.40 2.99
CA ALA A 91 -7.12 4.46 3.89
C ALA A 91 -5.78 5.02 4.36
N GLN A 92 -5.08 4.24 5.18
CA GLN A 92 -3.78 4.66 5.71
C GLN A 92 -2.94 3.44 6.06
N VAL A 93 -1.63 3.53 5.77
CA VAL A 93 -0.71 2.44 6.06
C VAL A 93 0.69 2.96 6.34
N ASN A 94 1.32 2.43 7.38
CA ASN A 94 2.67 2.85 7.75
C ASN A 94 3.72 1.98 7.08
N LEU A 95 4.81 2.60 6.66
CA LEU A 95 5.90 1.88 5.99
C LEU A 95 7.25 2.30 6.54
N THR A 96 8.19 1.37 6.58
CA THR A 96 9.53 1.63 7.09
C THR A 96 10.59 0.99 6.20
N VAL A 97 11.64 1.75 5.91
CA VAL A 97 12.73 1.26 5.07
C VAL A 97 13.94 0.88 5.92
N VAL A 98 14.48 -0.32 5.67
CA VAL A 98 15.64 -0.80 6.41
C VAL A 98 16.75 -1.22 5.45
N ASP A 99 17.92 -0.62 5.62
CA ASP A 99 19.06 -0.94 4.77
C ASP A 99 19.96 -1.98 5.44
N LYS A 100 19.44 -2.60 6.50
CA LYS A 100 20.20 -3.62 7.22
C LYS A 100 19.77 -5.03 6.78
N PRO A 101 20.70 -5.98 6.92
CA PRO A 101 20.44 -7.38 6.54
C PRO A 101 19.45 -8.06 7.48
N ASP A 102 19.33 -9.37 7.34
CA ASP A 102 18.42 -10.15 8.17
C ASP A 102 18.76 -9.98 9.65
N PRO A 103 17.73 -10.06 10.51
CA PRO A 103 17.90 -9.92 11.96
C PRO A 103 18.64 -11.11 12.58
N PRO A 104 19.11 -10.93 13.81
CA PRO A 104 19.85 -11.98 14.54
C PRO A 104 18.94 -13.14 14.96
N ALA A 105 19.51 -14.33 15.04
CA ALA A 105 18.77 -15.51 15.43
C ALA A 105 19.24 -16.05 16.77
N GLY A 106 18.31 -16.59 17.54
CA GLY A 106 18.65 -17.13 18.85
C GLY A 106 17.49 -17.87 19.50
N THR A 107 16.75 -18.63 18.69
CA THR A 107 15.62 -19.39 19.19
C THR A 107 15.97 -20.86 19.39
N PRO A 108 15.44 -21.46 20.46
CA PRO A 108 15.69 -22.87 20.79
C PRO A 108 15.02 -23.82 19.80
N SER A 109 15.82 -24.67 19.17
CA SER A 109 15.30 -25.63 18.20
C SER A 109 14.62 -24.91 17.03
N GLY A 110 15.16 -23.74 16.68
CA GLY A 110 14.60 -22.97 15.58
C GLY A 110 15.23 -23.31 14.24
N PRO A 111 16.24 -22.53 13.85
CA PRO A 111 16.96 -22.73 12.58
C PRO A 111 17.82 -23.99 12.60
N SER A 112 17.93 -24.60 13.77
CA SER A 112 18.73 -25.83 13.92
C SER A 112 20.15 -25.60 13.44
N SER A 113 20.69 -24.42 13.73
CA SER A 113 22.05 -24.08 13.33
C SER A 113 22.96 -23.93 14.55
N GLY A 114 24.10 -24.64 14.52
CA GLY A 114 25.03 -24.57 15.62
C GLY A 114 24.89 -25.74 16.57
N GLY A 1 -31.84 -8.07 -6.46
CA GLY A 1 -30.78 -8.99 -6.12
C GLY A 1 -29.64 -8.32 -5.38
N SER A 2 -29.94 -7.77 -4.21
CA SER A 2 -28.94 -7.09 -3.40
C SER A 2 -28.43 -5.84 -4.12
N SER A 3 -29.35 -5.11 -4.74
CA SER A 3 -28.99 -3.89 -5.47
C SER A 3 -28.97 -2.69 -4.53
N GLY A 4 -27.94 -1.87 -4.65
CA GLY A 4 -27.81 -0.69 -3.82
C GLY A 4 -26.56 0.11 -4.11
N SER A 5 -26.64 1.42 -3.95
CA SER A 5 -25.50 2.30 -4.20
C SER A 5 -25.17 3.13 -2.97
N SER A 6 -24.18 2.67 -2.22
CA SER A 6 -23.74 3.37 -1.00
C SER A 6 -22.49 4.19 -1.26
N GLY A 7 -21.47 3.54 -1.82
CA GLY A 7 -20.22 4.22 -2.11
C GLY A 7 -19.03 3.29 -2.06
N PRO A 8 -17.87 3.79 -2.51
CA PRO A 8 -16.63 3.01 -2.54
C PRO A 8 -16.08 2.74 -1.13
N GLN A 9 -15.48 1.58 -0.94
CA GLN A 9 -14.91 1.21 0.34
C GLN A 9 -13.69 0.30 0.17
N ILE A 10 -12.73 0.43 1.07
CA ILE A 10 -11.52 -0.37 1.02
C ILE A 10 -11.58 -1.52 2.02
N ILE A 11 -12.05 -2.67 1.55
CA ILE A 11 -12.16 -3.86 2.40
C ILE A 11 -10.80 -4.54 2.57
N GLN A 12 -9.93 -4.36 1.59
CA GLN A 12 -8.60 -4.95 1.62
C GLN A 12 -7.52 -3.88 1.50
N PHE A 13 -6.61 -3.86 2.47
CA PHE A 13 -5.52 -2.88 2.46
C PHE A 13 -4.38 -3.34 3.36
N PRO A 14 -3.14 -3.12 2.89
CA PRO A 14 -1.93 -3.51 3.63
C PRO A 14 -1.72 -2.66 4.87
N GLU A 15 -1.48 -3.32 6.00
CA GLU A 15 -1.26 -2.62 7.26
C GLU A 15 0.23 -2.35 7.49
N ASP A 16 0.55 -1.72 8.61
CA ASP A 16 1.94 -1.41 8.94
C ASP A 16 2.86 -2.55 8.54
N GLN A 17 3.77 -2.27 7.62
CA GLN A 17 4.72 -3.28 7.15
C GLN A 17 6.12 -2.68 6.99
N LYS A 18 7.08 -3.54 6.63
CA LYS A 18 8.45 -3.10 6.45
C LYS A 18 8.98 -3.50 5.08
N VAL A 19 10.14 -2.98 4.71
CA VAL A 19 10.75 -3.29 3.43
C VAL A 19 12.25 -3.02 3.45
N ARG A 20 13.03 -3.98 2.94
CA ARG A 20 14.48 -3.84 2.90
C ARG A 20 14.90 -2.84 1.83
N ALA A 21 15.52 -1.74 2.27
CA ALA A 21 15.98 -0.70 1.35
C ALA A 21 16.50 -1.31 0.05
N GLY A 22 15.78 -1.07 -1.04
CA GLY A 22 16.19 -1.59 -2.33
C GLY A 22 15.33 -2.76 -2.77
N GLU A 23 14.22 -2.98 -2.06
CA GLU A 23 13.32 -4.08 -2.38
C GLU A 23 12.11 -3.57 -3.16
N SER A 24 11.25 -4.50 -3.57
CA SER A 24 10.05 -4.15 -4.32
C SER A 24 8.79 -4.46 -3.51
N VAL A 25 8.02 -3.42 -3.22
CA VAL A 25 6.78 -3.57 -2.46
C VAL A 25 5.55 -3.37 -3.34
N GLU A 26 4.43 -3.93 -2.92
CA GLU A 26 3.18 -3.81 -3.68
C GLU A 26 2.01 -3.51 -2.74
N LEU A 27 1.55 -2.26 -2.76
CA LEU A 27 0.43 -1.85 -1.92
C LEU A 27 -0.85 -1.73 -2.73
N PHE A 28 -1.68 -2.77 -2.68
CA PHE A 28 -2.95 -2.77 -3.41
C PHE A 28 -4.13 -2.69 -2.45
N GLY A 29 -5.06 -1.79 -2.75
CA GLY A 29 -6.23 -1.62 -1.90
C GLY A 29 -7.52 -1.93 -2.64
N LYS A 30 -8.03 -3.14 -2.44
CA LYS A 30 -9.27 -3.55 -3.08
C LYS A 30 -10.41 -2.61 -2.73
N VAL A 31 -11.10 -2.11 -3.76
CA VAL A 31 -12.21 -1.20 -3.56
C VAL A 31 -13.51 -1.77 -4.14
N THR A 32 -14.61 -1.57 -3.43
CA THR A 32 -15.91 -2.06 -3.87
C THR A 32 -16.97 -0.98 -3.75
N GLY A 33 -17.97 -1.04 -4.64
CA GLY A 33 -19.04 -0.06 -4.63
C GLY A 33 -19.74 0.05 -5.96
N THR A 34 -19.39 1.07 -6.74
CA THR A 34 -19.99 1.29 -8.05
C THR A 34 -18.99 1.92 -9.01
N GLN A 35 -18.64 1.18 -10.06
CA GLN A 35 -17.70 1.67 -11.06
C GLN A 35 -18.38 2.62 -12.03
N PRO A 36 -17.59 3.51 -12.65
CA PRO A 36 -16.15 3.58 -12.41
C PRO A 36 -15.82 4.11 -11.01
N ILE A 37 -14.60 3.82 -10.56
CA ILE A 37 -14.16 4.26 -9.24
C ILE A 37 -12.77 4.90 -9.31
N THR A 38 -12.66 6.13 -8.84
CA THR A 38 -11.39 6.84 -8.84
C THR A 38 -10.45 6.29 -7.77
N CYS A 39 -9.16 6.36 -8.05
CA CYS A 39 -8.16 5.86 -7.11
C CYS A 39 -6.89 6.73 -7.16
N THR A 40 -6.54 7.32 -6.02
CA THR A 40 -5.37 8.17 -5.94
C THR A 40 -4.48 7.77 -4.76
N TRP A 41 -3.18 7.69 -5.02
CA TRP A 41 -2.23 7.31 -3.97
C TRP A 41 -1.42 8.52 -3.51
N MET A 42 -1.64 8.94 -2.28
CA MET A 42 -0.92 10.09 -1.73
C MET A 42 -0.10 9.69 -0.51
N LYS A 43 0.70 10.62 0.00
CA LYS A 43 1.53 10.35 1.17
C LYS A 43 1.82 11.64 1.93
N PHE A 44 1.57 11.63 3.24
CA PHE A 44 1.80 12.79 4.07
C PHE A 44 1.08 14.01 3.51
N ARG A 45 -0.19 13.85 3.17
CA ARG A 45 -0.99 14.95 2.63
C ARG A 45 -0.35 15.48 1.35
N LYS A 46 0.14 14.58 0.51
CA LYS A 46 0.77 14.97 -0.75
C LYS A 46 0.64 13.85 -1.78
N GLN A 47 -0.10 14.13 -2.85
CA GLN A 47 -0.30 13.16 -3.91
C GLN A 47 1.03 12.60 -4.41
N ILE A 48 1.05 11.31 -4.70
CA ILE A 48 2.27 10.67 -5.18
C ILE A 48 2.45 10.86 -6.68
N GLN A 49 3.69 10.97 -7.12
CA GLN A 49 3.99 11.17 -8.54
C GLN A 49 4.44 9.86 -9.18
N GLU A 50 3.70 9.43 -10.20
CA GLU A 50 4.03 8.19 -10.90
C GLU A 50 5.45 8.25 -11.48
N SER A 51 6.23 7.22 -11.18
CA SER A 51 7.61 7.16 -11.67
C SER A 51 8.22 5.79 -11.37
N GLU A 52 9.30 5.46 -12.08
CA GLU A 52 9.99 4.20 -11.89
C GLU A 52 10.17 3.89 -10.41
N HIS A 53 10.25 4.93 -9.60
CA HIS A 53 10.43 4.77 -8.17
C HIS A 53 9.09 4.37 -7.54
N MET A 54 8.04 5.03 -7.99
CA MET A 54 6.70 4.77 -7.48
C MET A 54 5.69 4.68 -8.63
N LYS A 55 5.33 3.44 -8.98
CA LYS A 55 4.38 3.21 -10.06
C LYS A 55 2.97 2.95 -9.50
N VAL A 56 1.97 3.02 -10.37
CA VAL A 56 0.59 2.79 -9.97
C VAL A 56 -0.16 1.98 -11.02
N GLU A 57 -1.01 1.07 -10.55
CA GLU A 57 -1.78 0.22 -11.45
C GLU A 57 -3.28 0.37 -11.17
N ASN A 58 -3.88 1.41 -11.74
CA ASN A 58 -5.31 1.66 -11.55
C ASN A 58 -6.14 0.66 -12.34
N SER A 59 -6.96 -0.11 -11.64
CA SER A 59 -7.82 -1.11 -12.28
C SER A 59 -9.17 -1.18 -11.59
N GLU A 60 -10.05 -2.04 -12.10
CA GLU A 60 -11.39 -2.21 -11.54
C GLU A 60 -11.31 -2.59 -10.06
N ASN A 61 -10.76 -3.76 -9.78
CA ASN A 61 -10.64 -4.25 -8.41
C ASN A 61 -10.21 -3.11 -7.48
N GLY A 62 -9.30 -2.27 -7.96
CA GLY A 62 -8.82 -1.16 -7.16
C GLY A 62 -7.57 -0.52 -7.75
N SER A 63 -6.62 -0.19 -6.88
CA SER A 63 -5.37 0.43 -7.31
C SER A 63 -4.18 -0.15 -6.55
N LYS A 64 -3.03 -0.15 -7.20
CA LYS A 64 -1.80 -0.68 -6.58
C LYS A 64 -0.67 0.34 -6.68
N LEU A 65 0.27 0.25 -5.75
CA LEU A 65 1.42 1.16 -5.74
C LEU A 65 2.72 0.38 -5.58
N THR A 66 3.39 0.13 -6.71
CA THR A 66 4.65 -0.60 -6.70
C THR A 66 5.83 0.36 -6.51
N ILE A 67 6.59 0.15 -5.43
CA ILE A 67 7.73 0.99 -5.13
C ILE A 67 9.04 0.26 -5.48
N LEU A 68 9.78 0.82 -6.42
CA LEU A 68 11.05 0.24 -6.84
C LEU A 68 12.21 0.80 -6.03
N ALA A 69 13.23 -0.02 -5.82
CA ALA A 69 14.40 0.39 -5.05
C ALA A 69 14.00 1.18 -3.81
N ALA A 70 13.06 0.64 -3.05
CA ALA A 70 12.58 1.29 -1.84
C ALA A 70 13.72 1.97 -1.11
N ARG A 71 13.75 3.30 -1.19
CA ARG A 71 14.80 4.08 -0.54
C ARG A 71 14.42 4.41 0.90
N GLN A 72 15.39 4.86 1.69
CA GLN A 72 15.14 5.20 3.08
C GLN A 72 14.08 6.29 3.20
N GLU A 73 13.88 7.04 2.11
CA GLU A 73 12.88 8.11 2.10
C GLU A 73 11.48 7.54 1.93
N HIS A 74 11.35 6.53 1.09
CA HIS A 74 10.06 5.91 0.85
C HIS A 74 9.33 5.73 2.19
N CYS A 75 10.11 5.60 3.24
CA CYS A 75 9.58 5.42 4.59
C CYS A 75 8.58 6.53 4.93
N GLY A 76 7.44 6.14 5.50
CA GLY A 76 6.43 7.11 5.86
C GLY A 76 5.03 6.53 5.82
N CYS A 77 4.03 7.40 5.89
CA CYS A 77 2.64 6.96 5.87
C CYS A 77 1.97 7.32 4.54
N TYR A 78 1.21 6.38 3.99
CA TYR A 78 0.53 6.59 2.71
C TYR A 78 -0.97 6.72 2.93
N THR A 79 -1.66 7.29 1.94
CA THR A 79 -3.10 7.48 2.01
C THR A 79 -3.75 7.22 0.65
N LEU A 80 -4.56 6.18 0.58
CA LEU A 80 -5.25 5.83 -0.66
C LEU A 80 -6.66 6.41 -0.69
N LEU A 81 -6.89 7.34 -1.61
CA LEU A 81 -8.19 7.98 -1.74
C LEU A 81 -8.96 7.42 -2.93
N VAL A 82 -10.19 6.99 -2.69
CA VAL A 82 -11.03 6.43 -3.75
C VAL A 82 -12.37 7.15 -3.82
N GLU A 83 -12.51 8.03 -4.81
CA GLU A 83 -13.75 8.78 -5.00
C GLU A 83 -14.54 8.26 -6.19
N ASN A 84 -15.85 8.45 -6.15
CA ASN A 84 -16.72 7.99 -7.23
C ASN A 84 -18.04 8.76 -7.23
N LYS A 85 -18.92 8.41 -8.16
CA LYS A 85 -20.22 9.06 -8.26
C LYS A 85 -20.96 9.05 -6.93
N LEU A 86 -20.99 7.87 -6.30
CA LEU A 86 -21.66 7.72 -5.01
C LEU A 86 -20.98 8.58 -3.94
N GLY A 87 -19.83 8.14 -3.48
CA GLY A 87 -19.09 8.88 -2.47
C GLY A 87 -17.60 8.78 -2.63
N SER A 88 -16.89 8.58 -1.53
CA SER A 88 -15.43 8.47 -1.55
C SER A 88 -14.91 7.81 -0.27
N ARG A 89 -13.64 7.46 -0.28
CA ARG A 89 -13.02 6.82 0.88
C ARG A 89 -11.52 7.13 0.93
N GLN A 90 -10.93 6.98 2.11
CA GLN A 90 -9.51 7.23 2.29
C GLN A 90 -8.90 6.27 3.31
N ALA A 91 -7.88 5.54 2.90
CA ALA A 91 -7.21 4.58 3.78
C ALA A 91 -5.83 5.08 4.18
N GLN A 92 -5.18 4.35 5.08
CA GLN A 92 -3.85 4.72 5.55
C GLN A 92 -3.03 3.48 5.86
N VAL A 93 -1.71 3.62 5.78
CA VAL A 93 -0.80 2.51 6.06
C VAL A 93 0.60 3.01 6.40
N ASN A 94 1.24 2.34 7.35
CA ASN A 94 2.59 2.73 7.78
C ASN A 94 3.63 1.83 7.12
N LEU A 95 4.75 2.44 6.72
CA LEU A 95 5.83 1.71 6.08
C LEU A 95 7.18 2.07 6.69
N THR A 96 8.12 1.13 6.65
CA THR A 96 9.44 1.35 7.20
C THR A 96 10.52 0.73 6.32
N VAL A 97 11.60 1.47 6.11
CA VAL A 97 12.70 0.98 5.27
C VAL A 97 13.89 0.56 6.13
N VAL A 98 14.52 -0.55 5.76
CA VAL A 98 15.66 -1.06 6.50
C VAL A 98 16.76 -1.54 5.53
N ASP A 99 17.97 -1.02 5.73
CA ASP A 99 19.10 -1.39 4.89
C ASP A 99 20.00 -2.39 5.61
N LYS A 100 19.49 -3.00 6.67
CA LYS A 100 20.24 -3.98 7.44
C LYS A 100 19.33 -4.75 8.37
N PRO A 101 19.73 -5.99 8.70
CA PRO A 101 18.96 -6.86 9.60
C PRO A 101 18.99 -6.36 11.05
N ASP A 102 17.82 -6.34 11.67
CA ASP A 102 17.71 -5.89 13.05
C ASP A 102 17.14 -6.99 13.94
N PRO A 103 17.61 -7.04 15.19
CA PRO A 103 17.17 -8.05 16.17
C PRO A 103 15.73 -7.82 16.62
N PRO A 104 14.96 -8.92 16.74
CA PRO A 104 13.56 -8.86 17.17
C PRO A 104 13.41 -8.48 18.63
N ALA A 105 12.22 -8.66 19.16
CA ALA A 105 11.94 -8.33 20.56
C ALA A 105 12.45 -9.43 21.49
N GLY A 106 13.72 -9.77 21.36
CA GLY A 106 14.30 -10.81 22.20
C GLY A 106 15.14 -10.24 23.33
N THR A 107 15.57 -11.11 24.24
CA THR A 107 16.38 -10.69 25.38
C THR A 107 17.21 -11.84 25.92
N PRO A 108 18.52 -11.62 26.04
CA PRO A 108 19.45 -12.64 26.56
C PRO A 108 19.26 -12.91 28.03
N SER A 109 18.49 -13.95 28.34
CA SER A 109 18.21 -14.32 29.73
C SER A 109 19.48 -14.22 30.58
N GLY A 110 20.55 -14.86 30.11
CA GLY A 110 21.81 -14.84 30.84
C GLY A 110 21.80 -15.77 32.03
N PRO A 111 22.98 -16.30 32.38
CA PRO A 111 23.13 -17.22 33.51
C PRO A 111 22.95 -16.52 34.85
N SER A 112 22.13 -17.10 35.71
CA SER A 112 21.87 -16.53 37.03
C SER A 112 22.16 -17.54 38.13
N SER A 113 22.86 -17.10 39.16
CA SER A 113 23.21 -17.96 40.28
C SER A 113 21.97 -18.61 40.88
N GLY A 114 20.98 -17.77 41.21
CA GLY A 114 19.74 -18.28 41.79
C GLY A 114 19.25 -19.53 41.10
N GLY A 1 -27.50 -10.07 -0.89
CA GLY A 1 -28.77 -10.42 -1.51
C GLY A 1 -29.34 -9.28 -2.32
N SER A 2 -30.41 -8.68 -1.83
CA SER A 2 -31.05 -7.57 -2.53
C SER A 2 -30.33 -6.26 -2.25
N SER A 3 -29.00 -6.32 -2.28
CA SER A 3 -28.18 -5.13 -2.05
C SER A 3 -28.26 -4.17 -3.23
N GLY A 4 -27.84 -2.93 -3.00
CA GLY A 4 -27.86 -1.92 -4.05
C GLY A 4 -26.52 -1.26 -4.26
N SER A 5 -26.55 -0.04 -4.81
CA SER A 5 -25.32 0.70 -5.06
C SER A 5 -24.81 1.36 -3.78
N SER A 6 -23.55 1.07 -3.44
CA SER A 6 -22.95 1.63 -2.23
C SER A 6 -21.63 2.33 -2.56
N GLY A 7 -21.43 3.50 -1.96
CA GLY A 7 -20.21 4.25 -2.20
C GLY A 7 -18.97 3.38 -2.17
N PRO A 8 -17.84 3.94 -2.61
CA PRO A 8 -16.56 3.23 -2.64
C PRO A 8 -16.00 2.97 -1.25
N GLN A 9 -15.53 1.75 -1.02
CA GLN A 9 -14.98 1.38 0.28
C GLN A 9 -13.76 0.49 0.11
N ILE A 10 -12.89 0.47 1.12
CA ILE A 10 -11.68 -0.34 1.08
C ILE A 10 -11.78 -1.52 2.04
N ILE A 11 -12.18 -2.67 1.50
CA ILE A 11 -12.32 -3.88 2.32
C ILE A 11 -10.96 -4.53 2.56
N GLN A 12 -10.05 -4.39 1.59
CA GLN A 12 -8.71 -4.96 1.71
C GLN A 12 -7.66 -3.88 1.55
N PHE A 13 -6.67 -3.90 2.45
CA PHE A 13 -5.59 -2.92 2.41
C PHE A 13 -4.46 -3.33 3.36
N PRO A 14 -3.21 -3.14 2.90
CA PRO A 14 -2.02 -3.47 3.69
C PRO A 14 -1.83 -2.53 4.87
N GLU A 15 -1.46 -3.10 6.02
CA GLU A 15 -1.24 -2.31 7.23
C GLU A 15 0.24 -2.05 7.46
N ASP A 16 0.55 -1.25 8.47
CA ASP A 16 1.93 -0.92 8.80
C ASP A 16 2.85 -2.09 8.50
N GLN A 17 3.76 -1.91 7.54
CA GLN A 17 4.70 -2.95 7.16
C GLN A 17 6.10 -2.38 6.98
N LYS A 18 7.06 -3.26 6.72
CA LYS A 18 8.45 -2.85 6.52
C LYS A 18 8.96 -3.28 5.16
N VAL A 19 10.17 -2.83 4.81
CA VAL A 19 10.77 -3.18 3.53
C VAL A 19 12.28 -2.96 3.56
N ARG A 20 13.01 -3.88 2.94
CA ARG A 20 14.47 -3.79 2.89
C ARG A 20 14.92 -2.80 1.82
N ALA A 21 15.50 -1.69 2.25
CA ALA A 21 15.98 -0.67 1.33
C ALA A 21 16.50 -1.30 0.05
N GLY A 22 15.77 -1.09 -1.05
CA GLY A 22 16.18 -1.64 -2.32
C GLY A 22 15.32 -2.81 -2.76
N GLU A 23 14.19 -3.01 -2.07
CA GLU A 23 13.28 -4.09 -2.38
C GLU A 23 12.06 -3.58 -3.12
N SER A 24 11.18 -4.49 -3.52
CA SER A 24 9.96 -4.13 -4.24
C SER A 24 8.72 -4.41 -3.40
N VAL A 25 7.92 -3.38 -3.18
CA VAL A 25 6.70 -3.51 -2.40
C VAL A 25 5.46 -3.34 -3.27
N GLU A 26 4.38 -4.02 -2.89
CA GLU A 26 3.13 -3.94 -3.64
C GLU A 26 1.95 -3.68 -2.71
N LEU A 27 1.48 -2.43 -2.72
CA LEU A 27 0.36 -2.04 -1.86
C LEU A 27 -0.93 -1.94 -2.68
N PHE A 28 -1.74 -2.98 -2.62
CA PHE A 28 -3.00 -3.01 -3.35
C PHE A 28 -4.18 -2.81 -2.41
N GLY A 29 -5.06 -1.89 -2.75
CA GLY A 29 -6.23 -1.62 -1.92
C GLY A 29 -7.53 -1.93 -2.63
N LYS A 30 -8.03 -3.14 -2.47
CA LYS A 30 -9.27 -3.56 -3.09
C LYS A 30 -10.40 -2.59 -2.76
N VAL A 31 -11.12 -2.15 -3.78
CA VAL A 31 -12.23 -1.22 -3.59
C VAL A 31 -13.51 -1.76 -4.22
N THR A 32 -14.63 -1.54 -3.54
CA THR A 32 -15.92 -2.00 -4.03
C THR A 32 -16.95 -0.88 -4.03
N GLY A 33 -17.99 -1.04 -4.85
CA GLY A 33 -19.03 -0.02 -4.93
C GLY A 33 -19.67 0.05 -6.31
N THR A 34 -19.46 1.16 -7.00
CA THR A 34 -20.02 1.35 -8.33
C THR A 34 -19.01 2.01 -9.26
N GLN A 35 -18.57 1.25 -10.26
CA GLN A 35 -17.60 1.77 -11.22
C GLN A 35 -18.27 2.72 -12.22
N PRO A 36 -17.46 3.62 -12.79
CA PRO A 36 -16.02 3.72 -12.50
C PRO A 36 -15.75 4.22 -11.10
N ILE A 37 -14.54 3.95 -10.60
CA ILE A 37 -14.15 4.37 -9.26
C ILE A 37 -12.75 4.98 -9.26
N THR A 38 -12.66 6.24 -8.86
CA THR A 38 -11.38 6.93 -8.81
C THR A 38 -10.47 6.34 -7.73
N CYS A 39 -9.17 6.40 -7.98
CA CYS A 39 -8.19 5.87 -7.04
C CYS A 39 -6.89 6.68 -7.08
N THR A 40 -6.64 7.45 -6.03
CA THR A 40 -5.45 8.27 -5.95
C THR A 40 -4.57 7.86 -4.77
N TRP A 41 -3.29 7.67 -5.03
CA TRP A 41 -2.35 7.27 -3.98
C TRP A 41 -1.53 8.47 -3.50
N MET A 42 -1.66 8.79 -2.22
CA MET A 42 -0.93 9.91 -1.63
C MET A 42 -0.13 9.46 -0.42
N LYS A 43 0.72 10.35 0.09
CA LYS A 43 1.54 10.05 1.26
C LYS A 43 1.88 11.32 2.02
N PHE A 44 1.52 11.36 3.30
CA PHE A 44 1.79 12.51 4.14
C PHE A 44 1.03 13.74 3.65
N ARG A 45 -0.22 13.52 3.24
CA ARG A 45 -1.05 14.61 2.74
C ARG A 45 -0.46 15.21 1.47
N LYS A 46 0.20 14.36 0.68
CA LYS A 46 0.81 14.80 -0.58
C LYS A 46 0.60 13.77 -1.68
N GLN A 47 0.09 14.23 -2.83
CA GLN A 47 -0.15 13.33 -3.95
C GLN A 47 1.16 12.74 -4.47
N ILE A 48 1.15 11.43 -4.68
CA ILE A 48 2.34 10.74 -5.19
C ILE A 48 2.51 10.95 -6.68
N GLN A 49 3.76 10.94 -7.14
CA GLN A 49 4.06 11.13 -8.55
C GLN A 49 4.52 9.82 -9.19
N GLU A 50 3.78 9.39 -10.21
CA GLU A 50 4.11 8.15 -10.91
C GLU A 50 5.51 8.21 -11.51
N SER A 51 6.29 7.16 -11.27
CA SER A 51 7.65 7.10 -11.79
C SER A 51 8.28 5.72 -11.51
N GLU A 52 9.39 5.45 -12.18
CA GLU A 52 10.08 4.17 -12.00
C GLU A 52 10.31 3.88 -10.52
N HIS A 53 10.20 4.90 -9.69
CA HIS A 53 10.41 4.74 -8.27
C HIS A 53 9.08 4.36 -7.60
N MET A 54 8.01 4.98 -8.09
CA MET A 54 6.67 4.72 -7.56
C MET A 54 5.65 4.59 -8.69
N LYS A 55 5.24 3.37 -8.97
CA LYS A 55 4.26 3.12 -10.03
C LYS A 55 2.88 2.89 -9.44
N VAL A 56 1.86 2.95 -10.31
CA VAL A 56 0.48 2.74 -9.88
C VAL A 56 -0.30 1.93 -10.91
N GLU A 57 -0.91 0.84 -10.45
CA GLU A 57 -1.69 -0.03 -11.33
C GLU A 57 -3.18 0.17 -11.10
N ASN A 58 -3.72 1.27 -11.63
CA ASN A 58 -5.14 1.57 -11.48
C ASN A 58 -5.99 0.57 -12.25
N SER A 59 -6.89 -0.10 -11.55
CA SER A 59 -7.78 -1.09 -12.17
C SER A 59 -9.08 -1.21 -11.39
N GLU A 60 -10.10 -1.75 -12.05
CA GLU A 60 -11.41 -1.92 -11.43
C GLU A 60 -11.26 -2.40 -9.99
N ASN A 61 -10.62 -3.55 -9.81
CA ASN A 61 -10.42 -4.12 -8.48
C ASN A 61 -10.00 -3.04 -7.49
N GLY A 62 -9.13 -2.14 -7.93
CA GLY A 62 -8.66 -1.07 -7.07
C GLY A 62 -7.42 -0.40 -7.60
N SER A 63 -6.44 -0.18 -6.74
CA SER A 63 -5.19 0.47 -7.12
C SER A 63 -4.01 -0.15 -6.39
N LYS A 64 -2.92 -0.37 -7.11
CA LYS A 64 -1.71 -0.94 -6.53
C LYS A 64 -0.51 -0.03 -6.72
N LEU A 65 0.12 0.36 -5.62
CA LEU A 65 1.28 1.24 -5.67
C LEU A 65 2.57 0.44 -5.51
N THR A 66 3.26 0.21 -6.62
CA THR A 66 4.51 -0.54 -6.60
C THR A 66 5.71 0.40 -6.47
N ILE A 67 6.49 0.21 -5.40
CA ILE A 67 7.67 1.03 -5.16
C ILE A 67 8.94 0.28 -5.50
N LEU A 68 9.73 0.84 -6.41
CA LEU A 68 10.98 0.22 -6.83
C LEU A 68 12.15 0.77 -6.01
N ALA A 69 13.18 -0.07 -5.85
CA ALA A 69 14.36 0.33 -5.09
C ALA A 69 13.97 1.10 -3.83
N ALA A 70 13.11 0.51 -3.02
CA ALA A 70 12.66 1.15 -1.78
C ALA A 70 13.80 1.93 -1.13
N ARG A 71 13.67 3.25 -1.14
CA ARG A 71 14.68 4.12 -0.55
C ARG A 71 14.32 4.48 0.89
N GLN A 72 15.27 5.06 1.61
CA GLN A 72 15.05 5.45 3.00
C GLN A 72 13.91 6.45 3.10
N GLU A 73 13.85 7.37 2.15
CA GLU A 73 12.79 8.39 2.14
C GLU A 73 11.42 7.74 2.05
N HIS A 74 11.28 6.77 1.16
CA HIS A 74 10.02 6.09 0.99
C HIS A 74 9.32 5.93 2.35
N CYS A 75 10.14 5.64 3.35
CA CYS A 75 9.63 5.46 4.71
C CYS A 75 8.59 6.53 5.05
N GLY A 76 7.38 6.08 5.39
CA GLY A 76 6.32 7.00 5.74
C GLY A 76 4.94 6.39 5.57
N CYS A 77 3.92 7.12 6.00
CA CYS A 77 2.54 6.64 5.89
C CYS A 77 1.90 7.09 4.58
N TYR A 78 1.13 6.20 3.97
CA TYR A 78 0.47 6.50 2.71
C TYR A 78 -1.04 6.62 2.89
N THR A 79 -1.74 6.93 1.82
CA THR A 79 -3.20 7.06 1.87
C THR A 79 -3.81 6.87 0.49
N LEU A 80 -4.69 5.87 0.36
CA LEU A 80 -5.35 5.58 -0.91
C LEU A 80 -6.76 6.15 -0.92
N LEU A 81 -6.92 7.30 -1.58
CA LEU A 81 -8.23 7.94 -1.67
C LEU A 81 -9.01 7.42 -2.87
N VAL A 82 -10.21 6.90 -2.61
CA VAL A 82 -11.06 6.37 -3.67
C VAL A 82 -12.40 7.10 -3.72
N GLU A 83 -12.57 7.92 -4.74
CA GLU A 83 -13.80 8.68 -4.91
C GLU A 83 -14.66 8.09 -6.03
N ASN A 84 -15.96 8.37 -5.97
CA ASN A 84 -16.88 7.87 -6.98
C ASN A 84 -18.22 8.63 -6.93
N LYS A 85 -18.91 8.68 -8.07
CA LYS A 85 -20.18 9.36 -8.15
C LYS A 85 -20.98 9.19 -6.86
N LEU A 86 -20.86 8.02 -6.25
CA LEU A 86 -21.57 7.72 -5.01
C LEU A 86 -20.96 8.49 -3.84
N GLY A 87 -19.78 8.06 -3.41
CA GLY A 87 -19.11 8.72 -2.30
C GLY A 87 -17.61 8.72 -2.45
N SER A 88 -16.90 8.54 -1.33
CA SER A 88 -15.44 8.53 -1.34
C SER A 88 -14.90 7.81 -0.11
N ARG A 89 -13.61 7.50 -0.13
CA ARG A 89 -12.97 6.81 0.99
C ARG A 89 -11.46 7.02 0.96
N GLN A 90 -10.79 6.66 2.05
CA GLN A 90 -9.35 6.81 2.15
C GLN A 90 -8.79 5.93 3.26
N ALA A 91 -7.67 5.26 2.97
CA ALA A 91 -7.03 4.40 3.94
C ALA A 91 -5.72 4.99 4.44
N GLN A 92 -5.00 4.22 5.25
CA GLN A 92 -3.72 4.68 5.79
C GLN A 92 -2.83 3.50 6.15
N VAL A 93 -1.62 3.49 5.60
CA VAL A 93 -0.66 2.41 5.86
C VAL A 93 0.73 2.97 6.08
N ASN A 94 1.36 2.54 7.18
CA ASN A 94 2.71 3.00 7.51
C ASN A 94 3.76 2.10 6.86
N LEU A 95 4.88 2.70 6.47
CA LEU A 95 5.96 1.95 5.83
C LEU A 95 7.30 2.29 6.48
N THR A 96 8.24 1.36 6.40
CA THR A 96 9.57 1.55 6.97
C THR A 96 10.64 0.88 6.13
N VAL A 97 11.75 1.59 5.92
CA VAL A 97 12.85 1.07 5.12
C VAL A 97 14.01 0.62 6.01
N VAL A 98 14.59 -0.53 5.68
CA VAL A 98 15.70 -1.06 6.45
C VAL A 98 16.81 -1.58 5.53
N ASP A 99 18.01 -1.03 5.71
CA ASP A 99 19.15 -1.43 4.89
C ASP A 99 19.90 -2.59 5.53
N LYS A 100 19.32 -3.14 6.59
CA LYS A 100 19.93 -4.26 7.31
C LYS A 100 18.87 -5.20 7.87
N PRO A 101 19.20 -6.50 7.94
CA PRO A 101 18.29 -7.52 8.46
C PRO A 101 18.06 -7.39 9.96
N ASP A 102 17.22 -8.26 10.50
CA ASP A 102 16.92 -8.25 11.92
C ASP A 102 18.18 -8.51 12.75
N PRO A 103 18.22 -7.94 13.96
CA PRO A 103 19.36 -8.09 14.87
C PRO A 103 19.47 -9.50 15.42
N PRO A 104 20.70 -9.89 15.80
CA PRO A 104 20.98 -11.22 16.35
C PRO A 104 20.38 -11.41 17.75
N ALA A 105 19.75 -12.56 17.97
CA ALA A 105 19.14 -12.86 19.25
C ALA A 105 20.02 -13.80 20.07
N GLY A 106 20.41 -14.92 19.46
CA GLY A 106 21.25 -15.88 20.15
C GLY A 106 20.98 -17.30 19.72
N THR A 107 21.47 -18.26 20.50
CA THR A 107 21.28 -19.67 20.17
C THR A 107 20.79 -20.44 21.39
N PRO A 108 19.91 -21.43 21.16
CA PRO A 108 19.35 -22.27 22.21
C PRO A 108 20.39 -23.21 22.82
N SER A 109 20.46 -23.23 24.15
CA SER A 109 21.41 -24.08 24.85
C SER A 109 20.70 -25.30 25.45
N GLY A 110 21.25 -26.48 25.18
CA GLY A 110 20.67 -27.71 25.71
C GLY A 110 19.45 -28.15 24.93
N PRO A 111 19.69 -28.86 23.81
CA PRO A 111 18.61 -29.35 22.95
C PRO A 111 17.80 -30.46 23.61
N SER A 112 16.76 -30.92 22.92
CA SER A 112 15.90 -31.97 23.44
C SER A 112 15.92 -33.20 22.52
N SER A 113 15.47 -33.01 21.29
CA SER A 113 15.43 -34.09 20.31
C SER A 113 16.85 -34.56 19.97
N GLY A 114 17.33 -35.55 20.73
CA GLY A 114 18.67 -36.06 20.49
C GLY A 114 19.33 -36.56 21.76
N GLY A 1 -34.94 1.83 3.01
CA GLY A 1 -34.11 1.84 1.81
C GLY A 1 -33.11 0.70 1.78
N SER A 2 -33.40 -0.30 0.98
CA SER A 2 -32.52 -1.47 0.86
C SER A 2 -31.09 -1.03 0.58
N SER A 3 -30.24 -1.12 1.60
CA SER A 3 -28.84 -0.74 1.47
C SER A 3 -28.17 -1.49 0.32
N GLY A 4 -27.68 -0.75 -0.67
CA GLY A 4 -27.03 -1.37 -1.81
C GLY A 4 -26.30 -0.36 -2.67
N SER A 5 -25.29 -0.82 -3.40
CA SER A 5 -24.50 0.05 -4.25
C SER A 5 -24.07 1.31 -3.52
N SER A 6 -23.42 1.13 -2.37
CA SER A 6 -22.96 2.24 -1.56
C SER A 6 -21.66 2.81 -2.11
N GLY A 7 -21.20 3.91 -1.52
CA GLY A 7 -19.97 4.55 -1.97
C GLY A 7 -18.80 3.58 -1.99
N PRO A 8 -17.64 4.07 -2.46
CA PRO A 8 -16.43 3.26 -2.54
C PRO A 8 -15.85 2.95 -1.16
N GLN A 9 -15.38 1.71 -0.99
CA GLN A 9 -14.81 1.28 0.28
C GLN A 9 -13.62 0.36 0.05
N ILE A 10 -12.67 0.39 0.98
CA ILE A 10 -11.47 -0.44 0.89
C ILE A 10 -11.55 -1.63 1.83
N ILE A 11 -12.02 -2.77 1.31
CA ILE A 11 -12.14 -3.98 2.11
C ILE A 11 -10.78 -4.66 2.29
N GLN A 12 -9.87 -4.41 1.35
CA GLN A 12 -8.54 -5.00 1.42
C GLN A 12 -7.46 -3.92 1.34
N PHE A 13 -6.56 -3.92 2.31
CA PHE A 13 -5.49 -2.94 2.36
C PHE A 13 -4.36 -3.41 3.27
N PRO A 14 -3.11 -3.18 2.84
CA PRO A 14 -1.92 -3.56 3.60
C PRO A 14 -1.75 -2.73 4.87
N GLU A 15 -1.49 -3.40 5.98
CA GLU A 15 -1.30 -2.72 7.27
C GLU A 15 0.17 -2.42 7.51
N ASP A 16 0.47 -1.84 8.66
CA ASP A 16 1.85 -1.50 9.02
C ASP A 16 2.79 -2.64 8.67
N GLN A 17 3.65 -2.42 7.69
CA GLN A 17 4.60 -3.43 7.26
C GLN A 17 6.00 -2.83 7.11
N LYS A 18 6.97 -3.68 6.79
CA LYS A 18 8.35 -3.24 6.61
C LYS A 18 8.88 -3.65 5.25
N VAL A 19 10.05 -3.12 4.89
CA VAL A 19 10.66 -3.43 3.60
C VAL A 19 12.15 -3.09 3.60
N ARG A 20 12.96 -4.00 3.05
CA ARG A 20 14.40 -3.80 3.00
C ARG A 20 14.76 -2.71 1.99
N ALA A 21 15.67 -1.83 2.37
CA ALA A 21 16.10 -0.74 1.50
C ALA A 21 16.59 -1.28 0.16
N GLY A 22 15.83 -1.00 -0.90
CA GLY A 22 16.21 -1.46 -2.22
C GLY A 22 15.22 -2.48 -2.77
N GLU A 23 14.39 -3.04 -1.90
CA GLU A 23 13.41 -4.03 -2.32
C GLU A 23 12.23 -3.37 -3.02
N SER A 24 11.22 -4.16 -3.36
CA SER A 24 10.04 -3.65 -4.05
C SER A 24 8.77 -3.98 -3.27
N VAL A 25 7.99 -2.96 -2.96
CA VAL A 25 6.75 -3.14 -2.21
C VAL A 25 5.54 -2.93 -3.11
N GLU A 26 4.45 -3.62 -2.81
CA GLU A 26 3.22 -3.51 -3.59
C GLU A 26 2.02 -3.32 -2.68
N LEU A 27 1.55 -2.08 -2.59
CA LEU A 27 0.39 -1.76 -1.76
C LEU A 27 -0.86 -1.58 -2.60
N PHE A 28 -1.75 -2.57 -2.56
CA PHE A 28 -2.99 -2.51 -3.33
C PHE A 28 -4.19 -2.43 -2.40
N GLY A 29 -5.11 -1.51 -2.71
CA GLY A 29 -6.29 -1.34 -1.89
C GLY A 29 -7.57 -1.70 -2.65
N LYS A 30 -7.95 -2.96 -2.59
CA LYS A 30 -9.16 -3.43 -3.26
C LYS A 30 -10.35 -2.54 -2.93
N VAL A 31 -11.17 -2.25 -3.93
CA VAL A 31 -12.34 -1.42 -3.74
C VAL A 31 -13.58 -2.05 -4.37
N THR A 32 -14.73 -1.88 -3.72
CA THR A 32 -15.99 -2.43 -4.21
C THR A 32 -16.91 -1.33 -4.71
N GLY A 33 -17.55 -0.63 -3.77
CA GLY A 33 -18.45 0.44 -4.14
C GLY A 33 -19.17 0.18 -5.44
N THR A 34 -19.12 1.15 -6.35
CA THR A 34 -19.77 1.02 -7.65
C THR A 34 -18.93 1.65 -8.75
N GLN A 35 -18.39 0.82 -9.64
CA GLN A 35 -17.56 1.29 -10.74
C GLN A 35 -18.41 2.02 -11.78
N PRO A 36 -17.77 2.94 -12.51
CA PRO A 36 -16.34 3.23 -12.35
C PRO A 36 -16.06 3.95 -11.04
N ILE A 37 -14.86 3.72 -10.49
CA ILE A 37 -14.46 4.35 -9.24
C ILE A 37 -13.06 4.95 -9.35
N THR A 38 -12.93 6.21 -8.95
CA THR A 38 -11.65 6.90 -9.00
C THR A 38 -10.74 6.45 -7.86
N CYS A 39 -9.45 6.33 -8.16
CA CYS A 39 -8.47 5.90 -7.18
C CYS A 39 -7.20 6.75 -7.26
N THR A 40 -6.78 7.29 -6.12
CA THR A 40 -5.58 8.12 -6.06
C THR A 40 -4.68 7.71 -4.91
N TRP A 41 -3.37 7.79 -5.13
CA TRP A 41 -2.40 7.43 -4.12
C TRP A 41 -1.62 8.65 -3.64
N MET A 42 -1.66 8.89 -2.34
CA MET A 42 -0.96 10.04 -1.75
C MET A 42 -0.15 9.61 -0.52
N LYS A 43 0.73 10.48 -0.07
CA LYS A 43 1.55 10.21 1.10
C LYS A 43 1.89 11.49 1.85
N PHE A 44 1.50 11.54 3.12
CA PHE A 44 1.75 12.71 3.95
C PHE A 44 1.09 13.95 3.37
N ARG A 45 -0.17 13.81 2.97
CA ARG A 45 -0.92 14.91 2.39
C ARG A 45 -0.26 15.41 1.11
N LYS A 46 0.31 14.49 0.34
CA LYS A 46 0.98 14.83 -0.91
C LYS A 46 0.81 13.71 -1.94
N GLN A 47 -0.02 13.97 -2.95
CA GLN A 47 -0.26 12.98 -3.99
C GLN A 47 1.05 12.47 -4.58
N ILE A 48 1.17 11.15 -4.67
CA ILE A 48 2.37 10.53 -5.21
C ILE A 48 2.47 10.73 -6.72
N GLN A 49 3.70 10.81 -7.21
CA GLN A 49 3.93 11.01 -8.64
C GLN A 49 4.41 9.72 -9.30
N GLU A 50 3.71 9.29 -10.35
CA GLU A 50 4.06 8.07 -11.06
C GLU A 50 5.47 8.15 -11.62
N SER A 51 6.26 7.11 -11.39
CA SER A 51 7.64 7.06 -11.86
C SER A 51 8.28 5.71 -11.55
N GLU A 52 9.43 5.46 -12.16
CA GLU A 52 10.14 4.20 -11.95
C GLU A 52 10.34 3.93 -10.46
N HIS A 53 10.29 4.98 -9.67
CA HIS A 53 10.47 4.84 -8.23
C HIS A 53 9.14 4.44 -7.59
N MET A 54 8.08 5.04 -8.09
CA MET A 54 6.74 4.76 -7.58
C MET A 54 5.74 4.64 -8.72
N LYS A 55 5.33 3.42 -9.02
CA LYS A 55 4.37 3.16 -10.10
C LYS A 55 2.96 2.98 -9.53
N VAL A 56 1.96 3.05 -10.42
CA VAL A 56 0.58 2.89 -10.01
C VAL A 56 -0.21 2.09 -11.04
N GLU A 57 -1.01 1.14 -10.57
CA GLU A 57 -1.82 0.31 -11.46
C GLU A 57 -3.29 0.38 -11.08
N ASN A 58 -3.96 1.45 -11.52
CA ASN A 58 -5.38 1.63 -11.22
C ASN A 58 -6.25 0.75 -12.12
N SER A 59 -7.32 0.22 -11.55
CA SER A 59 -8.23 -0.65 -12.30
C SER A 59 -9.46 -0.99 -11.48
N GLU A 60 -10.35 -1.80 -12.05
CA GLU A 60 -11.58 -2.19 -11.37
C GLU A 60 -11.27 -2.66 -9.94
N ASN A 61 -10.31 -3.56 -9.81
CA ASN A 61 -9.92 -4.10 -8.51
C ASN A 61 -9.63 -2.97 -7.53
N GLY A 62 -8.99 -1.92 -8.01
CA GLY A 62 -8.67 -0.78 -7.17
C GLY A 62 -7.45 -0.03 -7.66
N SER A 63 -6.49 0.20 -6.75
CA SER A 63 -5.28 0.93 -7.10
C SER A 63 -4.07 0.34 -6.38
N LYS A 64 -3.05 -0.02 -7.15
CA LYS A 64 -1.84 -0.60 -6.58
C LYS A 64 -0.67 0.40 -6.67
N LEU A 65 0.23 0.32 -5.70
CA LEU A 65 1.39 1.21 -5.67
C LEU A 65 2.68 0.41 -5.53
N THR A 66 3.36 0.20 -6.66
CA THR A 66 4.61 -0.55 -6.66
C THR A 66 5.81 0.39 -6.52
N ILE A 67 6.49 0.29 -5.38
CA ILE A 67 7.65 1.12 -5.11
C ILE A 67 8.94 0.38 -5.44
N LEU A 68 9.74 0.95 -6.34
CA LEU A 68 11.01 0.35 -6.73
C LEU A 68 12.16 0.89 -5.88
N ALA A 69 13.20 0.09 -5.75
CA ALA A 69 14.38 0.49 -4.96
C ALA A 69 13.96 1.19 -3.68
N ALA A 70 13.10 0.55 -2.90
CA ALA A 70 12.63 1.11 -1.65
C ALA A 70 13.74 1.89 -0.95
N ARG A 71 13.79 3.19 -1.19
CA ARG A 71 14.81 4.05 -0.58
C ARG A 71 14.44 4.39 0.85
N GLN A 72 15.44 4.74 1.66
CA GLN A 72 15.22 5.09 3.05
C GLN A 72 14.18 6.21 3.18
N GLU A 73 13.91 6.88 2.06
CA GLU A 73 12.94 7.97 2.04
C GLU A 73 11.52 7.42 1.88
N HIS A 74 11.37 6.39 1.07
CA HIS A 74 10.06 5.79 0.85
C HIS A 74 9.35 5.61 2.19
N CYS A 75 10.15 5.46 3.23
CA CYS A 75 9.61 5.27 4.58
C CYS A 75 8.67 6.41 4.94
N GLY A 76 7.40 6.06 5.19
CA GLY A 76 6.41 7.06 5.55
C GLY A 76 5.01 6.50 5.59
N CYS A 77 4.02 7.38 5.67
CA CYS A 77 2.62 6.96 5.73
C CYS A 77 1.90 7.32 4.43
N TYR A 78 1.25 6.33 3.83
CA TYR A 78 0.52 6.54 2.59
C TYR A 78 -0.98 6.62 2.83
N THR A 79 -1.73 7.06 1.83
CA THR A 79 -3.17 7.19 1.94
C THR A 79 -3.85 6.98 0.58
N LEU A 80 -4.66 5.93 0.50
CA LEU A 80 -5.37 5.60 -0.74
C LEU A 80 -6.76 6.23 -0.74
N LEU A 81 -6.94 7.23 -1.59
CA LEU A 81 -8.22 7.92 -1.71
C LEU A 81 -9.00 7.43 -2.92
N VAL A 82 -10.19 6.91 -2.67
CA VAL A 82 -11.05 6.41 -3.74
C VAL A 82 -12.38 7.15 -3.78
N GLU A 83 -12.58 7.95 -4.83
CA GLU A 83 -13.81 8.71 -4.98
C GLU A 83 -14.60 8.23 -6.20
N ASN A 84 -15.89 8.51 -6.21
CA ASN A 84 -16.76 8.12 -7.31
C ASN A 84 -18.07 8.89 -7.29
N LYS A 85 -18.96 8.55 -8.21
CA LYS A 85 -20.26 9.22 -8.29
C LYS A 85 -21.02 9.10 -6.98
N LEU A 86 -20.90 7.94 -6.33
CA LEU A 86 -21.57 7.69 -5.07
C LEU A 86 -20.93 8.50 -3.94
N GLY A 87 -19.77 8.05 -3.49
CA GLY A 87 -19.06 8.74 -2.42
C GLY A 87 -17.56 8.66 -2.57
N SER A 88 -16.86 8.59 -1.44
CA SER A 88 -15.41 8.51 -1.44
C SER A 88 -14.90 7.76 -0.21
N ARG A 89 -13.60 7.52 -0.17
CA ARG A 89 -12.99 6.81 0.96
C ARG A 89 -11.48 7.06 0.99
N GLN A 90 -10.89 6.90 2.17
CA GLN A 90 -9.46 7.11 2.35
C GLN A 90 -8.88 6.08 3.32
N ALA A 91 -7.75 5.48 2.95
CA ALA A 91 -7.10 4.50 3.79
C ALA A 91 -5.80 5.04 4.38
N GLN A 92 -5.09 4.21 5.14
CA GLN A 92 -3.84 4.61 5.75
C GLN A 92 -2.96 3.40 6.03
N VAL A 93 -1.69 3.48 5.63
CA VAL A 93 -0.75 2.38 5.85
C VAL A 93 0.63 2.93 6.20
N ASN A 94 1.27 2.31 7.19
CA ASN A 94 2.60 2.71 7.62
C ASN A 94 3.66 1.78 7.06
N LEU A 95 4.75 2.37 6.57
CA LEU A 95 5.84 1.59 5.99
C LEU A 95 7.17 1.96 6.66
N THR A 96 8.10 1.01 6.67
CA THR A 96 9.42 1.24 7.26
C THR A 96 10.52 0.61 6.42
N VAL A 97 11.51 1.42 6.05
CA VAL A 97 12.63 0.94 5.24
C VAL A 97 13.81 0.55 6.11
N VAL A 98 14.40 -0.61 5.83
CA VAL A 98 15.54 -1.10 6.59
C VAL A 98 16.65 -1.58 5.67
N ASP A 99 17.80 -0.91 5.74
CA ASP A 99 18.94 -1.26 4.90
C ASP A 99 19.80 -2.32 5.59
N LYS A 100 19.27 -2.91 6.65
CA LYS A 100 19.98 -3.94 7.41
C LYS A 100 19.01 -4.89 8.09
N PRO A 101 19.46 -6.13 8.32
CA PRO A 101 18.65 -7.16 8.98
C PRO A 101 18.39 -6.85 10.45
N ASP A 102 17.67 -7.74 11.13
CA ASP A 102 17.36 -7.57 12.54
C ASP A 102 18.60 -7.86 13.40
N PRO A 103 18.69 -7.19 14.56
CA PRO A 103 19.80 -7.36 15.48
C PRO A 103 19.79 -8.73 16.17
N PRO A 104 20.99 -9.29 16.39
CA PRO A 104 21.13 -10.60 17.04
C PRO A 104 20.77 -10.56 18.51
N ALA A 105 21.01 -11.66 19.21
CA ALA A 105 20.71 -11.75 20.64
C ALA A 105 19.23 -11.51 20.90
N GLY A 106 18.38 -12.13 20.09
CA GLY A 106 16.94 -11.96 20.25
C GLY A 106 16.16 -13.11 19.66
N THR A 107 16.44 -13.43 18.40
CA THR A 107 15.74 -14.53 17.72
C THR A 107 16.46 -15.85 17.94
N PRO A 108 15.76 -16.82 18.55
CA PRO A 108 16.31 -18.15 18.82
C PRO A 108 16.52 -18.96 17.55
N SER A 109 15.76 -18.62 16.51
CA SER A 109 15.87 -19.34 15.23
C SER A 109 17.00 -18.77 14.39
N GLY A 110 18.24 -19.13 14.76
CA GLY A 110 19.39 -18.65 14.02
C GLY A 110 20.42 -19.74 13.77
N PRO A 111 21.37 -19.46 12.87
CA PRO A 111 22.43 -20.42 12.51
C PRO A 111 23.42 -20.64 13.65
N SER A 112 24.44 -21.45 13.39
CA SER A 112 25.45 -21.74 14.40
C SER A 112 26.85 -21.46 13.86
N SER A 113 27.14 -21.98 12.67
CA SER A 113 28.44 -21.77 12.05
C SER A 113 28.44 -20.53 11.17
N GLY A 114 28.71 -19.38 11.78
CA GLY A 114 28.73 -18.13 11.04
C GLY A 114 30.14 -17.65 10.76
N GLY A 1 -32.40 5.21 4.45
CA GLY A 1 -32.49 3.82 4.86
C GLY A 1 -31.27 3.02 4.44
N SER A 2 -31.50 1.89 3.78
CA SER A 2 -30.41 1.03 3.33
C SER A 2 -30.55 0.72 1.84
N SER A 3 -29.47 0.98 1.10
CA SER A 3 -29.46 0.73 -0.34
C SER A 3 -28.25 -0.09 -0.74
N GLY A 4 -28.29 -0.65 -1.96
CA GLY A 4 -27.19 -1.45 -2.44
C GLY A 4 -26.03 -0.61 -2.95
N SER A 5 -26.34 0.38 -3.78
CA SER A 5 -25.33 1.25 -4.35
C SER A 5 -24.69 2.11 -3.26
N SER A 6 -23.68 1.55 -2.60
CA SER A 6 -22.97 2.27 -1.53
C SER A 6 -21.65 2.81 -2.03
N GLY A 7 -21.28 3.99 -1.51
CA GLY A 7 -20.02 4.61 -1.92
C GLY A 7 -18.87 3.63 -1.93
N PRO A 8 -17.70 4.08 -2.42
CA PRO A 8 -16.50 3.26 -2.48
C PRO A 8 -15.91 2.98 -1.10
N GLN A 9 -15.46 1.74 -0.90
CA GLN A 9 -14.88 1.35 0.38
C GLN A 9 -13.72 0.38 0.18
N ILE A 10 -12.70 0.48 1.01
CA ILE A 10 -11.53 -0.38 0.93
C ILE A 10 -11.62 -1.53 1.93
N ILE A 11 -12.08 -2.68 1.47
CA ILE A 11 -12.21 -3.85 2.33
C ILE A 11 -10.87 -4.56 2.49
N GLN A 12 -9.98 -4.37 1.52
CA GLN A 12 -8.67 -5.00 1.55
C GLN A 12 -7.56 -3.95 1.46
N PHE A 13 -6.66 -3.97 2.44
CA PHE A 13 -5.56 -3.02 2.47
C PHE A 13 -4.43 -3.52 3.37
N PRO A 14 -3.18 -3.32 2.92
CA PRO A 14 -1.99 -3.75 3.67
C PRO A 14 -1.78 -2.93 4.94
N GLU A 15 -1.56 -3.62 6.05
CA GLU A 15 -1.34 -2.96 7.32
C GLU A 15 0.13 -2.58 7.50
N ASP A 16 0.46 -2.04 8.67
CA ASP A 16 1.83 -1.63 8.96
C ASP A 16 2.82 -2.75 8.60
N GLN A 17 3.68 -2.47 7.64
CA GLN A 17 4.67 -3.45 7.19
C GLN A 17 6.05 -2.80 7.07
N LYS A 18 7.05 -3.62 6.75
CA LYS A 18 8.41 -3.13 6.59
C LYS A 18 8.98 -3.52 5.23
N VAL A 19 10.07 -2.88 4.84
CA VAL A 19 10.71 -3.17 3.56
C VAL A 19 12.21 -2.85 3.61
N ARG A 20 13.00 -3.66 2.92
CA ARG A 20 14.45 -3.46 2.88
C ARG A 20 14.83 -2.45 1.81
N ALA A 21 15.37 -1.31 2.24
CA ALA A 21 15.79 -0.27 1.31
C ALA A 21 16.38 -0.85 0.05
N GLY A 22 15.67 -0.68 -1.07
CA GLY A 22 16.15 -1.20 -2.34
C GLY A 22 15.33 -2.39 -2.82
N GLU A 23 14.28 -2.73 -2.06
CA GLU A 23 13.43 -3.85 -2.43
C GLU A 23 12.22 -3.37 -3.23
N SER A 24 11.34 -4.31 -3.58
CA SER A 24 10.14 -3.98 -4.35
C SER A 24 8.89 -4.35 -3.58
N VAL A 25 8.07 -3.35 -3.27
CA VAL A 25 6.83 -3.56 -2.53
C VAL A 25 5.62 -3.44 -3.45
N GLU A 26 4.53 -4.08 -3.07
CA GLU A 26 3.30 -4.05 -3.86
C GLU A 26 2.09 -3.79 -2.97
N LEU A 27 1.75 -2.52 -2.81
CA LEU A 27 0.61 -2.14 -1.98
C LEU A 27 -0.67 -2.04 -2.82
N PHE A 28 -1.61 -2.95 -2.56
CA PHE A 28 -2.87 -2.97 -3.28
C PHE A 28 -4.05 -2.79 -2.33
N GLY A 29 -5.01 -1.96 -2.73
CA GLY A 29 -6.17 -1.73 -1.90
C GLY A 29 -7.48 -1.97 -2.63
N LYS A 30 -8.02 -3.18 -2.49
CA LYS A 30 -9.27 -3.54 -3.15
C LYS A 30 -10.38 -2.56 -2.79
N VAL A 31 -11.13 -2.11 -3.78
CA VAL A 31 -12.22 -1.18 -3.57
C VAL A 31 -13.53 -1.72 -4.14
N THR A 32 -14.63 -1.46 -3.44
CA THR A 32 -15.94 -1.92 -3.87
C THR A 32 -16.97 -0.80 -3.79
N GLY A 33 -18.01 -0.89 -4.63
CA GLY A 33 -19.05 0.12 -4.62
C GLY A 33 -19.77 0.19 -5.96
N THR A 34 -19.46 1.21 -6.74
CA THR A 34 -20.10 1.39 -8.04
C THR A 34 -19.15 2.06 -9.03
N GLN A 35 -18.76 1.32 -10.06
CA GLN A 35 -17.84 1.85 -11.07
C GLN A 35 -18.56 2.84 -11.99
N PRO A 36 -17.79 3.75 -12.60
CA PRO A 36 -16.34 3.80 -12.42
C PRO A 36 -15.94 4.26 -11.02
N ILE A 37 -14.71 3.98 -10.63
CA ILE A 37 -14.20 4.37 -9.33
C ILE A 37 -12.80 4.96 -9.42
N THR A 38 -12.58 6.08 -8.74
CA THR A 38 -11.29 6.75 -8.74
C THR A 38 -10.36 6.16 -7.68
N CYS A 39 -9.06 6.31 -7.90
CA CYS A 39 -8.07 5.79 -6.95
C CYS A 39 -6.77 6.59 -7.04
N THR A 40 -6.49 7.36 -6.00
CA THR A 40 -5.28 8.18 -5.96
C THR A 40 -4.41 7.80 -4.78
N TRP A 41 -3.13 7.54 -5.05
CA TRP A 41 -2.18 7.16 -4.01
C TRP A 41 -1.40 8.37 -3.53
N MET A 42 -1.54 8.69 -2.24
CA MET A 42 -0.83 9.83 -1.66
C MET A 42 -0.16 9.43 -0.35
N LYS A 43 0.78 10.26 0.10
CA LYS A 43 1.51 9.99 1.34
C LYS A 43 1.84 11.29 2.06
N PHE A 44 1.65 11.29 3.37
CA PHE A 44 1.92 12.48 4.19
C PHE A 44 1.24 13.71 3.60
N ARG A 45 -0.01 13.55 3.18
CA ARG A 45 -0.77 14.65 2.60
C ARG A 45 -0.13 15.12 1.30
N LYS A 46 0.58 14.22 0.63
CA LYS A 46 1.24 14.55 -0.62
C LYS A 46 0.98 13.48 -1.68
N GLN A 47 0.21 13.84 -2.70
CA GLN A 47 -0.11 12.92 -3.78
C GLN A 47 1.14 12.34 -4.40
N ILE A 48 1.13 11.04 -4.66
CA ILE A 48 2.28 10.37 -5.27
C ILE A 48 2.28 10.55 -6.79
N GLN A 49 3.47 10.65 -7.36
CA GLN A 49 3.61 10.82 -8.80
C GLN A 49 4.30 9.61 -9.43
N GLU A 50 3.63 8.99 -10.39
CA GLU A 50 4.16 7.82 -11.06
C GLU A 50 5.61 8.06 -11.49
N SER A 51 6.42 7.01 -11.38
CA SER A 51 7.84 7.10 -11.74
C SER A 51 8.51 5.73 -11.66
N GLU A 52 9.80 5.68 -11.98
CA GLU A 52 10.55 4.44 -11.94
C GLU A 52 10.79 3.99 -10.51
N HIS A 53 10.33 4.79 -9.56
CA HIS A 53 10.49 4.46 -8.15
C HIS A 53 9.12 4.22 -7.52
N MET A 54 8.13 4.92 -8.05
CA MET A 54 6.76 4.81 -7.55
C MET A 54 5.79 4.57 -8.69
N LYS A 55 5.31 3.34 -8.82
CA LYS A 55 4.37 2.99 -9.89
C LYS A 55 2.93 3.08 -9.38
N VAL A 56 1.98 2.76 -10.26
CA VAL A 56 0.56 2.81 -9.90
C VAL A 56 -0.27 1.99 -10.89
N GLU A 57 -0.99 1.02 -10.36
CA GLU A 57 -1.84 0.17 -11.21
C GLU A 57 -3.32 0.38 -10.88
N ASN A 58 -3.95 1.29 -11.63
CA ASN A 58 -5.36 1.60 -11.43
C ASN A 58 -6.24 0.63 -12.20
N SER A 59 -7.16 -0.03 -11.50
CA SER A 59 -8.06 -0.99 -12.14
C SER A 59 -9.35 -1.13 -11.32
N GLU A 60 -10.36 -1.73 -11.93
CA GLU A 60 -11.64 -1.93 -11.28
C GLU A 60 -11.44 -2.44 -9.84
N ASN A 61 -10.86 -3.63 -9.73
CA ASN A 61 -10.61 -4.23 -8.42
C ASN A 61 -10.10 -3.19 -7.43
N GLY A 62 -9.22 -2.30 -7.91
CA GLY A 62 -8.66 -1.27 -7.06
C GLY A 62 -7.41 -0.65 -7.66
N SER A 63 -6.54 -0.15 -6.79
CA SER A 63 -5.30 0.49 -7.23
C SER A 63 -4.10 -0.06 -6.46
N LYS A 64 -3.02 -0.32 -7.17
CA LYS A 64 -1.80 -0.84 -6.55
C LYS A 64 -0.67 0.18 -6.65
N LEU A 65 0.30 0.05 -5.75
CA LEU A 65 1.45 0.96 -5.73
C LEU A 65 2.76 0.18 -5.61
N THR A 66 3.41 -0.04 -6.75
CA THR A 66 4.68 -0.77 -6.77
C THR A 66 5.86 0.18 -6.64
N ILE A 67 6.58 0.07 -5.53
CA ILE A 67 7.74 0.92 -5.28
C ILE A 67 9.03 0.20 -5.62
N LEU A 68 9.77 0.73 -6.58
CA LEU A 68 11.03 0.15 -7.00
C LEU A 68 12.21 0.71 -6.20
N ALA A 69 13.22 -0.11 -5.98
CA ALA A 69 14.40 0.31 -5.23
C ALA A 69 14.00 1.19 -4.04
N ALA A 70 13.07 0.70 -3.23
CA ALA A 70 12.62 1.45 -2.07
C ALA A 70 13.75 2.27 -1.45
N ARG A 71 13.45 3.51 -1.11
CA ARG A 71 14.45 4.40 -0.51
C ARG A 71 14.08 4.74 0.93
N GLN A 72 15.06 5.23 1.69
CA GLN A 72 14.84 5.59 3.08
C GLN A 72 13.80 6.69 3.19
N GLU A 73 13.59 7.43 2.10
CA GLU A 73 12.62 8.51 2.08
C GLU A 73 11.21 7.98 1.85
N HIS A 74 11.13 6.80 1.25
CA HIS A 74 9.83 6.19 0.98
C HIS A 74 9.15 5.82 2.30
N CYS A 75 9.94 5.86 3.37
CA CYS A 75 9.44 5.54 4.69
C CYS A 75 8.47 6.62 5.19
N GLY A 76 7.23 6.22 5.45
CA GLY A 76 6.23 7.16 5.92
C GLY A 76 4.83 6.57 5.94
N CYS A 77 3.83 7.43 5.86
CA CYS A 77 2.44 6.99 5.87
C CYS A 77 1.75 7.32 4.56
N TYR A 78 1.19 6.30 3.91
CA TYR A 78 0.50 6.49 2.64
C TYR A 78 -1.00 6.62 2.85
N THR A 79 -1.73 6.84 1.76
CA THR A 79 -3.18 6.99 1.82
C THR A 79 -3.81 6.78 0.45
N LEU A 80 -4.77 5.87 0.38
CA LEU A 80 -5.46 5.58 -0.88
C LEU A 80 -6.82 6.27 -0.93
N LEU A 81 -6.93 7.32 -1.73
CA LEU A 81 -8.18 8.06 -1.86
C LEU A 81 -8.99 7.56 -3.05
N VAL A 82 -10.16 7.01 -2.77
CA VAL A 82 -11.04 6.50 -3.82
C VAL A 82 -12.33 7.29 -3.90
N GLU A 83 -12.44 8.13 -4.92
CA GLU A 83 -13.64 8.95 -5.11
C GLU A 83 -14.42 8.50 -6.34
N ASN A 84 -15.75 8.55 -6.24
CA ASN A 84 -16.60 8.13 -7.35
C ASN A 84 -17.91 8.93 -7.33
N LYS A 85 -18.82 8.56 -8.23
CA LYS A 85 -20.12 9.23 -8.31
C LYS A 85 -20.89 9.09 -7.00
N LEU A 86 -20.69 7.97 -6.31
CA LEU A 86 -21.37 7.72 -5.05
C LEU A 86 -20.77 8.58 -3.94
N GLY A 87 -19.58 8.21 -3.47
CA GLY A 87 -18.93 8.96 -2.42
C GLY A 87 -17.42 8.93 -2.53
N SER A 88 -16.74 8.80 -1.40
CA SER A 88 -15.28 8.76 -1.38
C SER A 88 -14.77 8.07 -0.13
N ARG A 89 -13.56 7.50 -0.23
CA ARG A 89 -12.96 6.80 0.90
C ARG A 89 -11.45 7.03 0.94
N GLN A 90 -10.86 6.84 2.11
CA GLN A 90 -9.42 7.02 2.28
C GLN A 90 -8.87 6.04 3.30
N ALA A 91 -7.71 5.46 3.00
CA ALA A 91 -7.07 4.51 3.90
C ALA A 91 -5.73 5.05 4.41
N GLN A 92 -5.02 4.23 5.18
CA GLN A 92 -3.74 4.62 5.74
C GLN A 92 -2.90 3.41 6.08
N VAL A 93 -1.68 3.36 5.55
CA VAL A 93 -0.77 2.25 5.79
C VAL A 93 0.63 2.74 6.15
N ASN A 94 1.13 2.32 7.30
CA ASN A 94 2.46 2.72 7.75
C ASN A 94 3.53 1.82 7.13
N LEU A 95 4.61 2.45 6.67
CA LEU A 95 5.71 1.71 6.04
C LEU A 95 7.04 2.09 6.69
N THR A 96 7.99 1.16 6.63
CA THR A 96 9.32 1.39 7.22
C THR A 96 10.41 0.82 6.33
N VAL A 97 11.39 1.65 5.99
CA VAL A 97 12.51 1.22 5.15
C VAL A 97 13.73 0.88 5.99
N VAL A 98 14.32 -0.27 5.74
CA VAL A 98 15.50 -0.71 6.46
C VAL A 98 16.63 -1.09 5.51
N ASP A 99 17.82 -0.55 5.75
CA ASP A 99 18.97 -0.83 4.92
C ASP A 99 19.91 -1.83 5.59
N LYS A 100 19.37 -2.54 6.58
CA LYS A 100 20.16 -3.54 7.31
C LYS A 100 19.49 -4.91 7.26
N PRO A 101 20.31 -5.97 7.29
CA PRO A 101 19.82 -7.35 7.25
C PRO A 101 19.08 -7.75 8.52
N ASP A 102 18.70 -9.01 8.60
CA ASP A 102 17.98 -9.52 9.78
C ASP A 102 18.86 -9.47 11.02
N PRO A 103 18.24 -9.32 12.19
CA PRO A 103 18.94 -9.26 13.47
C PRO A 103 19.55 -10.60 13.86
N PRO A 104 20.48 -10.56 14.83
CA PRO A 104 21.15 -11.77 15.33
C PRO A 104 20.21 -12.68 16.11
N ALA A 105 20.67 -13.90 16.39
CA ALA A 105 19.87 -14.87 17.13
C ALA A 105 20.38 -15.01 18.56
N GLY A 106 19.58 -14.55 19.51
CA GLY A 106 19.97 -14.64 20.91
C GLY A 106 19.91 -16.07 21.44
N THR A 107 18.71 -16.53 21.74
CA THR A 107 18.52 -17.89 22.26
C THR A 107 18.68 -18.93 21.15
N PRO A 108 19.27 -20.07 21.51
CA PRO A 108 19.50 -21.17 20.56
C PRO A 108 18.20 -21.85 20.14
N SER A 109 17.90 -21.81 18.84
CA SER A 109 16.69 -22.42 18.32
C SER A 109 16.88 -22.85 16.86
N GLY A 110 16.30 -23.99 16.51
CA GLY A 110 16.42 -24.50 15.16
C GLY A 110 17.55 -25.50 15.02
N PRO A 111 17.84 -25.88 13.77
CA PRO A 111 18.90 -26.85 13.47
C PRO A 111 20.30 -26.28 13.74
N SER A 112 21.11 -27.05 14.47
CA SER A 112 22.46 -26.62 14.80
C SER A 112 23.36 -26.61 13.55
N SER A 113 24.53 -26.02 13.70
CA SER A 113 25.47 -25.94 12.59
C SER A 113 26.76 -26.70 12.90
N GLY A 114 27.53 -27.02 11.86
CA GLY A 114 28.78 -27.74 12.05
C GLY A 114 29.83 -26.91 12.75
N GLY A 1 -30.60 -4.93 -2.51
CA GLY A 1 -31.55 -5.43 -1.54
C GLY A 1 -32.19 -4.32 -0.73
N SER A 2 -31.36 -3.55 -0.02
CA SER A 2 -31.84 -2.45 0.80
C SER A 2 -31.43 -1.11 0.21
N SER A 3 -30.13 -0.93 0.04
CA SER A 3 -29.59 0.32 -0.51
C SER A 3 -28.73 0.04 -1.73
N GLY A 4 -27.64 -0.70 -1.53
CA GLY A 4 -26.75 -1.03 -2.62
C GLY A 4 -25.77 0.09 -2.92
N SER A 5 -26.06 0.88 -3.95
CA SER A 5 -25.21 1.99 -4.34
C SER A 5 -25.05 2.99 -3.20
N SER A 6 -23.97 2.86 -2.45
CA SER A 6 -23.71 3.74 -1.31
C SER A 6 -22.45 4.58 -1.55
N GLY A 7 -21.33 3.89 -1.70
CA GLY A 7 -20.06 4.57 -1.94
C GLY A 7 -18.87 3.63 -1.94
N PRO A 8 -17.72 4.11 -2.43
CA PRO A 8 -16.51 3.32 -2.50
C PRO A 8 -15.90 3.04 -1.12
N GLN A 9 -15.44 1.81 -0.93
CA GLN A 9 -14.86 1.41 0.36
C GLN A 9 -13.70 0.44 0.14
N ILE A 10 -12.74 0.47 1.05
CA ILE A 10 -11.57 -0.41 0.96
C ILE A 10 -11.65 -1.53 2.00
N ILE A 11 -12.09 -2.70 1.55
CA ILE A 11 -12.22 -3.86 2.43
C ILE A 11 -10.87 -4.58 2.59
N GLN A 12 -10.02 -4.43 1.58
CA GLN A 12 -8.70 -5.07 1.61
C GLN A 12 -7.59 -4.03 1.48
N PHE A 13 -6.72 -3.98 2.48
CA PHE A 13 -5.61 -3.03 2.48
C PHE A 13 -4.48 -3.51 3.39
N PRO A 14 -3.24 -3.32 2.92
CA PRO A 14 -2.04 -3.73 3.67
C PRO A 14 -1.82 -2.88 4.92
N GLU A 15 -1.57 -3.54 6.05
CA GLU A 15 -1.34 -2.83 7.31
C GLU A 15 0.15 -2.49 7.48
N ASP A 16 0.46 -1.79 8.56
CA ASP A 16 1.83 -1.41 8.84
C ASP A 16 2.80 -2.55 8.53
N GLN A 17 3.72 -2.31 7.61
CA GLN A 17 4.69 -3.32 7.22
C GLN A 17 6.07 -2.70 7.03
N LYS A 18 7.08 -3.55 6.81
CA LYS A 18 8.44 -3.09 6.61
C LYS A 18 8.98 -3.54 5.25
N VAL A 19 10.10 -2.96 4.83
CA VAL A 19 10.71 -3.31 3.56
C VAL A 19 12.20 -2.95 3.55
N ARG A 20 13.00 -3.81 2.95
CA ARG A 20 14.44 -3.58 2.86
C ARG A 20 14.77 -2.52 1.81
N ALA A 21 15.66 -1.60 2.16
CA ALA A 21 16.05 -0.54 1.25
C ALA A 21 16.52 -1.10 -0.08
N GLY A 22 15.75 -0.88 -1.13
CA GLY A 22 16.11 -1.38 -2.45
C GLY A 22 15.14 -2.42 -2.95
N GLU A 23 14.35 -2.99 -2.05
CA GLU A 23 13.38 -4.02 -2.41
C GLU A 23 12.18 -3.41 -3.12
N SER A 24 11.18 -4.23 -3.41
CA SER A 24 9.98 -3.77 -4.09
C SER A 24 8.73 -4.21 -3.34
N VAL A 25 7.81 -3.26 -3.14
CA VAL A 25 6.56 -3.54 -2.43
C VAL A 25 5.36 -3.34 -3.34
N GLU A 26 4.28 -4.07 -3.06
CA GLU A 26 3.07 -3.98 -3.85
C GLU A 26 1.86 -3.71 -2.95
N LEU A 27 1.58 -2.43 -2.72
CA LEU A 27 0.45 -2.04 -1.88
C LEU A 27 -0.83 -1.91 -2.71
N PHE A 28 -1.67 -2.93 -2.64
CA PHE A 28 -2.92 -2.93 -3.38
C PHE A 28 -4.12 -2.81 -2.44
N GLY A 29 -5.03 -1.90 -2.75
CA GLY A 29 -6.20 -1.70 -1.92
C GLY A 29 -7.50 -1.99 -2.66
N LYS A 30 -8.05 -3.18 -2.45
CA LYS A 30 -9.29 -3.56 -3.10
C LYS A 30 -10.43 -2.61 -2.73
N VAL A 31 -11.09 -2.06 -3.75
CA VAL A 31 -12.19 -1.13 -3.52
C VAL A 31 -13.49 -1.68 -4.10
N THR A 32 -14.59 -1.47 -3.38
CA THR A 32 -15.89 -1.95 -3.82
C THR A 32 -16.92 -0.81 -3.83
N GLY A 33 -17.91 -0.93 -4.71
CA GLY A 33 -18.94 0.09 -4.80
C GLY A 33 -19.60 0.12 -6.16
N THR A 34 -19.44 1.25 -6.87
CA THR A 34 -20.03 1.40 -8.19
C THR A 34 -19.03 2.00 -9.17
N GLN A 35 -18.49 1.16 -10.05
CA GLN A 35 -17.52 1.61 -11.03
C GLN A 35 -18.18 2.51 -12.08
N PRO A 36 -17.38 3.39 -12.69
CA PRO A 36 -15.94 3.51 -12.40
C PRO A 36 -15.69 4.09 -11.01
N ILE A 37 -14.48 3.86 -10.50
CA ILE A 37 -14.11 4.37 -9.18
C ILE A 37 -12.69 4.95 -9.20
N THR A 38 -12.57 6.21 -8.81
CA THR A 38 -11.27 6.87 -8.77
C THR A 38 -10.36 6.23 -7.73
N CYS A 39 -9.06 6.25 -8.01
CA CYS A 39 -8.08 5.66 -7.10
C CYS A 39 -6.76 6.44 -7.14
N THR A 40 -6.47 7.17 -6.07
CA THR A 40 -5.25 7.95 -5.99
C THR A 40 -4.43 7.57 -4.77
N TRP A 41 -3.10 7.51 -4.94
CA TRP A 41 -2.20 7.16 -3.86
C TRP A 41 -1.42 8.37 -3.37
N MET A 42 -1.55 8.69 -2.10
CA MET A 42 -0.85 9.83 -1.51
C MET A 42 -0.09 9.42 -0.26
N LYS A 43 0.82 10.28 0.19
CA LYS A 43 1.61 10.01 1.38
C LYS A 43 1.86 11.29 2.17
N PHE A 44 1.34 11.34 3.38
CA PHE A 44 1.51 12.51 4.24
C PHE A 44 0.85 13.74 3.63
N ARG A 45 -0.33 13.53 3.04
CA ARG A 45 -1.06 14.63 2.41
C ARG A 45 -0.34 15.13 1.17
N LYS A 46 0.17 14.20 0.36
CA LYS A 46 0.88 14.55 -0.86
C LYS A 46 0.60 13.53 -1.96
N GLN A 47 0.16 14.02 -3.11
CA GLN A 47 -0.15 13.15 -4.25
C GLN A 47 1.13 12.55 -4.82
N ILE A 48 1.26 11.23 -4.70
CA ILE A 48 2.42 10.53 -5.21
C ILE A 48 2.59 10.75 -6.71
N GLN A 49 3.84 10.89 -7.14
CA GLN A 49 4.14 11.11 -8.56
C GLN A 49 4.60 9.82 -9.22
N GLU A 50 3.90 9.44 -10.30
CA GLU A 50 4.24 8.22 -11.03
C GLU A 50 5.65 8.31 -11.59
N SER A 51 6.46 7.29 -11.29
CA SER A 51 7.84 7.23 -11.77
C SER A 51 8.41 5.84 -11.64
N GLU A 52 9.64 5.66 -12.12
CA GLU A 52 10.30 4.36 -12.04
C GLU A 52 10.54 3.94 -10.60
N HIS A 53 10.23 4.84 -9.68
CA HIS A 53 10.42 4.57 -8.26
C HIS A 53 9.06 4.21 -7.64
N MET A 54 8.03 4.90 -8.11
CA MET A 54 6.68 4.67 -7.60
C MET A 54 5.67 4.61 -8.76
N LYS A 55 5.22 3.39 -9.07
CA LYS A 55 4.27 3.19 -10.15
C LYS A 55 2.86 2.96 -9.59
N VAL A 56 1.86 3.06 -10.47
CA VAL A 56 0.47 2.86 -10.07
C VAL A 56 -0.30 2.09 -11.14
N GLU A 57 -0.97 1.01 -10.72
CA GLU A 57 -1.75 0.20 -11.65
C GLU A 57 -3.24 0.34 -11.37
N ASN A 58 -3.83 1.42 -11.90
CA ASN A 58 -5.26 1.67 -11.71
C ASN A 58 -6.10 0.60 -12.41
N SER A 59 -6.89 -0.12 -11.62
CA SER A 59 -7.74 -1.18 -12.16
C SER A 59 -9.13 -1.13 -11.53
N GLU A 60 -10.01 -2.01 -11.99
CA GLU A 60 -11.38 -2.07 -11.48
C GLU A 60 -11.38 -2.49 -10.01
N ASN A 61 -10.87 -3.69 -9.75
CA ASN A 61 -10.82 -4.21 -8.39
C ASN A 61 -10.31 -3.16 -7.42
N GLY A 62 -9.34 -2.37 -7.87
CA GLY A 62 -8.78 -1.32 -7.03
C GLY A 62 -7.56 -0.66 -7.65
N SER A 63 -6.55 -0.40 -6.84
CA SER A 63 -5.33 0.22 -7.31
C SER A 63 -4.10 -0.35 -6.61
N LYS A 64 -3.00 -0.44 -7.34
CA LYS A 64 -1.75 -0.97 -6.79
C LYS A 64 -0.64 0.06 -6.87
N LEU A 65 0.16 0.14 -5.82
CA LEU A 65 1.27 1.09 -5.76
C LEU A 65 2.61 0.35 -5.61
N THR A 66 3.27 0.12 -6.74
CA THR A 66 4.56 -0.57 -6.74
C THR A 66 5.70 0.40 -6.45
N ILE A 67 6.47 0.11 -5.40
CA ILE A 67 7.58 0.96 -5.03
C ILE A 67 8.92 0.30 -5.38
N LEU A 68 9.53 0.76 -6.47
CA LEU A 68 10.80 0.22 -6.92
C LEU A 68 11.96 0.85 -6.16
N ALA A 69 12.99 0.05 -5.88
CA ALA A 69 14.17 0.54 -5.16
C ALA A 69 13.76 1.27 -3.90
N ALA A 70 12.94 0.63 -3.07
CA ALA A 70 12.48 1.23 -1.83
C ALA A 70 13.59 2.03 -1.16
N ARG A 71 13.47 3.36 -1.22
CA ARG A 71 14.45 4.24 -0.63
C ARG A 71 14.15 4.50 0.85
N GLN A 72 15.02 5.24 1.51
CA GLN A 72 14.85 5.57 2.92
C GLN A 72 13.71 6.57 3.12
N GLU A 73 13.55 7.45 2.14
CA GLU A 73 12.50 8.47 2.21
C GLU A 73 11.11 7.84 2.14
N HIS A 74 10.96 6.88 1.23
CA HIS A 74 9.68 6.20 1.07
C HIS A 74 9.07 5.93 2.45
N CYS A 75 9.94 5.72 3.43
CA CYS A 75 9.52 5.45 4.79
C CYS A 75 8.52 6.49 5.27
N GLY A 76 7.27 6.07 5.45
CA GLY A 76 6.24 6.98 5.91
C GLY A 76 4.86 6.35 5.86
N CYS A 77 3.83 7.18 6.04
CA CYS A 77 2.46 6.71 6.01
C CYS A 77 1.77 7.09 4.71
N TYR A 78 1.27 6.10 3.98
CA TYR A 78 0.59 6.34 2.72
C TYR A 78 -0.91 6.49 2.92
N THR A 79 -1.63 6.80 1.84
CA THR A 79 -3.07 6.96 1.90
C THR A 79 -3.71 6.75 0.54
N LEU A 80 -4.63 5.79 0.46
CA LEU A 80 -5.32 5.48 -0.78
C LEU A 80 -6.69 6.14 -0.83
N LEU A 81 -6.81 7.20 -1.62
CA LEU A 81 -8.07 7.92 -1.75
C LEU A 81 -8.87 7.41 -2.95
N VAL A 82 -10.08 6.91 -2.68
CA VAL A 82 -10.94 6.39 -3.73
C VAL A 82 -12.25 7.17 -3.80
N GLU A 83 -12.39 8.00 -4.83
CA GLU A 83 -13.59 8.80 -5.00
C GLU A 83 -14.46 8.24 -6.13
N ASN A 84 -15.78 8.39 -5.99
CA ASN A 84 -16.70 7.90 -7.01
C ASN A 84 -18.00 8.70 -6.98
N LYS A 85 -18.70 8.71 -8.11
CA LYS A 85 -19.97 9.44 -8.22
C LYS A 85 -20.75 9.38 -6.91
N LEU A 86 -20.70 8.22 -6.27
CA LEU A 86 -21.42 8.04 -5.00
C LEU A 86 -20.77 8.85 -3.89
N GLY A 87 -19.61 8.38 -3.42
CA GLY A 87 -18.91 9.09 -2.36
C GLY A 87 -17.40 9.00 -2.51
N SER A 88 -16.72 8.72 -1.41
CA SER A 88 -15.25 8.61 -1.42
C SER A 88 -14.75 7.96 -0.15
N ARG A 89 -13.53 7.43 -0.19
CA ARG A 89 -12.93 6.78 0.96
C ARG A 89 -11.42 7.03 1.00
N GLN A 90 -10.83 6.85 2.18
CA GLN A 90 -9.40 7.07 2.35
C GLN A 90 -8.82 6.07 3.35
N ALA A 91 -7.61 5.60 3.06
CA ALA A 91 -6.94 4.64 3.94
C ALA A 91 -5.63 5.20 4.48
N GLN A 92 -4.93 4.40 5.27
CA GLN A 92 -3.65 4.82 5.84
C GLN A 92 -2.82 3.61 6.26
N VAL A 93 -1.61 3.51 5.71
CA VAL A 93 -0.72 2.40 6.02
C VAL A 93 0.69 2.89 6.28
N ASN A 94 1.23 2.58 7.46
CA ASN A 94 2.58 3.00 7.82
C ASN A 94 3.61 2.06 7.21
N LEU A 95 4.71 2.64 6.74
CA LEU A 95 5.79 1.87 6.14
C LEU A 95 7.15 2.24 6.74
N THR A 96 8.11 1.33 6.63
CA THR A 96 9.44 1.57 7.15
C THR A 96 10.51 0.91 6.28
N VAL A 97 11.56 1.66 5.98
CA VAL A 97 12.65 1.16 5.16
C VAL A 97 13.86 0.77 6.00
N VAL A 98 14.44 -0.39 5.70
CA VAL A 98 15.60 -0.86 6.44
C VAL A 98 16.70 -1.33 5.49
N ASP A 99 17.82 -0.61 5.49
CA ASP A 99 18.94 -0.95 4.62
C ASP A 99 19.88 -1.94 5.31
N LYS A 100 19.40 -2.53 6.40
CA LYS A 100 20.19 -3.50 7.15
C LYS A 100 19.30 -4.55 7.80
N PRO A 101 19.84 -5.77 7.99
CA PRO A 101 19.11 -6.87 8.61
C PRO A 101 18.85 -6.65 10.09
N ASP A 102 17.70 -7.09 10.57
CA ASP A 102 17.33 -6.94 11.97
C ASP A 102 17.15 -8.30 12.63
N PRO A 103 17.63 -8.41 13.88
CA PRO A 103 17.54 -9.66 14.66
C PRO A 103 16.11 -9.98 15.07
N PRO A 104 15.87 -11.22 15.51
CA PRO A 104 14.55 -11.68 15.94
C PRO A 104 14.11 -11.03 17.25
N ALA A 105 12.87 -10.54 17.28
CA ALA A 105 12.33 -9.89 18.47
C ALA A 105 11.42 -10.84 19.24
N GLY A 106 11.64 -10.91 20.54
CA GLY A 106 10.83 -11.79 21.37
C GLY A 106 9.35 -11.72 21.03
N THR A 107 8.74 -12.87 20.82
CA THR A 107 7.32 -12.94 20.48
C THR A 107 6.62 -14.07 21.23
N PRO A 108 5.53 -13.74 21.92
CA PRO A 108 4.75 -14.71 22.69
C PRO A 108 4.00 -15.69 21.80
N SER A 109 4.14 -15.51 20.49
CA SER A 109 3.47 -16.38 19.52
C SER A 109 4.23 -17.71 19.36
N GLY A 110 3.63 -18.63 18.63
CA GLY A 110 4.26 -19.93 18.41
C GLY A 110 3.94 -20.51 17.06
N PRO A 111 4.98 -20.77 16.26
CA PRO A 111 4.83 -21.33 14.91
C PRO A 111 4.38 -22.78 14.93
N SER A 112 4.01 -23.31 13.78
CA SER A 112 3.54 -24.69 13.67
C SER A 112 3.88 -25.26 12.30
N SER A 113 3.78 -26.59 12.19
CA SER A 113 4.08 -27.27 10.93
C SER A 113 3.57 -26.46 9.74
N GLY A 114 4.31 -26.53 8.63
CA GLY A 114 3.93 -25.80 7.44
C GLY A 114 2.54 -26.19 6.95
N GLY A 1 -38.13 -3.79 -6.39
CA GLY A 1 -37.00 -2.98 -6.78
C GLY A 1 -36.28 -2.37 -5.60
N SER A 2 -35.14 -2.95 -5.23
CA SER A 2 -34.35 -2.47 -4.10
C SER A 2 -32.87 -2.68 -4.35
N SER A 3 -32.13 -1.57 -4.50
CA SER A 3 -30.70 -1.63 -4.74
C SER A 3 -29.92 -1.12 -3.53
N GLY A 4 -28.61 -1.25 -3.59
CA GLY A 4 -27.76 -0.80 -2.49
C GLY A 4 -26.43 -0.26 -2.97
N SER A 5 -26.47 0.68 -3.91
CA SER A 5 -25.26 1.28 -4.45
C SER A 5 -24.51 2.05 -3.39
N SER A 6 -23.70 1.34 -2.61
CA SER A 6 -22.92 1.95 -1.53
C SER A 6 -21.64 2.58 -2.08
N GLY A 7 -21.31 3.77 -1.60
CA GLY A 7 -20.11 4.45 -2.05
C GLY A 7 -18.88 3.55 -2.01
N PRO A 8 -17.75 4.08 -2.50
CA PRO A 8 -16.49 3.34 -2.53
C PRO A 8 -15.91 3.11 -1.13
N GLN A 9 -15.47 1.89 -0.87
CA GLN A 9 -14.89 1.55 0.43
C GLN A 9 -13.74 0.56 0.26
N ILE A 10 -12.75 0.65 1.15
CA ILE A 10 -11.60 -0.23 1.11
C ILE A 10 -11.71 -1.34 2.15
N ILE A 11 -12.17 -2.50 1.72
CA ILE A 11 -12.32 -3.65 2.62
C ILE A 11 -11.00 -4.38 2.80
N GLN A 12 -10.12 -4.26 1.82
CA GLN A 12 -8.82 -4.92 1.88
C GLN A 12 -7.69 -3.90 1.77
N PHE A 13 -6.71 -4.01 2.66
CA PHE A 13 -5.58 -3.09 2.67
C PHE A 13 -4.42 -3.67 3.48
N PRO A 14 -3.20 -3.46 2.98
CA PRO A 14 -1.98 -3.96 3.65
C PRO A 14 -1.68 -3.21 4.95
N GLU A 15 -1.47 -3.97 6.02
CA GLU A 15 -1.18 -3.38 7.32
C GLU A 15 0.29 -3.00 7.43
N ASP A 16 0.63 -2.26 8.48
CA ASP A 16 2.01 -1.83 8.69
C ASP A 16 2.99 -2.94 8.35
N GLN A 17 3.73 -2.75 7.26
CA GLN A 17 4.71 -3.74 6.82
C GLN A 17 6.09 -3.11 6.67
N LYS A 18 7.11 -3.96 6.56
CA LYS A 18 8.47 -3.49 6.42
C LYS A 18 9.01 -3.81 5.02
N VAL A 19 10.15 -3.21 4.68
CA VAL A 19 10.77 -3.43 3.38
C VAL A 19 12.25 -3.09 3.42
N ARG A 20 13.06 -3.95 2.80
CA ARG A 20 14.51 -3.75 2.76
C ARG A 20 14.88 -2.70 1.73
N ALA A 21 15.41 -1.57 2.20
CA ALA A 21 15.81 -0.48 1.32
C ALA A 21 16.40 -1.03 0.02
N GLY A 22 15.71 -0.78 -1.09
CA GLY A 22 16.19 -1.25 -2.37
C GLY A 22 15.41 -2.45 -2.88
N GLU A 23 14.33 -2.79 -2.17
CA GLU A 23 13.50 -3.93 -2.55
C GLU A 23 12.26 -3.47 -3.31
N SER A 24 11.48 -4.43 -3.79
CA SER A 24 10.27 -4.12 -4.55
C SER A 24 9.03 -4.42 -3.71
N VAL A 25 8.21 -3.39 -3.47
CA VAL A 25 6.99 -3.56 -2.69
C VAL A 25 5.76 -3.21 -3.52
N GLU A 26 4.58 -3.52 -2.98
CA GLU A 26 3.33 -3.23 -3.67
C GLU A 26 2.17 -3.17 -2.69
N LEU A 27 1.39 -2.10 -2.78
CA LEU A 27 0.24 -1.91 -1.89
C LEU A 27 -1.06 -1.81 -2.70
N PHE A 28 -1.89 -2.84 -2.59
CA PHE A 28 -3.16 -2.86 -3.30
C PHE A 28 -4.33 -2.75 -2.33
N GLY A 29 -5.24 -1.81 -2.61
CA GLY A 29 -6.39 -1.62 -1.75
C GLY A 29 -7.70 -1.92 -2.45
N LYS A 30 -8.21 -3.13 -2.29
CA LYS A 30 -9.46 -3.53 -2.92
C LYS A 30 -10.58 -2.56 -2.57
N VAL A 31 -11.26 -2.05 -3.59
CA VAL A 31 -12.36 -1.11 -3.39
C VAL A 31 -13.67 -1.67 -3.96
N THR A 32 -14.76 -1.42 -3.25
CA THR A 32 -16.07 -1.90 -3.68
C THR A 32 -17.09 -0.76 -3.68
N GLY A 33 -18.12 -0.91 -4.51
CA GLY A 33 -19.16 0.11 -4.60
C GLY A 33 -19.85 0.12 -5.94
N THR A 34 -19.55 1.12 -6.76
CA THR A 34 -20.16 1.25 -8.07
C THR A 34 -19.18 1.87 -9.08
N GLN A 35 -18.66 1.05 -9.98
CA GLN A 35 -17.72 1.53 -10.99
C GLN A 35 -18.41 2.48 -11.96
N PRO A 36 -17.61 3.36 -12.59
CA PRO A 36 -16.17 3.43 -12.36
C PRO A 36 -15.83 3.95 -10.97
N ILE A 37 -14.60 3.69 -10.52
CA ILE A 37 -14.15 4.14 -9.21
C ILE A 37 -12.74 4.71 -9.28
N THR A 38 -12.61 5.97 -8.89
CA THR A 38 -11.32 6.65 -8.91
C THR A 38 -10.40 6.11 -7.81
N CYS A 39 -9.10 6.20 -8.05
CA CYS A 39 -8.11 5.72 -7.08
C CYS A 39 -6.81 6.50 -7.21
N THR A 40 -6.55 7.38 -6.25
CA THR A 40 -5.33 8.18 -6.25
C THR A 40 -4.50 7.93 -4.99
N TRP A 41 -3.20 7.77 -5.18
CA TRP A 41 -2.30 7.53 -4.06
C TRP A 41 -1.55 8.80 -3.68
N MET A 42 -1.63 9.17 -2.40
CA MET A 42 -0.95 10.36 -1.91
C MET A 42 -0.12 10.05 -0.66
N LYS A 43 1.06 10.66 -0.57
CA LYS A 43 1.93 10.44 0.56
C LYS A 43 2.03 11.69 1.43
N PHE A 44 1.86 11.51 2.74
CA PHE A 44 1.93 12.63 3.68
C PHE A 44 1.07 13.80 3.18
N ARG A 45 -0.15 13.50 2.76
CA ARG A 45 -1.06 14.52 2.27
C ARG A 45 -0.50 15.18 1.01
N LYS A 46 0.30 14.44 0.26
CA LYS A 46 0.90 14.94 -0.97
C LYS A 46 0.74 13.95 -2.11
N GLN A 47 -0.08 14.31 -3.09
CA GLN A 47 -0.32 13.45 -4.24
C GLN A 47 0.98 12.87 -4.78
N ILE A 48 1.06 11.54 -4.81
CA ILE A 48 2.26 10.86 -5.30
C ILE A 48 2.43 11.06 -6.80
N GLN A 49 3.67 11.12 -7.25
CA GLN A 49 3.96 11.31 -8.67
C GLN A 49 4.49 10.02 -9.29
N GLU A 50 3.73 9.49 -10.24
CA GLU A 50 4.11 8.25 -10.92
C GLU A 50 5.56 8.32 -11.40
N SER A 51 6.30 7.23 -11.20
CA SER A 51 7.70 7.16 -11.62
C SER A 51 8.27 5.77 -11.37
N GLU A 52 9.42 5.50 -11.98
CA GLU A 52 10.08 4.21 -11.85
C GLU A 52 10.24 3.84 -10.37
N HIS A 53 10.27 4.85 -9.52
CA HIS A 53 10.43 4.62 -8.09
C HIS A 53 9.07 4.29 -7.48
N MET A 54 8.05 4.99 -7.95
CA MET A 54 6.69 4.79 -7.47
C MET A 54 5.71 4.69 -8.63
N LYS A 55 5.27 3.47 -8.93
CA LYS A 55 4.33 3.23 -10.02
C LYS A 55 2.92 3.00 -9.48
N VAL A 56 1.93 3.05 -10.37
CA VAL A 56 0.54 2.84 -9.98
C VAL A 56 -0.20 2.03 -11.03
N GLU A 57 -0.91 0.99 -10.58
CA GLU A 57 -1.66 0.13 -11.48
C GLU A 57 -3.15 0.23 -11.19
N ASN A 58 -3.79 1.24 -11.76
CA ASN A 58 -5.23 1.45 -11.57
C ASN A 58 -6.03 0.34 -12.23
N SER A 59 -7.07 -0.13 -11.54
CA SER A 59 -7.91 -1.20 -12.07
C SER A 59 -9.25 -1.24 -11.33
N GLU A 60 -10.19 -1.99 -11.88
CA GLU A 60 -11.52 -2.13 -11.28
C GLU A 60 -11.41 -2.53 -9.81
N ASN A 61 -10.78 -3.68 -9.56
CA ASN A 61 -10.62 -4.18 -8.20
C ASN A 61 -10.14 -3.07 -7.27
N GLY A 62 -9.25 -2.21 -7.78
CA GLY A 62 -8.74 -1.12 -6.98
C GLY A 62 -7.51 -0.48 -7.60
N SER A 63 -6.47 -0.28 -6.78
CA SER A 63 -5.23 0.33 -7.24
C SER A 63 -4.04 -0.24 -6.50
N LYS A 64 -2.93 -0.42 -7.21
CA LYS A 64 -1.72 -0.95 -6.62
C LYS A 64 -0.55 0.01 -6.79
N LEU A 65 0.10 0.36 -5.68
CA LEU A 65 1.23 1.28 -5.71
C LEU A 65 2.54 0.54 -5.51
N THR A 66 3.25 0.28 -6.61
CA THR A 66 4.52 -0.43 -6.55
C THR A 66 5.67 0.54 -6.31
N ILE A 67 6.55 0.19 -5.38
CA ILE A 67 7.71 1.03 -5.06
C ILE A 67 9.02 0.31 -5.40
N LEU A 68 9.75 0.87 -6.34
CA LEU A 68 11.03 0.29 -6.77
C LEU A 68 12.19 0.93 -6.01
N ALA A 69 13.24 0.15 -5.79
CA ALA A 69 14.42 0.65 -5.09
C ALA A 69 14.03 1.48 -3.87
N ALA A 70 13.01 1.02 -3.14
CA ALA A 70 12.54 1.72 -1.96
C ALA A 70 13.69 2.43 -1.24
N ARG A 71 13.51 3.72 -1.00
CA ARG A 71 14.53 4.51 -0.32
C ARG A 71 14.16 4.74 1.15
N GLN A 72 15.12 5.26 1.92
CA GLN A 72 14.89 5.51 3.33
C GLN A 72 13.83 6.60 3.53
N GLU A 73 13.45 7.25 2.43
CA GLU A 73 12.45 8.31 2.49
C GLU A 73 11.04 7.74 2.29
N HIS A 74 10.96 6.63 1.58
CA HIS A 74 9.68 5.99 1.32
C HIS A 74 8.98 5.69 2.65
N CYS A 75 9.80 5.44 3.67
CA CYS A 75 9.29 5.15 5.00
C CYS A 75 8.39 6.27 5.50
N GLY A 76 7.17 5.92 5.89
CA GLY A 76 6.23 6.91 6.39
C GLY A 76 4.80 6.38 6.42
N CYS A 77 3.86 7.24 6.04
CA CYS A 77 2.45 6.85 6.03
C CYS A 77 1.78 7.29 4.74
N TYR A 78 1.38 6.31 3.92
CA TYR A 78 0.73 6.59 2.65
C TYR A 78 -0.77 6.81 2.84
N THR A 79 -1.44 7.22 1.76
CA THR A 79 -2.88 7.46 1.82
C THR A 79 -3.53 7.16 0.47
N LEU A 80 -4.37 6.11 0.44
CA LEU A 80 -5.06 5.72 -0.78
C LEU A 80 -6.45 6.32 -0.82
N LEU A 81 -6.68 7.21 -1.79
CA LEU A 81 -7.98 7.85 -1.95
C LEU A 81 -8.77 7.19 -3.08
N VAL A 82 -10.06 6.95 -2.82
CA VAL A 82 -10.93 6.34 -3.82
C VAL A 82 -12.27 7.07 -3.90
N GLU A 83 -12.40 7.93 -4.91
CA GLU A 83 -13.62 8.70 -5.11
C GLU A 83 -14.48 8.09 -6.21
N ASN A 84 -15.79 8.20 -6.07
CA ASN A 84 -16.72 7.65 -7.05
C ASN A 84 -18.02 8.42 -7.06
N LYS A 85 -18.70 8.42 -8.20
CA LYS A 85 -19.97 9.13 -8.34
C LYS A 85 -20.77 9.07 -7.04
N LEU A 86 -20.69 7.94 -6.36
CA LEU A 86 -21.41 7.74 -5.10
C LEU A 86 -20.80 8.60 -4.00
N GLY A 87 -19.63 8.19 -3.51
CA GLY A 87 -18.96 8.93 -2.46
C GLY A 87 -17.45 8.93 -2.60
N SER A 88 -16.75 8.64 -1.51
CA SER A 88 -15.29 8.61 -1.53
C SER A 88 -14.76 7.96 -0.26
N ARG A 89 -13.46 7.65 -0.26
CA ARG A 89 -12.82 7.02 0.88
C ARG A 89 -11.32 7.26 0.87
N GLN A 90 -10.69 7.10 2.03
CA GLN A 90 -9.25 7.30 2.14
C GLN A 90 -8.66 6.37 3.20
N ALA A 91 -7.68 5.56 2.79
CA ALA A 91 -7.03 4.63 3.70
C ALA A 91 -5.61 5.10 4.05
N GLN A 92 -4.96 4.38 4.96
CA GLN A 92 -3.61 4.72 5.38
C GLN A 92 -2.84 3.47 5.77
N VAL A 93 -1.54 3.47 5.48
CA VAL A 93 -0.68 2.34 5.81
C VAL A 93 0.74 2.80 6.12
N ASN A 94 1.29 2.31 7.22
CA ASN A 94 2.64 2.66 7.64
C ASN A 94 3.66 1.71 7.03
N LEU A 95 4.77 2.27 6.53
CA LEU A 95 5.82 1.47 5.93
C LEU A 95 7.18 1.81 6.53
N THR A 96 7.96 0.78 6.83
CA THR A 96 9.29 0.97 7.41
C THR A 96 10.38 0.43 6.49
N VAL A 97 11.38 1.25 6.22
CA VAL A 97 12.49 0.85 5.36
C VAL A 97 13.72 0.47 6.18
N VAL A 98 14.36 -0.62 5.79
CA VAL A 98 15.55 -1.11 6.48
C VAL A 98 16.66 -1.44 5.50
N ASP A 99 17.84 -0.86 5.73
CA ASP A 99 18.98 -1.10 4.86
C ASP A 99 19.86 -2.22 5.42
N LYS A 100 19.35 -2.91 6.44
CA LYS A 100 20.09 -4.00 7.06
C LYS A 100 19.15 -5.13 7.46
N PRO A 101 19.63 -6.38 7.31
CA PRO A 101 18.85 -7.58 7.64
C PRO A 101 18.65 -7.73 9.15
N ASP A 102 17.42 -8.05 9.54
CA ASP A 102 17.08 -8.22 10.95
C ASP A 102 17.11 -9.70 11.34
N PRO A 103 17.50 -9.98 12.58
CA PRO A 103 17.58 -11.36 13.10
C PRO A 103 16.20 -11.99 13.28
N PRO A 104 16.19 -13.31 13.51
CA PRO A 104 14.95 -14.06 13.71
C PRO A 104 14.24 -13.71 15.02
N ALA A 105 12.91 -13.69 14.98
CA ALA A 105 12.13 -13.36 16.16
C ALA A 105 10.64 -13.57 15.91
N GLY A 106 9.91 -13.95 16.95
CA GLY A 106 8.49 -14.18 16.81
C GLY A 106 8.02 -15.41 17.58
N THR A 107 7.12 -16.17 16.97
CA THR A 107 6.59 -17.37 17.60
C THR A 107 7.72 -18.31 18.03
N PRO A 108 7.53 -18.98 19.19
CA PRO A 108 8.52 -19.90 19.73
C PRO A 108 8.62 -21.19 18.91
N SER A 109 9.73 -21.32 18.17
CA SER A 109 9.95 -22.49 17.34
C SER A 109 9.46 -23.75 18.03
N GLY A 110 8.95 -24.69 17.24
CA GLY A 110 8.45 -25.93 17.79
C GLY A 110 8.10 -26.95 16.72
N PRO A 111 9.12 -27.67 16.22
CA PRO A 111 8.94 -28.68 15.18
C PRO A 111 8.19 -29.91 15.69
N SER A 112 7.95 -29.96 16.99
CA SER A 112 7.24 -31.08 17.61
C SER A 112 5.75 -30.98 17.34
N SER A 113 5.03 -32.08 17.59
CA SER A 113 3.59 -32.13 17.37
C SER A 113 2.89 -32.70 18.59
N GLY A 114 3.31 -32.28 19.77
CA GLY A 114 2.70 -32.76 21.00
C GLY A 114 3.08 -34.20 21.30
N GLY A 1 -32.25 -3.71 6.96
CA GLY A 1 -31.08 -3.61 6.12
C GLY A 1 -31.44 -3.54 4.64
N SER A 2 -31.11 -2.40 4.01
CA SER A 2 -31.41 -2.21 2.60
C SER A 2 -30.13 -2.13 1.78
N SER A 3 -30.04 -2.92 0.72
CA SER A 3 -28.87 -2.93 -0.15
C SER A 3 -29.14 -2.18 -1.45
N GLY A 4 -28.21 -1.32 -1.83
CA GLY A 4 -28.37 -0.54 -3.05
C GLY A 4 -27.04 -0.06 -3.60
N SER A 5 -26.79 1.23 -3.47
CA SER A 5 -25.55 1.82 -3.98
C SER A 5 -24.80 2.55 -2.86
N SER A 6 -23.83 1.87 -2.26
CA SER A 6 -23.05 2.45 -1.18
C SER A 6 -21.69 2.95 -1.69
N GLY A 7 -21.29 4.13 -1.23
CA GLY A 7 -20.03 4.69 -1.64
C GLY A 7 -18.90 3.68 -1.63
N PRO A 8 -17.73 4.09 -2.15
CA PRO A 8 -16.56 3.22 -2.22
C PRO A 8 -15.96 2.95 -0.84
N GLN A 9 -15.44 1.73 -0.65
CA GLN A 9 -14.84 1.35 0.63
C GLN A 9 -13.73 0.33 0.42
N ILE A 10 -12.63 0.52 1.14
CA ILE A 10 -11.49 -0.39 1.03
C ILE A 10 -11.57 -1.49 2.07
N ILE A 11 -12.06 -2.66 1.66
CA ILE A 11 -12.19 -3.81 2.56
C ILE A 11 -10.86 -4.54 2.70
N GLN A 12 -9.99 -4.39 1.70
CA GLN A 12 -8.69 -5.04 1.72
C GLN A 12 -7.57 -4.02 1.60
N PHE A 13 -6.67 -4.03 2.58
CA PHE A 13 -5.55 -3.10 2.59
C PHE A 13 -4.40 -3.64 3.45
N PRO A 14 -3.17 -3.44 2.97
CA PRO A 14 -1.96 -3.90 3.69
C PRO A 14 -1.70 -3.10 4.95
N GLU A 15 -1.49 -3.81 6.06
CA GLU A 15 -1.23 -3.17 7.34
C GLU A 15 0.25 -2.82 7.49
N ASP A 16 0.57 -2.00 8.48
CA ASP A 16 1.94 -1.59 8.73
C ASP A 16 2.92 -2.72 8.40
N GLN A 17 3.70 -2.54 7.34
CA GLN A 17 4.66 -3.54 6.93
C GLN A 17 6.06 -2.95 6.85
N LYS A 18 7.03 -3.78 6.47
CA LYS A 18 8.42 -3.34 6.35
C LYS A 18 8.99 -3.71 4.99
N VAL A 19 10.10 -3.07 4.63
CA VAL A 19 10.76 -3.34 3.36
C VAL A 19 12.24 -3.01 3.41
N ARG A 20 13.07 -3.85 2.80
CA ARG A 20 14.50 -3.64 2.79
C ARG A 20 14.88 -2.56 1.78
N ALA A 21 15.33 -1.41 2.29
CA ALA A 21 15.73 -0.29 1.44
C ALA A 21 16.37 -0.80 0.14
N GLY A 22 15.64 -0.68 -0.96
CA GLY A 22 16.15 -1.13 -2.24
C GLY A 22 15.44 -2.36 -2.74
N GLU A 23 14.34 -2.72 -2.11
CA GLU A 23 13.57 -3.89 -2.50
C GLU A 23 12.33 -3.50 -3.30
N SER A 24 11.55 -4.48 -3.71
CA SER A 24 10.34 -4.23 -4.48
C SER A 24 9.09 -4.51 -3.65
N VAL A 25 8.25 -3.50 -3.51
CA VAL A 25 7.02 -3.63 -2.74
C VAL A 25 5.80 -3.30 -3.59
N GLU A 26 4.61 -3.48 -3.02
CA GLU A 26 3.37 -3.20 -3.73
C GLU A 26 2.19 -3.14 -2.76
N LEU A 27 1.42 -2.07 -2.85
CA LEU A 27 0.26 -1.88 -1.97
C LEU A 27 -1.02 -1.76 -2.80
N PHE A 28 -1.87 -2.77 -2.70
CA PHE A 28 -3.13 -2.79 -3.43
C PHE A 28 -4.32 -2.75 -2.47
N GLY A 29 -5.19 -1.77 -2.65
CA GLY A 29 -6.36 -1.64 -1.79
C GLY A 29 -7.66 -1.94 -2.52
N LYS A 30 -8.17 -3.15 -2.35
CA LYS A 30 -9.41 -3.56 -3.00
C LYS A 30 -10.55 -2.62 -2.62
N VAL A 31 -11.17 -2.01 -3.63
CA VAL A 31 -12.28 -1.09 -3.41
C VAL A 31 -13.58 -1.66 -3.94
N THR A 32 -14.66 -1.46 -3.20
CA THR A 32 -15.97 -1.95 -3.60
C THR A 32 -17.01 -0.84 -3.58
N GLY A 33 -18.00 -0.93 -4.46
CA GLY A 33 -19.04 0.07 -4.53
C GLY A 33 -19.74 0.10 -5.87
N THR A 34 -19.60 1.21 -6.59
CA THR A 34 -20.22 1.35 -7.89
C THR A 34 -19.25 1.97 -8.91
N GLN A 35 -18.83 1.18 -9.88
CA GLN A 35 -17.91 1.64 -10.90
C GLN A 35 -18.59 2.61 -11.85
N PRO A 36 -17.79 3.48 -12.49
CA PRO A 36 -16.35 3.51 -12.29
C PRO A 36 -15.95 4.02 -10.90
N ILE A 37 -14.73 3.72 -10.50
CA ILE A 37 -14.23 4.15 -9.19
C ILE A 37 -12.82 4.72 -9.29
N THR A 38 -12.66 5.97 -8.84
CA THR A 38 -11.37 6.64 -8.89
C THR A 38 -10.43 6.08 -7.83
N CYS A 39 -9.12 6.13 -8.10
CA CYS A 39 -8.13 5.64 -7.16
C CYS A 39 -6.83 6.43 -7.29
N THR A 40 -6.46 7.13 -6.22
CA THR A 40 -5.25 7.92 -6.21
C THR A 40 -4.42 7.66 -4.95
N TRP A 41 -3.10 7.71 -5.09
CA TRP A 41 -2.20 7.47 -3.97
C TRP A 41 -1.47 8.75 -3.58
N MET A 42 -1.46 9.07 -2.29
CA MET A 42 -0.78 10.26 -1.81
C MET A 42 0.00 9.96 -0.53
N LYS A 43 1.22 10.47 -0.46
CA LYS A 43 2.07 10.25 0.70
C LYS A 43 2.17 11.52 1.55
N PHE A 44 2.32 11.34 2.86
CA PHE A 44 2.43 12.47 3.78
C PHE A 44 1.50 13.61 3.35
N ARG A 45 0.24 13.27 3.10
CA ARG A 45 -0.75 14.26 2.70
C ARG A 45 -0.30 14.98 1.43
N LYS A 46 0.31 14.24 0.51
CA LYS A 46 0.79 14.81 -0.74
C LYS A 46 0.77 13.77 -1.85
N GLN A 47 -0.12 13.98 -2.84
CA GLN A 47 -0.24 13.07 -3.96
C GLN A 47 1.12 12.54 -4.38
N ILE A 48 1.17 11.25 -4.72
CA ILE A 48 2.42 10.63 -5.14
C ILE A 48 2.66 10.84 -6.63
N GLN A 49 3.94 10.81 -7.02
CA GLN A 49 4.30 11.01 -8.42
C GLN A 49 4.76 9.70 -9.05
N GLU A 50 4.22 9.40 -10.24
CA GLU A 50 4.57 8.18 -10.94
C GLU A 50 5.99 8.26 -11.50
N SER A 51 6.78 7.21 -11.25
CA SER A 51 8.16 7.17 -11.72
C SER A 51 8.72 5.75 -11.62
N GLU A 52 10.00 5.61 -11.94
CA GLU A 52 10.66 4.31 -11.89
C GLU A 52 10.89 3.87 -10.44
N HIS A 53 10.40 4.67 -9.51
CA HIS A 53 10.55 4.35 -8.10
C HIS A 53 9.18 4.08 -7.48
N MET A 54 8.17 4.75 -8.04
CA MET A 54 6.81 4.61 -7.57
C MET A 54 5.83 4.54 -8.73
N LYS A 55 5.26 3.36 -8.95
CA LYS A 55 4.31 3.16 -10.03
C LYS A 55 2.88 3.07 -9.49
N VAL A 56 1.91 3.04 -10.41
CA VAL A 56 0.51 2.95 -10.02
C VAL A 56 -0.30 2.16 -11.05
N GLU A 57 -1.06 1.18 -10.56
CA GLU A 57 -1.87 0.34 -11.42
C GLU A 57 -3.35 0.45 -11.06
N ASN A 58 -4.04 1.38 -11.71
CA ASN A 58 -5.46 1.59 -11.45
C ASN A 58 -6.31 0.55 -12.19
N SER A 59 -7.27 -0.03 -11.48
CA SER A 59 -8.15 -1.04 -12.06
C SER A 59 -9.46 -1.13 -11.29
N GLU A 60 -10.40 -1.91 -11.82
CA GLU A 60 -11.69 -2.08 -11.18
C GLU A 60 -11.53 -2.52 -9.73
N ASN A 61 -10.90 -3.67 -9.53
CA ASN A 61 -10.68 -4.20 -8.19
C ASN A 61 -10.17 -3.11 -7.25
N GLY A 62 -9.32 -2.23 -7.77
CA GLY A 62 -8.79 -1.14 -6.97
C GLY A 62 -7.57 -0.50 -7.61
N SER A 63 -6.52 -0.31 -6.81
CA SER A 63 -5.30 0.31 -7.31
C SER A 63 -4.09 -0.21 -6.54
N LYS A 64 -3.02 -0.52 -7.27
CA LYS A 64 -1.79 -1.03 -6.66
C LYS A 64 -0.67 -0.01 -6.79
N LEU A 65 0.10 0.15 -5.72
CA LEU A 65 1.21 1.10 -5.70
C LEU A 65 2.54 0.37 -5.52
N THR A 66 3.22 0.10 -6.64
CA THR A 66 4.50 -0.59 -6.60
C THR A 66 5.65 0.39 -6.38
N ILE A 67 6.57 0.04 -5.50
CA ILE A 67 7.72 0.88 -5.20
C ILE A 67 9.02 0.17 -5.53
N LEU A 68 9.81 0.77 -6.41
CA LEU A 68 11.09 0.20 -6.82
C LEU A 68 12.23 0.82 -6.03
N ALA A 69 13.28 0.04 -5.82
CA ALA A 69 14.45 0.51 -5.08
C ALA A 69 14.05 1.48 -3.97
N ALA A 70 12.94 1.17 -3.30
CA ALA A 70 12.45 2.01 -2.22
C ALA A 70 13.60 2.66 -1.46
N ARG A 71 13.43 3.94 -1.12
CA ARG A 71 14.46 4.68 -0.40
C ARG A 71 14.07 4.85 1.07
N GLN A 72 14.96 5.43 1.85
CA GLN A 72 14.71 5.66 3.27
C GLN A 72 13.60 6.68 3.48
N GLU A 73 13.42 7.56 2.50
CA GLU A 73 12.40 8.59 2.57
C GLU A 73 11.01 7.98 2.44
N HIS A 74 10.87 7.07 1.48
CA HIS A 74 9.58 6.42 1.26
C HIS A 74 8.89 6.16 2.60
N CYS A 75 9.69 5.80 3.59
CA CYS A 75 9.18 5.53 4.92
C CYS A 75 8.18 6.58 5.35
N GLY A 76 6.93 6.16 5.57
CA GLY A 76 5.89 7.08 5.98
C GLY A 76 4.52 6.43 6.01
N CYS A 77 3.49 7.20 5.70
CA CYS A 77 2.12 6.70 5.70
C CYS A 77 1.43 7.01 4.37
N TYR A 78 1.13 5.96 3.61
CA TYR A 78 0.46 6.12 2.32
C TYR A 78 -1.06 6.18 2.49
N THR A 79 -1.70 7.01 1.68
CA THR A 79 -3.14 7.16 1.74
C THR A 79 -3.77 6.96 0.37
N LEU A 80 -4.58 5.90 0.25
CA LEU A 80 -5.25 5.60 -1.01
C LEU A 80 -6.63 6.22 -1.06
N LEU A 81 -6.77 7.28 -1.86
CA LEU A 81 -8.06 7.97 -1.99
C LEU A 81 -8.87 7.37 -3.14
N VAL A 82 -10.10 6.98 -2.84
CA VAL A 82 -10.98 6.40 -3.86
C VAL A 82 -12.29 7.19 -3.95
N GLU A 83 -12.41 8.00 -4.99
CA GLU A 83 -13.60 8.81 -5.19
C GLU A 83 -14.40 8.31 -6.40
N ASN A 84 -15.72 8.36 -6.31
CA ASN A 84 -16.58 7.91 -7.39
C ASN A 84 -17.88 8.72 -7.41
N LYS A 85 -18.79 8.33 -8.30
CA LYS A 85 -20.08 9.00 -8.42
C LYS A 85 -20.87 8.93 -7.12
N LEU A 86 -20.56 7.92 -6.31
CA LEU A 86 -21.24 7.74 -5.02
C LEU A 86 -20.66 8.67 -3.96
N GLY A 87 -19.46 8.35 -3.49
CA GLY A 87 -18.80 9.16 -2.49
C GLY A 87 -17.29 9.14 -2.60
N SER A 88 -16.62 8.91 -1.49
CA SER A 88 -15.16 8.88 -1.47
C SER A 88 -14.64 8.21 -0.20
N ARG A 89 -13.47 7.59 -0.30
CA ARG A 89 -12.87 6.91 0.84
C ARG A 89 -11.36 7.12 0.86
N GLN A 90 -10.77 7.00 2.04
CA GLN A 90 -9.32 7.18 2.19
C GLN A 90 -8.76 6.18 3.20
N ALA A 91 -7.63 5.56 2.84
CA ALA A 91 -6.99 4.58 3.71
C ALA A 91 -5.66 5.11 4.23
N GLN A 92 -5.00 4.31 5.06
CA GLN A 92 -3.71 4.70 5.63
C GLN A 92 -2.89 3.47 6.01
N VAL A 93 -1.73 3.33 5.37
CA VAL A 93 -0.85 2.20 5.65
C VAL A 93 0.57 2.66 5.98
N ASN A 94 1.10 2.16 7.09
CA ASN A 94 2.45 2.52 7.52
C ASN A 94 3.50 1.67 6.82
N LEU A 95 4.60 2.29 6.44
CA LEU A 95 5.69 1.59 5.76
C LEU A 95 7.04 1.96 6.36
N THR A 96 7.86 0.95 6.64
CA THR A 96 9.19 1.17 7.20
C THR A 96 10.28 0.61 6.31
N VAL A 97 11.33 1.39 6.10
CA VAL A 97 12.44 0.96 5.26
C VAL A 97 13.67 0.61 6.10
N VAL A 98 14.26 -0.54 5.81
CA VAL A 98 15.43 -1.00 6.54
C VAL A 98 16.58 -1.33 5.59
N ASP A 99 17.77 -0.85 5.91
CA ASP A 99 18.94 -1.09 5.09
C ASP A 99 19.89 -2.08 5.76
N LYS A 100 19.35 -2.84 6.71
CA LYS A 100 20.14 -3.83 7.43
C LYS A 100 19.25 -4.72 8.30
N PRO A 101 19.60 -6.01 8.38
CA PRO A 101 18.84 -7.00 9.16
C PRO A 101 18.97 -6.76 10.66
N ASP A 102 17.84 -6.84 11.36
CA ASP A 102 17.82 -6.64 12.80
C ASP A 102 17.60 -7.97 13.53
N PRO A 103 18.19 -8.08 14.74
CA PRO A 103 18.06 -9.29 15.56
C PRO A 103 16.66 -9.47 16.11
N PRO A 104 16.28 -10.73 16.38
CA PRO A 104 14.96 -11.07 16.91
C PRO A 104 14.79 -10.62 18.36
N ALA A 105 13.71 -9.88 18.62
CA ALA A 105 13.44 -9.38 19.96
C ALA A 105 12.65 -10.41 20.78
N GLY A 106 13.37 -11.28 21.47
CA GLY A 106 12.73 -12.31 22.28
C GLY A 106 12.31 -11.79 23.63
N THR A 107 12.20 -12.69 24.61
CA THR A 107 11.79 -12.32 25.95
C THR A 107 12.72 -12.93 26.99
N PRO A 108 12.99 -12.18 28.07
CA PRO A 108 13.86 -12.63 29.16
C PRO A 108 13.24 -13.75 29.97
N SER A 109 13.33 -14.98 29.46
CA SER A 109 12.76 -16.13 30.14
C SER A 109 13.59 -16.48 31.38
N GLY A 110 13.00 -16.30 32.55
CA GLY A 110 13.68 -16.60 33.80
C GLY A 110 15.09 -16.04 33.82
N PRO A 111 15.21 -14.74 34.09
CA PRO A 111 16.51 -14.05 34.15
C PRO A 111 17.33 -14.48 35.36
N SER A 112 16.64 -14.90 36.42
CA SER A 112 17.31 -15.32 37.65
C SER A 112 17.24 -16.83 37.79
N SER A 113 18.36 -17.43 38.21
CA SER A 113 18.43 -18.88 38.39
C SER A 113 19.57 -19.25 39.32
N GLY A 114 19.32 -20.20 40.21
CA GLY A 114 20.36 -20.64 41.14
C GLY A 114 20.04 -20.27 42.57
N GLY A 1 -26.73 -6.09 9.18
CA GLY A 1 -26.29 -5.00 8.34
C GLY A 1 -26.12 -5.41 6.89
N SER A 2 -26.38 -4.49 5.98
CA SER A 2 -26.26 -4.76 4.55
C SER A 2 -25.92 -3.49 3.78
N SER A 3 -24.73 -3.47 3.19
CA SER A 3 -24.27 -2.32 2.42
C SER A 3 -23.85 -2.73 1.02
N GLY A 4 -24.64 -2.32 0.03
CA GLY A 4 -24.34 -2.65 -1.35
C GLY A 4 -23.70 -1.50 -2.11
N SER A 5 -24.55 -0.58 -2.59
CA SER A 5 -24.06 0.57 -3.33
C SER A 5 -24.10 1.83 -2.47
N SER A 6 -23.26 1.88 -1.45
CA SER A 6 -23.20 3.03 -0.55
C SER A 6 -21.78 3.57 -0.45
N GLY A 7 -21.41 4.43 -1.40
CA GLY A 7 -20.09 5.01 -1.40
C GLY A 7 -19.00 3.95 -1.46
N PRO A 8 -17.84 4.34 -2.00
CA PRO A 8 -16.68 3.43 -2.13
C PRO A 8 -16.06 3.10 -0.78
N GLN A 9 -15.55 1.88 -0.66
CA GLN A 9 -14.92 1.44 0.58
C GLN A 9 -13.80 0.44 0.29
N ILE A 10 -12.74 0.50 1.10
CA ILE A 10 -11.61 -0.40 0.93
C ILE A 10 -11.64 -1.53 1.95
N ILE A 11 -12.10 -2.70 1.51
CA ILE A 11 -12.19 -3.86 2.39
C ILE A 11 -10.84 -4.57 2.50
N GLN A 12 -9.99 -4.37 1.50
CA GLN A 12 -8.67 -4.98 1.49
C GLN A 12 -7.58 -3.92 1.36
N PHE A 13 -6.65 -3.91 2.32
CA PHE A 13 -5.56 -2.95 2.31
C PHE A 13 -4.43 -3.42 3.22
N PRO A 14 -3.18 -3.21 2.75
CA PRO A 14 -1.99 -3.61 3.51
C PRO A 14 -1.76 -2.75 4.74
N GLU A 15 -1.65 -3.40 5.89
CA GLU A 15 -1.43 -2.69 7.15
C GLU A 15 0.05 -2.42 7.38
N ASP A 16 0.35 -1.64 8.41
CA ASP A 16 1.74 -1.31 8.74
C ASP A 16 2.66 -2.49 8.48
N GLN A 17 3.54 -2.35 7.50
CA GLN A 17 4.48 -3.40 7.15
C GLN A 17 5.90 -2.86 7.03
N LYS A 18 6.85 -3.75 6.76
CA LYS A 18 8.24 -3.35 6.62
C LYS A 18 8.79 -3.75 5.25
N VAL A 19 9.97 -3.24 4.92
CA VAL A 19 10.60 -3.54 3.64
C VAL A 19 12.10 -3.25 3.69
N ARG A 20 12.87 -4.06 2.97
CA ARG A 20 14.32 -3.90 2.94
C ARG A 20 14.71 -2.81 1.94
N ALA A 21 15.42 -1.80 2.44
CA ALA A 21 15.86 -0.68 1.60
C ALA A 21 16.41 -1.19 0.26
N GLY A 22 15.64 -1.02 -0.80
CA GLY A 22 16.07 -1.47 -2.11
C GLY A 22 15.23 -2.61 -2.64
N GLU A 23 14.20 -2.98 -1.89
CA GLU A 23 13.32 -4.07 -2.29
C GLU A 23 12.16 -3.55 -3.13
N SER A 24 11.35 -4.47 -3.66
CA SER A 24 10.21 -4.10 -4.48
C SER A 24 8.89 -4.40 -3.76
N VAL A 25 8.15 -3.35 -3.43
CA VAL A 25 6.88 -3.49 -2.73
C VAL A 25 5.71 -3.16 -3.66
N GLU A 26 4.50 -3.34 -3.15
CA GLU A 26 3.30 -3.07 -3.93
C GLU A 26 2.06 -3.08 -3.05
N LEU A 27 1.53 -1.89 -2.76
CA LEU A 27 0.34 -1.77 -1.92
C LEU A 27 -0.91 -1.62 -2.77
N PHE A 28 -1.81 -2.60 -2.66
CA PHE A 28 -3.06 -2.57 -3.42
C PHE A 28 -4.26 -2.51 -2.49
N GLY A 29 -5.22 -1.64 -2.82
CA GLY A 29 -6.40 -1.49 -2.01
C GLY A 29 -7.68 -1.83 -2.77
N LYS A 30 -8.21 -3.02 -2.53
CA LYS A 30 -9.42 -3.47 -3.19
C LYS A 30 -10.61 -2.57 -2.83
N VAL A 31 -11.33 -2.11 -3.84
CA VAL A 31 -12.48 -1.25 -3.63
C VAL A 31 -13.75 -1.87 -4.20
N THR A 32 -14.86 -1.72 -3.47
CA THR A 32 -16.14 -2.27 -3.91
C THR A 32 -17.06 -1.18 -4.44
N GLY A 33 -17.63 -0.40 -3.53
CA GLY A 33 -18.53 0.68 -3.93
C GLY A 33 -19.30 0.34 -5.18
N THR A 34 -19.30 1.27 -6.14
CA THR A 34 -20.01 1.07 -7.39
C THR A 34 -19.12 1.44 -8.58
N GLN A 35 -18.54 0.41 -9.21
CA GLN A 35 -17.68 0.61 -10.36
C GLN A 35 -18.47 1.14 -11.56
N PRO A 36 -17.79 1.91 -12.42
CA PRO A 36 -16.37 2.24 -12.25
C PRO A 36 -16.14 3.19 -11.07
N ILE A 37 -15.01 3.01 -10.40
CA ILE A 37 -14.66 3.85 -9.26
C ILE A 37 -13.28 4.47 -9.43
N THR A 38 -13.11 5.67 -8.88
CA THR A 38 -11.84 6.38 -8.98
C THR A 38 -10.87 5.90 -7.90
N CYS A 39 -9.57 6.04 -8.17
CA CYS A 39 -8.55 5.63 -7.23
C CYS A 39 -7.30 6.50 -7.36
N THR A 40 -6.83 7.02 -6.23
CA THR A 40 -5.65 7.88 -6.23
C THR A 40 -4.72 7.53 -5.07
N TRP A 41 -3.41 7.60 -5.32
CA TRP A 41 -2.42 7.28 -4.29
C TRP A 41 -1.70 8.54 -3.83
N MET A 42 -1.71 8.78 -2.52
CA MET A 42 -1.04 9.95 -1.96
C MET A 42 -0.29 9.59 -0.68
N LYS A 43 0.76 10.34 -0.39
CA LYS A 43 1.58 10.10 0.80
C LYS A 43 1.82 11.40 1.57
N PHE A 44 1.64 11.33 2.88
CA PHE A 44 1.84 12.50 3.74
C PHE A 44 1.01 13.68 3.23
N ARG A 45 -0.23 13.40 2.84
CA ARG A 45 -1.12 14.43 2.35
C ARG A 45 -0.55 15.11 1.10
N LYS A 46 0.00 14.30 0.20
CA LYS A 46 0.59 14.80 -1.03
C LYS A 46 0.58 13.74 -2.12
N GLN A 47 -0.31 13.89 -3.09
CA GLN A 47 -0.42 12.94 -4.19
C GLN A 47 0.97 12.47 -4.63
N ILE A 48 1.11 11.16 -4.82
CA ILE A 48 2.38 10.59 -5.25
C ILE A 48 2.64 10.88 -6.73
N GLN A 49 3.91 10.86 -7.11
CA GLN A 49 4.31 11.13 -8.49
C GLN A 49 4.78 9.85 -9.17
N GLU A 50 4.08 9.47 -10.25
CA GLU A 50 4.43 8.28 -11.00
C GLU A 50 5.84 8.37 -11.56
N SER A 51 6.65 7.35 -11.29
CA SER A 51 8.04 7.32 -11.76
C SER A 51 8.63 5.92 -11.63
N GLU A 52 9.90 5.79 -11.95
CA GLU A 52 10.59 4.50 -11.87
C GLU A 52 10.80 4.09 -10.41
N HIS A 53 10.50 5.00 -9.49
CA HIS A 53 10.66 4.72 -8.08
C HIS A 53 9.29 4.40 -7.47
N MET A 54 8.27 5.08 -7.98
CA MET A 54 6.91 4.89 -7.50
C MET A 54 5.93 4.81 -8.67
N LYS A 55 5.46 3.60 -8.96
CA LYS A 55 4.52 3.38 -10.05
C LYS A 55 3.09 3.23 -9.53
N VAL A 56 2.13 3.20 -10.44
CA VAL A 56 0.73 3.06 -10.07
C VAL A 56 -0.04 2.25 -11.10
N GLU A 57 -0.75 1.23 -10.64
CA GLU A 57 -1.53 0.38 -11.53
C GLU A 57 -3.03 0.58 -11.30
N ASN A 58 -3.57 1.63 -11.92
CA ASN A 58 -4.98 1.94 -11.78
C ASN A 58 -5.84 0.91 -12.51
N SER A 59 -6.84 0.37 -11.81
CA SER A 59 -7.72 -0.63 -12.39
C SER A 59 -9.08 -0.63 -11.69
N GLU A 60 -10.02 -1.39 -12.24
CA GLU A 60 -11.36 -1.48 -11.66
C GLU A 60 -11.30 -1.93 -10.20
N ASN A 61 -10.85 -3.16 -9.99
CA ASN A 61 -10.75 -3.71 -8.64
C ASN A 61 -10.27 -2.65 -7.66
N GLY A 62 -9.30 -1.85 -8.08
CA GLY A 62 -8.77 -0.81 -7.22
C GLY A 62 -7.52 -0.17 -7.80
N SER A 63 -6.52 0.06 -6.95
CA SER A 63 -5.27 0.68 -7.38
C SER A 63 -4.09 0.10 -6.62
N LYS A 64 -2.97 -0.05 -7.30
CA LYS A 64 -1.76 -0.59 -6.69
C LYS A 64 -0.61 0.41 -6.76
N LEU A 65 0.27 0.37 -5.78
CA LEU A 65 1.41 1.28 -5.73
C LEU A 65 2.72 0.50 -5.53
N THR A 66 3.45 0.31 -6.63
CA THR A 66 4.71 -0.42 -6.58
C THR A 66 5.88 0.53 -6.35
N ILE A 67 6.69 0.22 -5.35
CA ILE A 67 7.85 1.05 -5.03
C ILE A 67 9.15 0.33 -5.37
N LEU A 68 9.92 0.92 -6.29
CA LEU A 68 11.19 0.33 -6.71
C LEU A 68 12.33 0.84 -5.83
N ALA A 69 13.36 0.00 -5.66
CA ALA A 69 14.51 0.37 -4.84
C ALA A 69 14.09 1.19 -3.63
N ALA A 70 12.99 0.79 -3.01
CA ALA A 70 12.48 1.49 -1.84
C ALA A 70 13.63 2.05 -0.99
N ARG A 71 13.88 3.34 -1.12
CA ARG A 71 14.95 3.99 -0.37
C ARG A 71 14.56 4.16 1.10
N GLN A 72 15.42 4.83 1.86
CA GLN A 72 15.16 5.06 3.28
C GLN A 72 14.12 6.15 3.47
N GLU A 73 14.06 7.08 2.53
CA GLU A 73 13.10 8.18 2.60
C GLU A 73 11.67 7.67 2.38
N HIS A 74 11.52 6.77 1.43
CA HIS A 74 10.20 6.22 1.13
C HIS A 74 9.42 6.04 2.43
N CYS A 75 10.12 5.56 3.45
CA CYS A 75 9.50 5.34 4.75
C CYS A 75 8.58 6.49 5.12
N GLY A 76 7.34 6.16 5.47
CA GLY A 76 6.38 7.19 5.84
C GLY A 76 4.97 6.63 5.98
N CYS A 77 3.99 7.39 5.52
CA CYS A 77 2.59 6.98 5.59
C CYS A 77 1.86 7.30 4.29
N TYR A 78 1.29 6.27 3.67
CA TYR A 78 0.56 6.46 2.42
C TYR A 78 -0.93 6.62 2.68
N THR A 79 -1.68 6.92 1.63
CA THR A 79 -3.12 7.12 1.73
C THR A 79 -3.81 6.93 0.38
N LEU A 80 -4.60 5.88 0.28
CA LEU A 80 -5.32 5.59 -0.96
C LEU A 80 -6.70 6.22 -0.95
N LEU A 81 -6.93 7.15 -1.87
CA LEU A 81 -8.22 7.83 -1.97
C LEU A 81 -9.04 7.27 -3.13
N VAL A 82 -10.22 6.74 -2.81
CA VAL A 82 -11.10 6.17 -3.82
C VAL A 82 -12.43 6.92 -3.86
N GLU A 83 -12.59 7.78 -4.85
CA GLU A 83 -13.82 8.56 -5.01
C GLU A 83 -14.68 8.00 -6.13
N ASN A 84 -15.95 8.38 -6.15
CA ASN A 84 -16.88 7.92 -7.17
C ASN A 84 -18.15 8.76 -7.17
N LYS A 85 -19.12 8.36 -8.00
CA LYS A 85 -20.38 9.06 -8.09
C LYS A 85 -21.10 9.08 -6.75
N LEU A 86 -20.91 8.03 -5.96
CA LEU A 86 -21.54 7.93 -4.65
C LEU A 86 -20.81 8.80 -3.63
N GLY A 87 -19.64 8.34 -3.19
CA GLY A 87 -18.87 9.08 -2.22
C GLY A 87 -17.37 8.94 -2.44
N SER A 88 -16.65 8.74 -1.34
CA SER A 88 -15.19 8.59 -1.42
C SER A 88 -14.65 7.97 -0.13
N ARG A 89 -13.50 7.31 -0.23
CA ARG A 89 -12.88 6.67 0.93
C ARG A 89 -11.37 6.92 0.93
N GLN A 90 -10.78 6.87 2.12
CA GLN A 90 -9.34 7.09 2.26
C GLN A 90 -8.74 6.14 3.29
N ALA A 91 -7.59 5.57 2.95
CA ALA A 91 -6.91 4.63 3.85
C ALA A 91 -5.59 5.20 4.33
N GLN A 92 -4.89 4.44 5.16
CA GLN A 92 -3.60 4.87 5.69
C GLN A 92 -2.76 3.67 6.12
N VAL A 93 -1.57 3.55 5.53
CA VAL A 93 -0.66 2.45 5.84
C VAL A 93 0.76 2.95 6.07
N ASN A 94 1.35 2.56 7.20
CA ASN A 94 2.70 2.97 7.53
C ASN A 94 3.72 1.99 6.96
N LEU A 95 4.83 2.52 6.46
CA LEU A 95 5.88 1.69 5.88
C LEU A 95 7.24 2.01 6.51
N THR A 96 8.02 0.97 6.77
CA THR A 96 9.34 1.14 7.38
C THR A 96 10.42 0.49 6.53
N VAL A 97 11.39 1.29 6.10
CA VAL A 97 12.49 0.79 5.28
C VAL A 97 13.68 0.39 6.14
N VAL A 98 14.22 -0.79 5.88
CA VAL A 98 15.37 -1.30 6.62
C VAL A 98 16.51 -1.69 5.69
N ASP A 99 17.65 -1.02 5.85
CA ASP A 99 18.81 -1.31 5.02
C ASP A 99 19.79 -2.23 5.75
N LYS A 100 19.30 -2.90 6.79
CA LYS A 100 20.12 -3.81 7.57
C LYS A 100 20.66 -4.94 6.69
N PRO A 101 21.89 -5.38 6.99
CA PRO A 101 22.54 -6.47 6.25
C PRO A 101 21.87 -7.82 6.49
N ASP A 102 22.02 -8.72 5.53
CA ASP A 102 21.43 -10.06 5.65
C ASP A 102 22.08 -10.84 6.78
N PRO A 103 21.26 -11.60 7.53
CA PRO A 103 21.73 -12.41 8.65
C PRO A 103 22.58 -13.60 8.20
N PRO A 104 23.37 -14.14 9.13
CA PRO A 104 24.24 -15.29 8.85
C PRO A 104 23.46 -16.57 8.63
N ALA A 105 23.90 -17.36 7.66
CA ALA A 105 23.23 -18.62 7.33
C ALA A 105 24.06 -19.80 7.81
N GLY A 106 24.00 -20.08 9.11
CA GLY A 106 24.75 -21.18 9.67
C GLY A 106 25.65 -20.77 10.82
N THR A 107 26.03 -21.73 11.65
CA THR A 107 26.89 -21.44 12.80
C THR A 107 28.29 -22.02 12.59
N PRO A 108 29.30 -21.14 12.58
CA PRO A 108 30.70 -21.53 12.40
C PRO A 108 31.24 -22.31 13.59
N SER A 109 30.45 -22.39 14.66
CA SER A 109 30.86 -23.10 15.86
C SER A 109 31.69 -24.33 15.51
N GLY A 110 31.28 -25.04 14.46
CA GLY A 110 32.00 -26.24 14.04
C GLY A 110 31.20 -27.08 13.08
N PRO A 111 31.89 -27.64 12.06
CA PRO A 111 31.25 -28.49 11.05
C PRO A 111 30.80 -29.83 11.62
N SER A 112 29.77 -30.40 11.01
CA SER A 112 29.23 -31.68 11.46
C SER A 112 30.11 -32.83 10.98
N SER A 113 29.95 -33.99 11.60
CA SER A 113 30.73 -35.17 11.25
C SER A 113 29.83 -36.29 10.74
N GLY A 114 30.38 -37.15 9.88
CA GLY A 114 29.62 -38.24 9.33
C GLY A 114 28.77 -37.83 8.14
N GLY A 1 -24.79 -7.50 4.09
CA GLY A 1 -26.17 -7.12 3.88
C GLY A 1 -26.32 -5.71 3.33
N SER A 2 -25.72 -5.48 2.16
CA SER A 2 -25.78 -4.15 1.53
C SER A 2 -26.97 -4.06 0.58
N SER A 3 -27.91 -3.18 0.91
CA SER A 3 -29.10 -2.99 0.09
C SER A 3 -28.72 -2.83 -1.38
N GLY A 4 -27.93 -1.80 -1.67
CA GLY A 4 -27.51 -1.57 -3.04
C GLY A 4 -26.34 -0.60 -3.12
N SER A 5 -26.38 0.29 -4.12
CA SER A 5 -25.31 1.26 -4.32
C SER A 5 -25.23 2.22 -3.13
N SER A 6 -24.07 2.26 -2.49
CA SER A 6 -23.86 3.13 -1.34
C SER A 6 -22.66 4.04 -1.56
N GLY A 7 -21.48 3.44 -1.67
CA GLY A 7 -20.27 4.21 -1.88
C GLY A 7 -19.03 3.34 -1.91
N PRO A 8 -17.91 3.92 -2.36
CA PRO A 8 -16.63 3.20 -2.45
C PRO A 8 -16.03 2.91 -1.08
N GLN A 9 -15.54 1.69 -0.90
CA GLN A 9 -14.94 1.28 0.37
C GLN A 9 -13.75 0.35 0.14
N ILE A 10 -12.80 0.39 1.06
CA ILE A 10 -11.61 -0.45 0.97
C ILE A 10 -11.67 -1.62 1.93
N ILE A 11 -12.10 -2.77 1.43
CA ILE A 11 -12.20 -3.97 2.24
C ILE A 11 -10.85 -4.65 2.41
N GLN A 12 -9.98 -4.46 1.42
CA GLN A 12 -8.65 -5.05 1.46
C GLN A 12 -7.57 -3.97 1.40
N PHE A 13 -6.62 -4.04 2.33
CA PHE A 13 -5.54 -3.07 2.39
C PHE A 13 -4.45 -3.52 3.36
N PRO A 14 -3.19 -3.32 2.96
CA PRO A 14 -2.02 -3.70 3.77
C PRO A 14 -1.88 -2.84 5.02
N GLU A 15 -1.37 -3.44 6.09
CA GLU A 15 -1.18 -2.72 7.34
C GLU A 15 0.30 -2.46 7.61
N ASP A 16 0.58 -1.74 8.67
CA ASP A 16 1.96 -1.42 9.04
C ASP A 16 2.90 -2.56 8.68
N GLN A 17 3.76 -2.34 7.68
CA GLN A 17 4.71 -3.35 7.25
C GLN A 17 6.10 -2.76 7.08
N LYS A 18 7.07 -3.62 6.77
CA LYS A 18 8.45 -3.18 6.58
C LYS A 18 8.98 -3.63 5.23
N VAL A 19 10.08 -3.03 4.80
CA VAL A 19 10.70 -3.36 3.53
C VAL A 19 12.18 -3.03 3.52
N ARG A 20 12.99 -3.95 2.98
CA ARG A 20 14.44 -3.74 2.91
C ARG A 20 14.78 -2.67 1.88
N ALA A 21 15.65 -1.74 2.28
CA ALA A 21 16.07 -0.67 1.39
C ALA A 21 16.57 -1.21 0.06
N GLY A 22 15.82 -0.95 -1.00
CA GLY A 22 16.19 -1.42 -2.32
C GLY A 22 15.22 -2.44 -2.87
N GLU A 23 14.47 -3.08 -1.98
CA GLU A 23 13.50 -4.09 -2.39
C GLU A 23 12.31 -3.44 -3.09
N SER A 24 11.31 -4.25 -3.41
CA SER A 24 10.11 -3.77 -4.10
C SER A 24 8.85 -4.14 -3.33
N VAL A 25 7.99 -3.16 -3.09
CA VAL A 25 6.75 -3.39 -2.37
C VAL A 25 5.54 -3.19 -3.27
N GLU A 26 4.46 -3.92 -3.00
CA GLU A 26 3.24 -3.83 -3.78
C GLU A 26 2.03 -3.61 -2.89
N LEU A 27 1.65 -2.35 -2.71
CA LEU A 27 0.52 -2.00 -1.88
C LEU A 27 -0.76 -1.89 -2.72
N PHE A 28 -1.65 -2.85 -2.56
CA PHE A 28 -2.91 -2.87 -3.29
C PHE A 28 -4.10 -2.72 -2.35
N GLY A 29 -5.04 -1.84 -2.72
CA GLY A 29 -6.21 -1.63 -1.89
C GLY A 29 -7.50 -1.87 -2.64
N LYS A 30 -8.03 -3.08 -2.53
CA LYS A 30 -9.26 -3.45 -3.20
C LYS A 30 -10.40 -2.49 -2.83
N VAL A 31 -11.19 -2.10 -3.82
CA VAL A 31 -12.30 -1.18 -3.59
C VAL A 31 -13.60 -1.75 -4.15
N THR A 32 -14.70 -1.48 -3.46
CA THR A 32 -16.01 -1.96 -3.88
C THR A 32 -17.06 -0.86 -3.79
N GLY A 33 -18.07 -0.93 -4.65
CA GLY A 33 -19.12 0.05 -4.65
C GLY A 33 -19.86 0.13 -5.97
N THR A 34 -19.48 1.09 -6.80
CA THR A 34 -20.12 1.28 -8.10
C THR A 34 -19.17 1.93 -9.09
N GLN A 35 -18.67 1.16 -10.05
CA GLN A 35 -17.74 1.67 -11.05
C GLN A 35 -18.46 2.61 -12.01
N PRO A 36 -17.69 3.53 -12.61
CA PRO A 36 -16.24 3.63 -12.39
C PRO A 36 -15.91 4.14 -10.99
N ILE A 37 -14.68 3.90 -10.55
CA ILE A 37 -14.25 4.34 -9.23
C ILE A 37 -12.83 4.91 -9.30
N THR A 38 -12.70 6.18 -8.94
CA THR A 38 -11.40 6.85 -8.94
C THR A 38 -10.52 6.35 -7.81
N CYS A 39 -9.21 6.40 -8.02
CA CYS A 39 -8.26 5.96 -7.00
C CYS A 39 -6.94 6.71 -7.14
N THR A 40 -6.53 7.36 -6.06
CA THR A 40 -5.28 8.13 -6.05
C THR A 40 -4.44 7.79 -4.82
N TRP A 41 -3.14 7.61 -5.04
CA TRP A 41 -2.23 7.28 -3.95
C TRP A 41 -1.45 8.51 -3.50
N MET A 42 -1.54 8.82 -2.21
CA MET A 42 -0.85 9.98 -1.65
C MET A 42 -0.05 9.59 -0.41
N LYS A 43 0.88 10.45 -0.03
CA LYS A 43 1.73 10.20 1.14
C LYS A 43 1.96 11.48 1.94
N PHE A 44 1.49 11.48 3.18
CA PHE A 44 1.65 12.65 4.05
C PHE A 44 0.87 13.85 3.50
N ARG A 45 -0.35 13.59 3.04
CA ARG A 45 -1.19 14.65 2.48
C ARG A 45 -0.57 15.23 1.22
N LYS A 46 0.07 14.36 0.43
CA LYS A 46 0.70 14.80 -0.82
C LYS A 46 0.47 13.76 -1.92
N GLN A 47 -0.01 14.23 -3.07
CA GLN A 47 -0.26 13.37 -4.20
C GLN A 47 1.04 12.75 -4.74
N ILE A 48 1.07 11.44 -4.81
CA ILE A 48 2.26 10.74 -5.31
C ILE A 48 2.43 10.93 -6.81
N GLN A 49 3.68 10.90 -7.26
CA GLN A 49 3.98 11.08 -8.67
C GLN A 49 4.43 9.76 -9.31
N GLU A 50 3.73 9.36 -10.37
CA GLU A 50 4.05 8.11 -11.06
C GLU A 50 5.46 8.16 -11.64
N SER A 51 6.24 7.11 -11.39
CA SER A 51 7.61 7.05 -11.87
C SER A 51 8.24 5.70 -11.54
N GLU A 52 9.38 5.41 -12.17
CA GLU A 52 10.08 4.15 -11.93
C GLU A 52 10.27 3.90 -10.44
N HIS A 53 10.27 4.97 -9.66
CA HIS A 53 10.44 4.86 -8.23
C HIS A 53 9.12 4.46 -7.57
N MET A 54 8.04 5.06 -8.08
CA MET A 54 6.70 4.79 -7.57
C MET A 54 5.70 4.66 -8.70
N LYS A 55 5.29 3.43 -9.00
CA LYS A 55 4.34 3.18 -10.07
C LYS A 55 2.93 2.95 -9.50
N VAL A 56 1.95 2.92 -10.39
CA VAL A 56 0.56 2.70 -9.98
C VAL A 56 -0.21 1.94 -11.04
N GLU A 57 -0.96 0.92 -10.60
CA GLU A 57 -1.75 0.10 -11.50
C GLU A 57 -3.24 0.29 -11.25
N ASN A 58 -3.81 1.34 -11.84
CA ASN A 58 -5.23 1.64 -11.67
C ASN A 58 -6.08 0.61 -12.41
N SER A 59 -7.01 0.00 -11.68
CA SER A 59 -7.89 -1.01 -12.25
C SER A 59 -9.19 -1.11 -11.46
N GLU A 60 -10.20 -1.73 -12.06
CA GLU A 60 -11.50 -1.89 -11.41
C GLU A 60 -11.33 -2.38 -9.98
N ASN A 61 -10.71 -3.55 -9.83
CA ASN A 61 -10.49 -4.12 -8.51
C ASN A 61 -10.08 -3.05 -7.51
N GLY A 62 -9.21 -2.14 -7.95
CA GLY A 62 -8.75 -1.08 -7.08
C GLY A 62 -7.51 -0.39 -7.61
N SER A 63 -6.59 -0.04 -6.71
CA SER A 63 -5.36 0.64 -7.10
C SER A 63 -4.17 0.06 -6.36
N LYS A 64 -3.05 -0.10 -7.07
CA LYS A 64 -1.84 -0.64 -6.48
C LYS A 64 -0.69 0.36 -6.57
N LEU A 65 0.24 0.27 -5.63
CA LEU A 65 1.39 1.17 -5.60
C LEU A 65 2.69 0.39 -5.50
N THR A 66 3.35 0.19 -6.64
CA THR A 66 4.61 -0.54 -6.67
C THR A 66 5.80 0.39 -6.47
N ILE A 67 6.54 0.19 -5.39
CA ILE A 67 7.71 1.00 -5.09
C ILE A 67 8.99 0.29 -5.45
N LEU A 68 9.79 0.90 -6.33
CA LEU A 68 11.05 0.32 -6.75
C LEU A 68 12.21 0.85 -5.92
N ALA A 69 13.28 0.07 -5.82
CA ALA A 69 14.46 0.46 -5.06
C ALA A 69 14.06 1.17 -3.77
N ALA A 70 13.21 0.52 -2.99
CA ALA A 70 12.74 1.09 -1.72
C ALA A 70 13.85 1.91 -1.05
N ARG A 71 13.76 3.23 -1.17
CA ARG A 71 14.75 4.12 -0.59
C ARG A 71 14.39 4.45 0.87
N GLN A 72 15.35 5.00 1.60
CA GLN A 72 15.14 5.35 2.99
C GLN A 72 14.12 6.48 3.12
N GLU A 73 13.89 7.19 2.02
CA GLU A 73 12.94 8.30 2.01
C GLU A 73 11.51 7.77 1.81
N HIS A 74 11.40 6.65 1.12
CA HIS A 74 10.09 6.06 0.87
C HIS A 74 9.37 5.81 2.20
N CYS A 75 10.17 5.51 3.21
CA CYS A 75 9.64 5.23 4.55
C CYS A 75 8.63 6.29 4.95
N GLY A 76 7.52 5.85 5.54
CA GLY A 76 6.48 6.77 5.96
C GLY A 76 5.09 6.20 5.80
N CYS A 77 4.08 7.00 6.11
CA CYS A 77 2.70 6.57 6.00
C CYS A 77 2.08 7.05 4.69
N TYR A 78 1.24 6.21 4.08
CA TYR A 78 0.59 6.55 2.83
C TYR A 78 -0.90 6.77 3.02
N THR A 79 -1.59 7.13 1.95
CA THR A 79 -3.03 7.38 2.00
C THR A 79 -3.68 7.11 0.64
N LEU A 80 -4.44 6.02 0.57
CA LEU A 80 -5.13 5.65 -0.67
C LEU A 80 -6.52 6.26 -0.72
N LEU A 81 -6.73 7.18 -1.66
CA LEU A 81 -8.02 7.84 -1.81
C LEU A 81 -8.82 7.20 -2.94
N VAL A 82 -10.12 7.02 -2.71
CA VAL A 82 -10.99 6.43 -3.71
C VAL A 82 -12.32 7.18 -3.79
N GLU A 83 -12.49 7.96 -4.85
CA GLU A 83 -13.71 8.73 -5.05
C GLU A 83 -14.51 8.19 -6.23
N ASN A 84 -15.84 8.32 -6.15
CA ASN A 84 -16.72 7.85 -7.21
C ASN A 84 -18.02 8.63 -7.22
N LYS A 85 -18.90 8.29 -8.16
CA LYS A 85 -20.19 8.96 -8.29
C LYS A 85 -20.96 8.91 -6.97
N LEU A 86 -20.82 7.80 -6.25
CA LEU A 86 -21.51 7.63 -4.97
C LEU A 86 -20.91 8.55 -3.92
N GLY A 87 -19.74 8.20 -3.42
CA GLY A 87 -19.08 9.01 -2.41
C GLY A 87 -17.57 9.02 -2.56
N SER A 88 -16.87 8.80 -1.44
CA SER A 88 -15.41 8.78 -1.46
C SER A 88 -14.87 8.12 -0.18
N ARG A 89 -13.64 7.65 -0.25
CA ARG A 89 -13.01 7.01 0.90
C ARG A 89 -11.50 7.24 0.89
N GLN A 90 -10.86 7.00 2.03
CA GLN A 90 -9.42 7.19 2.16
C GLN A 90 -8.85 6.31 3.27
N ALA A 91 -7.85 5.51 2.91
CA ALA A 91 -7.21 4.63 3.87
C ALA A 91 -5.80 5.09 4.20
N GLN A 92 -5.13 4.34 5.08
CA GLN A 92 -3.77 4.68 5.49
C GLN A 92 -2.98 3.44 5.87
N VAL A 93 -1.67 3.49 5.67
CA VAL A 93 -0.80 2.36 6.00
C VAL A 93 0.63 2.82 6.26
N ASN A 94 1.14 2.49 7.44
CA ASN A 94 2.50 2.87 7.81
C ASN A 94 3.53 1.96 7.14
N LEU A 95 4.65 2.54 6.72
CA LEU A 95 5.70 1.77 6.07
C LEU A 95 7.08 2.18 6.59
N THR A 96 8.01 1.23 6.63
CA THR A 96 9.36 1.49 7.10
C THR A 96 10.39 0.85 6.19
N VAL A 97 11.55 1.49 6.07
CA VAL A 97 12.63 0.98 5.23
C VAL A 97 13.84 0.60 6.08
N VAL A 98 14.36 -0.60 5.84
CA VAL A 98 15.53 -1.08 6.57
C VAL A 98 16.64 -1.49 5.62
N ASP A 99 17.78 -0.82 5.72
CA ASP A 99 18.93 -1.11 4.87
C ASP A 99 19.88 -2.09 5.55
N LYS A 100 19.38 -2.75 6.59
CA LYS A 100 20.19 -3.72 7.33
C LYS A 100 20.86 -4.71 6.39
N PRO A 101 22.10 -5.11 6.73
CA PRO A 101 22.88 -6.05 5.92
C PRO A 101 22.30 -7.47 5.98
N ASP A 102 22.77 -8.32 5.08
CA ASP A 102 22.30 -9.70 5.02
C ASP A 102 22.92 -10.53 6.14
N PRO A 103 22.25 -11.62 6.52
CA PRO A 103 22.71 -12.51 7.58
C PRO A 103 23.95 -13.31 7.17
N PRO A 104 25.04 -13.14 7.93
CA PRO A 104 26.30 -13.83 7.67
C PRO A 104 26.22 -15.33 7.95
N ALA A 105 26.38 -16.14 6.91
CA ALA A 105 26.32 -17.59 7.06
C ALA A 105 27.66 -18.14 7.55
N GLY A 106 27.59 -19.15 8.40
CA GLY A 106 28.80 -19.76 8.93
C GLY A 106 28.70 -21.27 9.03
N THR A 107 27.94 -21.75 10.02
CA THR A 107 27.77 -23.19 10.21
C THR A 107 27.49 -23.89 8.90
N PRO A 108 28.04 -25.10 8.74
CA PRO A 108 27.86 -25.91 7.53
C PRO A 108 26.43 -26.44 7.40
N SER A 109 26.02 -26.71 6.16
CA SER A 109 24.68 -27.21 5.90
C SER A 109 24.47 -28.56 6.58
N GLY A 110 25.52 -29.39 6.58
CA GLY A 110 25.42 -30.70 7.19
C GLY A 110 26.74 -31.15 7.79
N PRO A 111 27.00 -30.75 9.04
CA PRO A 111 28.23 -31.10 9.76
C PRO A 111 28.29 -32.58 10.11
N SER A 112 29.49 -33.09 10.35
CA SER A 112 29.68 -34.50 10.71
C SER A 112 30.63 -34.63 11.88
N SER A 113 30.17 -35.34 12.92
CA SER A 113 30.98 -35.55 14.12
C SER A 113 31.78 -36.84 14.01
N GLY A 114 33.08 -36.76 14.30
CA GLY A 114 33.93 -37.93 14.25
C GLY A 114 34.43 -38.21 12.83
N GLY A 1 -22.20 -12.16 0.81
CA GLY A 1 -22.08 -10.92 1.55
C GLY A 1 -23.26 -9.99 1.32
N SER A 2 -22.96 -8.74 0.99
CA SER A 2 -24.01 -7.74 0.75
C SER A 2 -23.51 -6.65 -0.20
N SER A 3 -24.44 -5.82 -0.66
CA SER A 3 -24.10 -4.73 -1.56
C SER A 3 -24.67 -3.41 -1.07
N GLY A 4 -24.00 -2.31 -1.42
CA GLY A 4 -24.46 -1.00 -1.00
C GLY A 4 -23.98 0.10 -1.93
N SER A 5 -24.93 0.83 -2.51
CA SER A 5 -24.61 1.92 -3.43
C SER A 5 -24.56 3.26 -2.70
N SER A 6 -23.86 3.27 -1.57
CA SER A 6 -23.74 4.48 -0.76
C SER A 6 -22.41 5.18 -1.05
N GLY A 7 -21.37 4.39 -1.25
CA GLY A 7 -20.05 4.94 -1.53
C GLY A 7 -18.97 3.89 -1.59
N PRO A 8 -17.78 4.27 -2.07
CA PRO A 8 -16.64 3.37 -2.18
C PRO A 8 -16.07 2.97 -0.82
N GLN A 9 -15.47 1.79 -0.75
CA GLN A 9 -14.90 1.30 0.49
C GLN A 9 -13.77 0.31 0.21
N ILE A 10 -12.70 0.39 1.00
CA ILE A 10 -11.56 -0.49 0.84
C ILE A 10 -11.61 -1.65 1.83
N ILE A 11 -12.08 -2.81 1.35
CA ILE A 11 -12.18 -3.99 2.19
C ILE A 11 -10.84 -4.69 2.33
N GLN A 12 -9.96 -4.46 1.35
CA GLN A 12 -8.64 -5.07 1.37
C GLN A 12 -7.55 -4.00 1.29
N PHE A 13 -6.65 -4.00 2.26
CA PHE A 13 -5.55 -3.05 2.31
C PHE A 13 -4.40 -3.55 3.17
N PRO A 14 -3.17 -3.32 2.73
CA PRO A 14 -1.96 -3.75 3.44
C PRO A 14 -1.75 -2.95 4.73
N GLU A 15 -1.61 -3.66 5.84
CA GLU A 15 -1.40 -3.04 7.14
C GLU A 15 0.08 -2.71 7.35
N ASP A 16 0.38 -2.02 8.45
CA ASP A 16 1.75 -1.65 8.77
C ASP A 16 2.71 -2.79 8.43
N GLN A 17 3.66 -2.51 7.54
CA GLN A 17 4.63 -3.52 7.13
C GLN A 17 6.00 -2.89 6.95
N LYS A 18 7.02 -3.73 6.77
CA LYS A 18 8.38 -3.26 6.58
C LYS A 18 8.89 -3.60 5.18
N VAL A 19 10.08 -3.10 4.85
CA VAL A 19 10.67 -3.36 3.54
C VAL A 19 12.17 -3.07 3.55
N ARG A 20 12.96 -3.99 3.03
CA ARG A 20 14.41 -3.84 2.97
C ARG A 20 14.80 -2.80 1.92
N ALA A 21 15.52 -1.77 2.36
CA ALA A 21 15.96 -0.71 1.45
C ALA A 21 16.53 -1.29 0.16
N GLY A 22 15.82 -1.07 -0.94
CA GLY A 22 16.27 -1.57 -2.23
C GLY A 22 15.37 -2.68 -2.75
N GLU A 23 14.40 -3.09 -1.93
CA GLU A 23 13.48 -4.16 -2.32
C GLU A 23 12.35 -3.61 -3.18
N SER A 24 11.40 -4.48 -3.53
CA SER A 24 10.27 -4.09 -4.34
C SER A 24 8.95 -4.36 -3.62
N VAL A 25 8.25 -3.30 -3.26
CA VAL A 25 6.97 -3.43 -2.56
C VAL A 25 5.81 -3.04 -3.47
N GLU A 26 4.59 -3.35 -3.03
CA GLU A 26 3.40 -3.03 -3.81
C GLU A 26 2.16 -3.02 -2.91
N LEU A 27 1.49 -1.87 -2.86
CA LEU A 27 0.29 -1.73 -2.04
C LEU A 27 -0.95 -1.62 -2.92
N PHE A 28 -1.86 -2.58 -2.80
CA PHE A 28 -3.09 -2.58 -3.57
C PHE A 28 -4.31 -2.61 -2.66
N GLY A 29 -5.19 -1.62 -2.83
CA GLY A 29 -6.39 -1.55 -2.01
C GLY A 29 -7.64 -1.89 -2.79
N LYS A 30 -8.15 -3.10 -2.60
CA LYS A 30 -9.35 -3.53 -3.29
C LYS A 30 -10.55 -2.66 -2.92
N VAL A 31 -11.30 -2.24 -3.93
CA VAL A 31 -12.47 -1.40 -3.72
C VAL A 31 -13.72 -2.03 -4.31
N THR A 32 -14.85 -1.85 -3.62
CA THR A 32 -16.11 -2.41 -4.08
C THR A 32 -17.08 -1.30 -4.52
N GLY A 33 -17.67 -0.63 -3.54
CA GLY A 33 -18.60 0.45 -3.84
C GLY A 33 -19.38 0.20 -5.12
N THR A 34 -19.11 1.02 -6.14
CA THR A 34 -19.79 0.89 -7.42
C THR A 34 -18.98 1.52 -8.54
N GLN A 35 -18.44 0.69 -9.42
CA GLN A 35 -17.64 1.17 -10.54
C GLN A 35 -18.51 1.93 -11.54
N PRO A 36 -17.89 2.86 -12.28
CA PRO A 36 -16.46 3.16 -12.14
C PRO A 36 -16.13 3.85 -10.83
N ILE A 37 -14.90 3.69 -10.35
CA ILE A 37 -14.47 4.30 -9.10
C ILE A 37 -13.06 4.87 -9.24
N THR A 38 -12.91 6.14 -8.86
CA THR A 38 -11.62 6.81 -8.92
C THR A 38 -10.70 6.36 -7.79
N CYS A 39 -9.40 6.32 -8.07
CA CYS A 39 -8.42 5.91 -7.07
C CYS A 39 -7.15 6.74 -7.18
N THR A 40 -6.77 7.38 -6.07
CA THR A 40 -5.58 8.21 -6.05
C THR A 40 -4.67 7.82 -4.89
N TRP A 41 -3.36 7.90 -5.13
CA TRP A 41 -2.38 7.56 -4.11
C TRP A 41 -1.60 8.79 -3.66
N MET A 42 -1.61 9.05 -2.36
CA MET A 42 -0.90 10.20 -1.81
C MET A 42 -0.05 9.79 -0.61
N LYS A 43 0.86 10.68 -0.20
CA LYS A 43 1.74 10.40 0.92
C LYS A 43 2.06 11.69 1.69
N PHE A 44 1.62 11.74 2.94
CA PHE A 44 1.86 12.91 3.78
C PHE A 44 1.16 14.14 3.21
N ARG A 45 -0.11 13.97 2.84
CA ARG A 45 -0.90 15.06 2.28
C ARG A 45 -0.27 15.57 0.98
N LYS A 46 0.20 14.64 0.15
CA LYS A 46 0.81 15.01 -1.12
C LYS A 46 0.66 13.87 -2.14
N GLN A 47 -0.13 14.12 -3.17
CA GLN A 47 -0.35 13.12 -4.21
C GLN A 47 0.97 12.61 -4.77
N ILE A 48 1.10 11.29 -4.82
CA ILE A 48 2.32 10.67 -5.34
C ILE A 48 2.41 10.80 -6.85
N GLN A 49 3.64 10.86 -7.37
CA GLN A 49 3.86 10.98 -8.81
C GLN A 49 4.36 9.67 -9.39
N GLU A 50 3.70 9.20 -10.45
CA GLU A 50 4.08 7.96 -11.11
C GLU A 50 5.51 8.05 -11.64
N SER A 51 6.29 6.99 -11.38
CA SER A 51 7.67 6.95 -11.84
C SER A 51 8.31 5.61 -11.51
N GLU A 52 9.52 5.39 -12.00
CA GLU A 52 10.23 4.14 -11.76
C GLU A 52 10.37 3.87 -10.27
N HIS A 53 10.39 4.93 -9.49
CA HIS A 53 10.53 4.79 -8.05
C HIS A 53 9.17 4.39 -7.44
N MET A 54 8.13 5.01 -7.96
CA MET A 54 6.77 4.73 -7.49
C MET A 54 5.81 4.58 -8.68
N LYS A 55 5.43 3.35 -8.97
CA LYS A 55 4.52 3.07 -10.07
C LYS A 55 3.10 2.88 -9.56
N VAL A 56 2.13 3.01 -10.46
CA VAL A 56 0.73 2.85 -10.11
C VAL A 56 -0.03 2.08 -11.19
N GLU A 57 -0.78 1.07 -10.76
CA GLU A 57 -1.55 0.25 -11.69
C GLU A 57 -3.04 0.33 -11.38
N ASN A 58 -3.70 1.35 -11.93
CA ASN A 58 -5.12 1.55 -11.70
C ASN A 58 -5.94 0.51 -12.45
N SER A 59 -6.93 -0.06 -11.77
CA SER A 59 -7.79 -1.08 -12.37
C SER A 59 -9.10 -1.20 -11.62
N GLU A 60 -10.06 -1.90 -12.22
CA GLU A 60 -11.36 -2.08 -11.60
C GLU A 60 -11.23 -2.50 -10.15
N ASN A 61 -10.65 -3.68 -9.93
CA ASN A 61 -10.46 -4.20 -8.58
C ASN A 61 -10.07 -3.08 -7.62
N GLY A 62 -9.19 -2.19 -8.08
CA GLY A 62 -8.75 -1.09 -7.23
C GLY A 62 -7.51 -0.41 -7.78
N SER A 63 -6.66 0.06 -6.88
CA SER A 63 -5.43 0.74 -7.27
C SER A 63 -4.22 0.12 -6.58
N LYS A 64 -3.11 0.04 -7.30
CA LYS A 64 -1.88 -0.53 -6.75
C LYS A 64 -0.74 0.47 -6.84
N LEU A 65 0.18 0.40 -5.86
CA LEU A 65 1.32 1.31 -5.83
C LEU A 65 2.61 0.54 -5.55
N THR A 66 3.41 0.35 -6.58
CA THR A 66 4.67 -0.38 -6.44
C THR A 66 5.82 0.59 -6.20
N ILE A 67 6.72 0.22 -5.29
CA ILE A 67 7.88 1.05 -4.96
C ILE A 67 9.18 0.33 -5.28
N LEU A 68 9.93 0.89 -6.22
CA LEU A 68 11.21 0.30 -6.63
C LEU A 68 12.36 0.88 -5.81
N ALA A 69 13.39 0.07 -5.59
CA ALA A 69 14.55 0.51 -4.83
C ALA A 69 14.14 1.27 -3.57
N ALA A 70 13.17 0.71 -2.84
CA ALA A 70 12.68 1.33 -1.62
C ALA A 70 13.81 2.08 -0.89
N ARG A 71 13.77 3.40 -0.97
CA ARG A 71 14.79 4.23 -0.32
C ARG A 71 14.41 4.49 1.13
N GLN A 72 15.37 5.02 1.89
CA GLN A 72 15.15 5.33 3.31
C GLN A 72 14.06 6.38 3.47
N GLU A 73 13.90 7.23 2.46
CA GLU A 73 12.89 8.28 2.49
C GLU A 73 11.50 7.70 2.30
N HIS A 74 11.37 6.74 1.40
CA HIS A 74 10.09 6.12 1.14
C HIS A 74 9.33 5.92 2.46
N CYS A 75 10.08 5.49 3.47
CA CYS A 75 9.51 5.26 4.79
C CYS A 75 8.59 6.41 5.19
N GLY A 76 7.38 6.07 5.64
CA GLY A 76 6.43 7.08 6.05
C GLY A 76 5.01 6.55 6.12
N CYS A 77 4.06 7.32 5.63
CA CYS A 77 2.65 6.93 5.65
C CYS A 77 1.97 7.27 4.33
N TYR A 78 1.25 6.30 3.78
CA TYR A 78 0.54 6.51 2.52
C TYR A 78 -0.96 6.57 2.74
N THR A 79 -1.68 7.08 1.74
CA THR A 79 -3.13 7.19 1.81
C THR A 79 -3.77 6.99 0.45
N LEU A 80 -4.69 6.04 0.37
CA LEU A 80 -5.38 5.75 -0.89
C LEU A 80 -6.78 6.36 -0.89
N LEU A 81 -6.94 7.44 -1.64
CA LEU A 81 -8.23 8.12 -1.73
C LEU A 81 -9.02 7.63 -2.94
N VAL A 82 -10.21 7.08 -2.68
CA VAL A 82 -11.05 6.58 -3.74
C VAL A 82 -12.38 7.33 -3.79
N GLU A 83 -12.61 8.05 -4.89
CA GLU A 83 -13.84 8.81 -5.06
C GLU A 83 -14.64 8.30 -6.25
N ASN A 84 -15.96 8.37 -6.14
CA ASN A 84 -16.84 7.90 -7.20
C ASN A 84 -18.14 8.71 -7.22
N LYS A 85 -19.05 8.33 -8.11
CA LYS A 85 -20.33 9.02 -8.23
C LYS A 85 -21.10 8.97 -6.91
N LEU A 86 -20.90 7.90 -6.16
CA LEU A 86 -21.57 7.73 -4.87
C LEU A 86 -20.94 8.63 -3.81
N GLY A 87 -19.77 8.24 -3.33
CA GLY A 87 -19.08 9.03 -2.31
C GLY A 87 -17.57 8.98 -2.46
N SER A 88 -16.88 8.70 -1.36
CA SER A 88 -15.42 8.63 -1.38
C SER A 88 -14.91 7.91 -0.14
N ARG A 89 -13.62 7.58 -0.16
CA ARG A 89 -12.99 6.89 0.97
C ARG A 89 -11.49 7.14 0.99
N GLN A 90 -10.87 6.94 2.16
CA GLN A 90 -9.44 7.15 2.31
C GLN A 90 -8.86 6.15 3.31
N ALA A 91 -7.78 5.48 2.90
CA ALA A 91 -7.13 4.50 3.75
C ALA A 91 -5.80 5.04 4.29
N GLN A 92 -5.11 4.22 5.07
CA GLN A 92 -3.83 4.61 5.66
C GLN A 92 -2.97 3.40 5.96
N VAL A 93 -1.71 3.44 5.53
CA VAL A 93 -0.78 2.34 5.76
C VAL A 93 0.61 2.86 6.08
N ASN A 94 1.22 2.32 7.14
CA ASN A 94 2.55 2.73 7.55
C ASN A 94 3.61 1.79 6.97
N LEU A 95 4.73 2.36 6.56
CA LEU A 95 5.82 1.58 5.99
C LEU A 95 7.16 1.97 6.60
N THR A 96 8.08 1.02 6.66
CA THR A 96 9.41 1.27 7.23
C THR A 96 10.49 0.63 6.37
N VAL A 97 11.57 1.38 6.13
CA VAL A 97 12.68 0.90 5.32
C VAL A 97 13.85 0.47 6.20
N VAL A 98 14.44 -0.68 5.87
CA VAL A 98 15.57 -1.20 6.62
C VAL A 98 16.69 -1.65 5.70
N ASP A 99 17.89 -1.13 5.94
CA ASP A 99 19.05 -1.47 5.13
C ASP A 99 19.91 -2.52 5.83
N LYS A 100 19.33 -3.19 6.82
CA LYS A 100 20.04 -4.22 7.57
C LYS A 100 20.40 -5.40 6.67
N PRO A 101 21.58 -5.99 6.91
CA PRO A 101 22.06 -7.14 6.14
C PRO A 101 21.26 -8.41 6.42
N ASP A 102 21.02 -9.20 5.39
CA ASP A 102 20.26 -10.43 5.53
C ASP A 102 21.21 -11.60 5.84
N PRO A 103 20.66 -12.64 6.50
CA PRO A 103 21.43 -13.83 6.88
C PRO A 103 21.80 -14.68 5.67
N PRO A 104 23.08 -15.05 5.58
CA PRO A 104 23.60 -15.87 4.48
C PRO A 104 23.08 -17.31 4.53
N ALA A 105 22.24 -17.66 3.57
CA ALA A 105 21.68 -19.00 3.51
C ALA A 105 22.77 -20.05 3.60
N GLY A 106 22.39 -21.27 4.01
CA GLY A 106 23.35 -22.35 4.13
C GLY A 106 22.68 -23.69 4.35
N THR A 107 22.64 -24.51 3.30
CA THR A 107 22.03 -25.83 3.38
C THR A 107 23.05 -26.93 3.12
N PRO A 108 23.13 -27.91 4.03
CA PRO A 108 24.06 -29.03 3.89
C PRO A 108 23.67 -29.98 2.77
N SER A 109 24.66 -30.45 2.01
CA SER A 109 24.43 -31.36 0.91
C SER A 109 24.28 -32.80 1.40
N GLY A 110 23.54 -33.61 0.64
CA GLY A 110 23.33 -34.99 1.02
C GLY A 110 21.89 -35.43 0.85
N PRO A 111 21.01 -34.95 1.75
CA PRO A 111 19.59 -35.28 1.71
C PRO A 111 18.87 -34.65 0.52
N SER A 112 18.81 -35.39 -0.59
CA SER A 112 18.15 -34.90 -1.80
C SER A 112 16.64 -34.96 -1.66
N SER A 113 15.95 -34.01 -2.28
CA SER A 113 14.50 -33.96 -2.22
C SER A 113 13.89 -35.31 -2.56
N GLY A 114 14.39 -35.93 -3.62
CA GLY A 114 13.89 -37.24 -4.02
C GLY A 114 14.38 -38.35 -3.13
N GLY A 1 -27.11 -5.15 7.69
CA GLY A 1 -26.22 -5.29 6.55
C GLY A 1 -26.61 -4.38 5.40
N SER A 2 -25.62 -3.97 4.62
CA SER A 2 -25.86 -3.08 3.49
C SER A 2 -25.42 -3.74 2.18
N SER A 3 -26.20 -3.50 1.12
CA SER A 3 -25.89 -4.08 -0.18
C SER A 3 -26.39 -3.17 -1.30
N GLY A 4 -25.96 -3.46 -2.52
CA GLY A 4 -26.36 -2.67 -3.67
C GLY A 4 -25.34 -1.59 -4.02
N SER A 5 -25.77 -0.34 -4.03
CA SER A 5 -24.88 0.77 -4.36
C SER A 5 -24.84 1.78 -3.22
N SER A 6 -23.85 1.64 -2.35
CA SER A 6 -23.69 2.53 -1.21
C SER A 6 -22.52 3.49 -1.44
N GLY A 7 -21.51 3.01 -2.13
CA GLY A 7 -20.34 3.84 -2.41
C GLY A 7 -19.04 3.06 -2.34
N PRO A 8 -17.94 3.69 -2.77
CA PRO A 8 -16.62 3.06 -2.76
C PRO A 8 -16.07 2.86 -1.36
N GLN A 9 -15.50 1.69 -1.11
CA GLN A 9 -14.94 1.37 0.20
C GLN A 9 -13.74 0.44 0.07
N ILE A 10 -12.77 0.61 0.96
CA ILE A 10 -11.58 -0.23 0.95
C ILE A 10 -11.68 -1.36 1.95
N ILE A 11 -12.12 -2.53 1.49
CA ILE A 11 -12.26 -3.70 2.35
C ILE A 11 -10.92 -4.39 2.57
N GLN A 12 -10.02 -4.22 1.61
CA GLN A 12 -8.68 -4.83 1.71
C GLN A 12 -7.60 -3.77 1.56
N PHE A 13 -6.64 -3.79 2.48
CA PHE A 13 -5.54 -2.82 2.45
C PHE A 13 -4.41 -3.27 3.37
N PRO A 14 -3.16 -3.09 2.92
CA PRO A 14 -1.97 -3.47 3.69
C PRO A 14 -1.77 -2.57 4.91
N GLU A 15 -1.41 -3.18 6.03
CA GLU A 15 -1.18 -2.42 7.27
C GLU A 15 0.31 -2.13 7.45
N ASP A 16 0.65 -1.51 8.57
CA ASP A 16 2.03 -1.17 8.88
C ASP A 16 2.96 -2.35 8.55
N GLN A 17 3.80 -2.15 7.55
CA GLN A 17 4.74 -3.19 7.14
C GLN A 17 6.15 -2.63 6.96
N LYS A 18 7.11 -3.51 6.74
CA LYS A 18 8.50 -3.09 6.55
C LYS A 18 9.00 -3.48 5.16
N VAL A 19 10.17 -2.96 4.80
CA VAL A 19 10.76 -3.26 3.50
C VAL A 19 12.26 -2.98 3.50
N ARG A 20 13.03 -3.94 3.00
CA ARG A 20 14.48 -3.80 2.95
C ARG A 20 14.90 -2.83 1.85
N ALA A 21 15.53 -1.73 2.25
CA ALA A 21 15.97 -0.72 1.30
C ALA A 21 16.49 -1.36 0.01
N GLY A 22 15.78 -1.14 -1.09
CA GLY A 22 16.18 -1.70 -2.36
C GLY A 22 15.34 -2.90 -2.75
N GLU A 23 14.23 -3.10 -2.06
CA GLU A 23 13.33 -4.21 -2.33
C GLU A 23 12.13 -3.76 -3.15
N SER A 24 11.24 -4.70 -3.44
CA SER A 24 10.04 -4.40 -4.22
C SER A 24 8.78 -4.60 -3.38
N VAL A 25 8.02 -3.52 -3.22
CA VAL A 25 6.78 -3.58 -2.44
C VAL A 25 5.56 -3.31 -3.32
N GLU A 26 4.43 -3.89 -2.94
CA GLU A 26 3.20 -3.71 -3.69
C GLU A 26 2.03 -3.43 -2.76
N LEU A 27 1.57 -2.18 -2.74
CA LEU A 27 0.46 -1.79 -1.89
C LEU A 27 -0.83 -1.68 -2.70
N PHE A 28 -1.63 -2.74 -2.68
CA PHE A 28 -2.89 -2.76 -3.41
C PHE A 28 -4.07 -2.61 -2.45
N GLY A 29 -4.98 -1.70 -2.79
CA GLY A 29 -6.15 -1.47 -1.97
C GLY A 29 -7.45 -1.79 -2.67
N LYS A 30 -7.96 -3.00 -2.46
CA LYS A 30 -9.20 -3.43 -3.09
C LYS A 30 -10.33 -2.46 -2.77
N VAL A 31 -11.11 -2.10 -3.78
CA VAL A 31 -12.23 -1.19 -3.61
C VAL A 31 -13.51 -1.78 -4.16
N THR A 32 -14.63 -1.48 -3.51
CA THR A 32 -15.93 -1.99 -3.93
C THR A 32 -16.99 -0.90 -3.86
N GLY A 33 -17.94 -0.94 -4.80
CA GLY A 33 -19.01 0.05 -4.81
C GLY A 33 -19.77 0.05 -6.13
N THR A 34 -19.43 1.00 -7.00
CA THR A 34 -20.09 1.11 -8.30
C THR A 34 -19.21 1.84 -9.31
N GLN A 35 -18.63 1.09 -10.23
CA GLN A 35 -17.76 1.66 -11.26
C GLN A 35 -18.56 2.58 -12.18
N PRO A 36 -17.85 3.54 -12.79
CA PRO A 36 -16.41 3.73 -12.59
C PRO A 36 -16.09 4.24 -11.18
N ILE A 37 -14.84 4.07 -10.77
CA ILE A 37 -14.40 4.51 -9.46
C ILE A 37 -13.01 5.15 -9.52
N THR A 38 -12.91 6.37 -9.00
CA THR A 38 -11.64 7.10 -9.00
C THR A 38 -10.74 6.61 -7.87
N CYS A 39 -9.44 6.62 -8.12
CA CYS A 39 -8.47 6.19 -7.13
C CYS A 39 -7.22 7.08 -7.15
N THR A 40 -6.84 7.58 -5.98
CA THR A 40 -5.67 8.44 -5.87
C THR A 40 -4.72 7.95 -4.78
N TRP A 41 -3.43 7.92 -5.09
CA TRP A 41 -2.43 7.48 -4.13
C TRP A 41 -1.61 8.65 -3.62
N MET A 42 -1.81 9.02 -2.36
CA MET A 42 -1.08 10.12 -1.75
C MET A 42 -0.24 9.65 -0.57
N LYS A 43 0.58 10.54 -0.05
CA LYS A 43 1.45 10.20 1.09
C LYS A 43 1.80 11.45 1.89
N PHE A 44 1.44 11.45 3.17
CA PHE A 44 1.72 12.58 4.05
C PHE A 44 1.04 13.85 3.53
N ARG A 45 -0.23 13.71 3.14
CA ARG A 45 -0.99 14.85 2.64
C ARG A 45 -0.35 15.42 1.38
N LYS A 46 0.10 14.52 0.49
CA LYS A 46 0.74 14.94 -0.76
C LYS A 46 0.62 13.85 -1.81
N GLN A 47 -0.18 14.12 -2.85
CA GLN A 47 -0.37 13.15 -3.93
C GLN A 47 0.96 12.61 -4.41
N ILE A 48 1.05 11.29 -4.52
CA ILE A 48 2.27 10.64 -4.98
C ILE A 48 2.44 10.80 -6.49
N GLN A 49 3.69 11.01 -6.92
CA GLN A 49 3.98 11.18 -8.34
C GLN A 49 4.47 9.87 -8.95
N GLU A 50 3.81 9.45 -10.02
CA GLU A 50 4.18 8.21 -10.71
C GLU A 50 5.60 8.27 -11.22
N SER A 51 6.34 7.18 -11.03
CA SER A 51 7.73 7.11 -11.47
C SER A 51 8.30 5.72 -11.24
N GLU A 52 9.40 5.42 -11.92
CA GLU A 52 10.06 4.12 -11.79
C GLU A 52 10.23 3.75 -10.32
N HIS A 53 10.36 4.75 -9.47
CA HIS A 53 10.52 4.51 -8.05
C HIS A 53 9.17 4.23 -7.40
N MET A 54 8.16 4.96 -7.86
CA MET A 54 6.80 4.81 -7.36
C MET A 54 5.80 4.71 -8.50
N LYS A 55 5.42 3.49 -8.86
CA LYS A 55 4.48 3.26 -9.94
C LYS A 55 3.05 3.16 -9.40
N VAL A 56 2.10 2.94 -10.29
CA VAL A 56 0.69 2.82 -9.91
C VAL A 56 -0.07 1.93 -10.89
N GLU A 57 -0.81 0.97 -10.35
CA GLU A 57 -1.59 0.05 -11.18
C GLU A 57 -3.07 0.13 -10.82
N ASN A 58 -3.77 1.08 -11.43
CA ASN A 58 -5.19 1.26 -11.17
C ASN A 58 -6.02 0.32 -12.05
N SER A 59 -7.14 -0.14 -11.51
CA SER A 59 -8.02 -1.05 -12.23
C SER A 59 -9.31 -1.29 -11.45
N GLU A 60 -10.17 -2.16 -11.99
CA GLU A 60 -11.43 -2.48 -11.35
C GLU A 60 -11.23 -2.86 -9.88
N ASN A 61 -10.27 -3.75 -9.64
CA ASN A 61 -9.96 -4.19 -8.28
C ASN A 61 -9.70 -3.00 -7.37
N GLY A 62 -9.03 -1.98 -7.90
CA GLY A 62 -8.74 -0.80 -7.12
C GLY A 62 -7.49 -0.08 -7.61
N SER A 63 -6.56 0.19 -6.70
CA SER A 63 -5.33 0.89 -7.05
C SER A 63 -4.14 0.31 -6.30
N LYS A 64 -3.04 0.13 -7.00
CA LYS A 64 -1.82 -0.42 -6.39
C LYS A 64 -0.66 0.55 -6.53
N LEU A 65 0.29 0.46 -5.60
CA LEU A 65 1.46 1.34 -5.62
C LEU A 65 2.74 0.53 -5.47
N THR A 66 3.40 0.24 -6.59
CA THR A 66 4.64 -0.52 -6.58
C THR A 66 5.85 0.40 -6.38
N ILE A 67 6.58 0.18 -5.30
CA ILE A 67 7.76 0.98 -5.00
C ILE A 67 9.04 0.23 -5.34
N LEU A 68 9.77 0.73 -6.33
CA LEU A 68 11.02 0.12 -6.76
C LEU A 68 12.19 0.64 -5.94
N ALA A 69 13.21 -0.19 -5.78
CA ALA A 69 14.40 0.19 -5.03
C ALA A 69 14.03 1.00 -3.79
N ALA A 70 13.11 0.45 -2.99
CA ALA A 70 12.67 1.12 -1.76
C ALA A 70 13.81 1.91 -1.13
N ARG A 71 13.70 3.24 -1.19
CA ARG A 71 14.72 4.11 -0.61
C ARG A 71 14.43 4.39 0.86
N GLN A 72 15.48 4.75 1.60
CA GLN A 72 15.33 5.04 3.02
C GLN A 72 14.34 6.18 3.24
N GLU A 73 14.18 7.03 2.24
CA GLU A 73 13.27 8.16 2.33
C GLU A 73 11.83 7.71 2.07
N HIS A 74 11.65 6.82 1.10
CA HIS A 74 10.33 6.33 0.77
C HIS A 74 9.54 6.08 2.06
N CYS A 75 10.26 5.62 3.08
CA CYS A 75 9.65 5.34 4.37
C CYS A 75 8.66 6.43 4.76
N GLY A 76 7.43 6.03 5.05
CA GLY A 76 6.41 6.99 5.43
C GLY A 76 5.01 6.38 5.43
N CYS A 77 4.01 7.23 5.63
CA CYS A 77 2.62 6.77 5.64
C CYS A 77 1.91 7.13 4.35
N TYR A 78 1.27 6.14 3.74
CA TYR A 78 0.55 6.36 2.48
C TYR A 78 -0.95 6.43 2.72
N THR A 79 -1.68 6.87 1.70
CA THR A 79 -3.13 6.99 1.80
C THR A 79 -3.79 6.77 0.44
N LEU A 80 -4.78 5.88 0.39
CA LEU A 80 -5.49 5.59 -0.85
C LEU A 80 -6.88 6.20 -0.83
N LEU A 81 -7.08 7.26 -1.62
CA LEU A 81 -8.37 7.93 -1.69
C LEU A 81 -9.15 7.47 -2.92
N VAL A 82 -10.31 6.86 -2.69
CA VAL A 82 -11.15 6.39 -3.78
C VAL A 82 -12.49 7.12 -3.80
N GLU A 83 -12.67 7.96 -4.81
CA GLU A 83 -13.91 8.72 -4.96
C GLU A 83 -14.76 8.19 -6.10
N ASN A 84 -16.07 8.29 -5.96
CA ASN A 84 -16.99 7.82 -6.98
C ASN A 84 -18.32 8.56 -6.90
N LYS A 85 -19.03 8.63 -8.04
CA LYS A 85 -20.32 9.30 -8.09
C LYS A 85 -21.07 9.18 -6.77
N LEU A 86 -21.07 7.97 -6.22
CA LEU A 86 -21.75 7.72 -4.95
C LEU A 86 -21.06 8.45 -3.80
N GLY A 87 -19.91 7.93 -3.38
CA GLY A 87 -19.16 8.55 -2.30
C GLY A 87 -17.67 8.42 -2.47
N SER A 88 -16.93 8.54 -1.38
CA SER A 88 -15.48 8.44 -1.41
C SER A 88 -14.96 7.75 -0.15
N ARG A 89 -13.68 7.36 -0.19
CA ARG A 89 -13.05 6.69 0.94
C ARG A 89 -11.56 6.98 0.99
N GLN A 90 -10.97 6.86 2.18
CA GLN A 90 -9.54 7.10 2.35
C GLN A 90 -8.94 6.12 3.35
N ALA A 91 -7.82 5.52 2.97
CA ALA A 91 -7.14 4.55 3.82
C ALA A 91 -5.82 5.11 4.34
N GLN A 92 -5.07 4.29 5.06
CA GLN A 92 -3.79 4.71 5.63
C GLN A 92 -2.91 3.50 5.93
N VAL A 93 -1.63 3.61 5.58
CA VAL A 93 -0.68 2.52 5.81
C VAL A 93 0.72 3.06 6.08
N ASN A 94 1.40 2.47 7.07
CA ASN A 94 2.74 2.90 7.43
C ASN A 94 3.79 1.95 6.85
N LEU A 95 4.92 2.51 6.46
CA LEU A 95 6.00 1.71 5.89
C LEU A 95 7.35 2.11 6.49
N THR A 96 8.28 1.16 6.51
CA THR A 96 9.61 1.41 7.06
C THR A 96 10.69 0.77 6.19
N VAL A 97 11.76 1.53 5.93
CA VAL A 97 12.86 1.04 5.12
C VAL A 97 14.05 0.64 5.99
N VAL A 98 14.61 -0.54 5.70
CA VAL A 98 15.75 -1.04 6.46
C VAL A 98 16.84 -1.55 5.53
N ASP A 99 18.07 -1.12 5.79
CA ASP A 99 19.21 -1.54 4.97
C ASP A 99 20.04 -2.61 5.69
N LYS A 100 19.44 -3.22 6.70
CA LYS A 100 20.12 -4.26 7.47
C LYS A 100 19.22 -5.47 7.66
N PRO A 101 19.84 -6.64 7.85
CA PRO A 101 19.11 -7.91 8.05
C PRO A 101 18.40 -7.95 9.41
N ASP A 102 17.34 -8.75 9.49
CA ASP A 102 16.58 -8.88 10.73
C ASP A 102 16.99 -10.15 11.47
N PRO A 103 16.82 -10.12 12.80
CA PRO A 103 17.17 -11.25 13.66
C PRO A 103 16.22 -12.44 13.47
N PRO A 104 16.72 -13.64 13.76
CA PRO A 104 15.94 -14.88 13.63
C PRO A 104 14.82 -14.98 14.68
N ALA A 105 13.68 -15.52 14.26
CA ALA A 105 12.55 -15.68 15.15
C ALA A 105 11.54 -16.68 14.60
N GLY A 106 10.66 -17.18 15.47
CA GLY A 106 9.67 -18.14 15.05
C GLY A 106 8.64 -17.54 14.10
N THR A 107 8.86 -17.73 12.80
CA THR A 107 7.96 -17.20 11.79
C THR A 107 7.09 -18.31 11.19
N PRO A 108 5.83 -18.37 11.62
CA PRO A 108 4.88 -19.38 11.14
C PRO A 108 4.47 -19.14 9.69
N SER A 109 4.50 -20.20 8.89
CA SER A 109 4.14 -20.10 7.48
C SER A 109 2.82 -20.83 7.22
N GLY A 110 1.86 -20.10 6.66
CA GLY A 110 0.56 -20.69 6.35
C GLY A 110 -0.58 -19.73 6.64
N PRO A 111 -0.98 -18.96 5.62
CA PRO A 111 -2.08 -17.99 5.74
C PRO A 111 -3.44 -18.67 5.88
N SER A 112 -4.41 -17.94 6.40
CA SER A 112 -5.75 -18.47 6.60
C SER A 112 -6.50 -18.52 5.28
N SER A 113 -7.20 -19.63 5.06
CA SER A 113 -7.97 -19.82 3.83
C SER A 113 -7.23 -19.22 2.63
N GLY A 114 -5.92 -19.45 2.58
CA GLY A 114 -5.12 -18.92 1.49
C GLY A 114 -4.02 -19.88 1.07
N GLY A 1 -33.85 0.64 5.48
CA GLY A 1 -33.23 1.48 4.46
C GLY A 1 -32.83 0.68 3.24
N SER A 2 -31.74 1.10 2.60
CA SER A 2 -31.24 0.42 1.41
C SER A 2 -29.72 0.35 1.42
N SER A 3 -29.19 -0.83 1.09
CA SER A 3 -27.75 -1.05 1.07
C SER A 3 -27.29 -1.47 -0.32
N GLY A 4 -25.98 -1.42 -0.55
CA GLY A 4 -25.43 -1.81 -1.83
C GLY A 4 -24.60 -0.71 -2.46
N SER A 5 -25.21 0.46 -2.66
CA SER A 5 -24.51 1.59 -3.26
C SER A 5 -24.42 2.74 -2.28
N SER A 6 -23.43 2.68 -1.39
CA SER A 6 -23.23 3.72 -0.39
C SER A 6 -21.75 4.10 -0.28
N GLY A 7 -21.29 4.90 -1.25
CA GLY A 7 -19.89 5.32 -1.25
C GLY A 7 -18.94 4.14 -1.31
N PRO A 8 -17.77 4.37 -1.94
CA PRO A 8 -16.74 3.33 -2.07
C PRO A 8 -16.07 3.00 -0.74
N GLN A 9 -15.51 1.79 -0.65
CA GLN A 9 -14.84 1.35 0.56
C GLN A 9 -13.68 0.42 0.24
N ILE A 10 -12.69 0.41 1.11
CA ILE A 10 -11.51 -0.44 0.91
C ILE A 10 -11.53 -1.63 1.88
N ILE A 11 -11.98 -2.78 1.38
CA ILE A 11 -12.04 -4.00 2.19
C ILE A 11 -10.68 -4.67 2.27
N GLN A 12 -9.83 -4.38 1.29
CA GLN A 12 -8.49 -4.97 1.26
C GLN A 12 -7.42 -3.88 1.20
N PHE A 13 -6.47 -3.94 2.12
CA PHE A 13 -5.39 -2.95 2.17
C PHE A 13 -4.26 -3.44 3.07
N PRO A 14 -3.01 -3.20 2.62
CA PRO A 14 -1.81 -3.61 3.37
C PRO A 14 -1.62 -2.79 4.65
N GLU A 15 -1.54 -3.49 5.78
CA GLU A 15 -1.36 -2.82 7.06
C GLU A 15 0.11 -2.53 7.31
N ASP A 16 0.39 -1.82 8.40
CA ASP A 16 1.76 -1.46 8.75
C ASP A 16 2.72 -2.62 8.44
N GLN A 17 3.64 -2.37 7.51
CA GLN A 17 4.61 -3.38 7.12
C GLN A 17 6.00 -2.77 6.97
N LYS A 18 6.99 -3.62 6.70
CA LYS A 18 8.36 -3.17 6.53
C LYS A 18 8.91 -3.59 5.16
N VAL A 19 10.07 -3.04 4.81
CA VAL A 19 10.69 -3.36 3.53
C VAL A 19 12.17 -2.98 3.54
N ARG A 20 13.01 -3.88 3.01
CA ARG A 20 14.44 -3.64 2.95
C ARG A 20 14.78 -2.59 1.91
N ALA A 21 15.70 -1.70 2.26
CA ALA A 21 16.12 -0.64 1.33
C ALA A 21 16.58 -1.21 0.00
N GLY A 22 15.79 -0.98 -1.04
CA GLY A 22 16.14 -1.48 -2.36
C GLY A 22 15.16 -2.53 -2.85
N GLU A 23 14.41 -3.13 -1.93
CA GLU A 23 13.44 -4.14 -2.28
C GLU A 23 12.26 -3.54 -3.04
N SER A 24 11.26 -4.35 -3.33
CA SER A 24 10.07 -3.90 -4.06
C SER A 24 8.80 -4.26 -3.29
N VAL A 25 7.92 -3.26 -3.15
CA VAL A 25 6.65 -3.47 -2.45
C VAL A 25 5.47 -3.27 -3.38
N GLU A 26 4.35 -3.91 -3.04
CA GLU A 26 3.14 -3.80 -3.85
C GLU A 26 1.92 -3.57 -2.97
N LEU A 27 1.49 -2.32 -2.90
CA LEU A 27 0.32 -1.95 -2.08
C LEU A 27 -0.93 -1.80 -2.96
N PHE A 28 -1.84 -2.75 -2.84
CA PHE A 28 -3.08 -2.72 -3.61
C PHE A 28 -4.30 -2.62 -2.69
N GLY A 29 -5.15 -1.63 -2.96
CA GLY A 29 -6.33 -1.44 -2.14
C GLY A 29 -7.61 -1.76 -2.90
N LYS A 30 -8.13 -2.97 -2.69
CA LYS A 30 -9.36 -3.40 -3.35
C LYS A 30 -10.53 -2.52 -2.94
N VAL A 31 -11.35 -2.15 -3.93
CA VAL A 31 -12.51 -1.31 -3.66
C VAL A 31 -13.79 -1.94 -4.24
N THR A 32 -14.89 -1.78 -3.51
CA THR A 32 -16.17 -2.34 -3.96
C THR A 32 -17.10 -1.24 -4.46
N GLY A 33 -17.69 -0.50 -3.54
CA GLY A 33 -18.59 0.56 -3.90
C GLY A 33 -19.33 0.28 -5.20
N THR A 34 -19.42 1.29 -6.06
CA THR A 34 -20.11 1.14 -7.34
C THR A 34 -19.21 1.52 -8.50
N GLN A 35 -18.62 0.52 -9.14
CA GLN A 35 -17.73 0.75 -10.27
C GLN A 35 -18.47 1.41 -11.43
N PRO A 36 -17.73 2.19 -12.24
CA PRO A 36 -16.30 2.41 -12.04
C PRO A 36 -16.01 3.25 -10.81
N ILE A 37 -14.82 3.07 -10.24
CA ILE A 37 -14.42 3.82 -9.06
C ILE A 37 -13.02 4.41 -9.23
N THR A 38 -12.89 5.70 -8.91
CA THR A 38 -11.60 6.37 -9.03
C THR A 38 -10.66 5.97 -7.91
N CYS A 39 -9.36 6.07 -8.17
CA CYS A 39 -8.35 5.71 -7.17
C CYS A 39 -7.12 6.62 -7.29
N THR A 40 -6.63 7.09 -6.14
CA THR A 40 -5.47 7.96 -6.12
C THR A 40 -4.57 7.64 -4.93
N TRP A 41 -3.26 7.69 -5.16
CA TRP A 41 -2.29 7.41 -4.11
C TRP A 41 -1.57 8.68 -3.67
N MET A 42 -1.54 8.91 -2.37
CA MET A 42 -0.88 10.10 -1.82
C MET A 42 -0.08 9.74 -0.58
N LYS A 43 0.92 10.56 -0.27
CA LYS A 43 1.77 10.34 0.90
C LYS A 43 2.02 11.65 1.64
N PHE A 44 1.73 11.66 2.94
CA PHE A 44 1.93 12.84 3.77
C PHE A 44 1.18 14.03 3.19
N ARG A 45 -0.10 13.85 2.89
CA ARG A 45 -0.92 14.90 2.33
C ARG A 45 -0.31 15.46 1.05
N LYS A 46 0.20 14.56 0.22
CA LYS A 46 0.83 14.96 -1.04
C LYS A 46 0.71 13.85 -2.08
N GLN A 47 -0.18 14.02 -3.04
CA GLN A 47 -0.38 13.03 -4.09
C GLN A 47 0.95 12.51 -4.61
N ILE A 48 1.04 11.21 -4.80
CA ILE A 48 2.26 10.59 -5.29
C ILE A 48 2.41 10.79 -6.81
N GLN A 49 3.65 10.82 -7.27
CA GLN A 49 3.92 11.02 -8.69
C GLN A 49 4.53 9.75 -9.30
N GLU A 50 3.88 9.23 -10.34
CA GLU A 50 4.35 8.02 -11.01
C GLU A 50 5.79 8.20 -11.48
N SER A 51 6.59 7.16 -11.27
CA SER A 51 7.99 7.19 -11.67
C SER A 51 8.64 5.82 -11.46
N GLU A 52 9.89 5.69 -11.92
CA GLU A 52 10.62 4.44 -11.79
C GLU A 52 10.85 4.08 -10.32
N HIS A 53 10.45 4.98 -9.44
CA HIS A 53 10.60 4.75 -8.02
C HIS A 53 9.25 4.40 -7.40
N MET A 54 8.21 5.03 -7.92
CA MET A 54 6.85 4.81 -7.45
C MET A 54 5.88 4.65 -8.62
N LYS A 55 5.38 3.43 -8.80
CA LYS A 55 4.44 3.14 -9.88
C LYS A 55 2.99 3.24 -9.38
N VAL A 56 2.05 2.93 -10.28
CA VAL A 56 0.63 2.98 -9.92
C VAL A 56 -0.20 2.17 -10.91
N GLU A 57 -0.94 1.20 -10.39
CA GLU A 57 -1.78 0.36 -11.23
C GLU A 57 -3.26 0.64 -10.98
N ASN A 58 -3.75 1.74 -11.56
CA ASN A 58 -5.15 2.13 -11.40
C ASN A 58 -6.06 1.28 -12.29
N SER A 59 -7.06 0.65 -11.66
CA SER A 59 -7.99 -0.20 -12.40
C SER A 59 -9.32 -0.30 -11.66
N GLU A 60 -10.23 -1.09 -12.21
CA GLU A 60 -11.55 -1.27 -11.60
C GLU A 60 -11.42 -1.82 -10.18
N ASN A 61 -11.00 -3.07 -10.07
CA ASN A 61 -10.83 -3.70 -8.77
C ASN A 61 -10.32 -2.71 -7.73
N GLY A 62 -9.45 -1.80 -8.18
CA GLY A 62 -8.89 -0.81 -7.28
C GLY A 62 -7.64 -0.15 -7.84
N SER A 63 -6.61 -0.06 -7.02
CA SER A 63 -5.36 0.56 -7.44
C SER A 63 -4.17 -0.02 -6.68
N LYS A 64 -3.04 -0.15 -7.36
CA LYS A 64 -1.84 -0.69 -6.74
C LYS A 64 -0.70 0.32 -6.79
N LEU A 65 0.25 0.19 -5.86
CA LEU A 65 1.39 1.09 -5.80
C LEU A 65 2.69 0.32 -5.65
N THR A 66 3.34 0.04 -6.77
CA THR A 66 4.60 -0.70 -6.78
C THR A 66 5.79 0.24 -6.55
N ILE A 67 6.47 0.06 -5.42
CA ILE A 67 7.62 0.89 -5.09
C ILE A 67 8.92 0.17 -5.45
N LEU A 68 9.70 0.80 -6.32
CA LEU A 68 10.98 0.24 -6.74
C LEU A 68 12.14 0.83 -5.94
N ALA A 69 13.16 0.02 -5.71
CA ALA A 69 14.33 0.46 -4.97
C ALA A 69 13.93 1.18 -3.68
N ALA A 70 13.10 0.52 -2.88
CA ALA A 70 12.63 1.10 -1.62
C ALA A 70 13.70 1.97 -0.98
N ARG A 71 13.49 3.28 -0.99
CA ARG A 71 14.44 4.22 -0.42
C ARG A 71 14.09 4.52 1.04
N GLN A 72 15.11 4.84 1.82
CA GLN A 72 14.92 5.14 3.24
C GLN A 72 13.86 6.24 3.41
N GLU A 73 13.72 7.08 2.39
CA GLU A 73 12.75 8.16 2.44
C GLU A 73 11.32 7.62 2.30
N HIS A 74 11.16 6.62 1.46
CA HIS A 74 9.84 6.03 1.26
C HIS A 74 9.16 5.79 2.60
N CYS A 75 9.98 5.53 3.61
CA CYS A 75 9.49 5.28 4.96
C CYS A 75 8.55 6.40 5.40
N GLY A 76 7.28 6.05 5.61
CA GLY A 76 6.30 7.03 6.03
C GLY A 76 4.90 6.47 6.07
N CYS A 77 3.92 7.33 5.79
CA CYS A 77 2.51 6.91 5.80
C CYS A 77 1.84 7.27 4.48
N TYR A 78 1.22 6.27 3.85
CA TYR A 78 0.54 6.48 2.58
C TYR A 78 -0.98 6.56 2.79
N THR A 79 -1.69 6.99 1.75
CA THR A 79 -3.14 7.11 1.81
C THR A 79 -3.77 6.91 0.43
N LEU A 80 -4.60 5.90 0.31
CA LEU A 80 -5.27 5.59 -0.95
C LEU A 80 -6.68 6.19 -0.98
N LEU A 81 -6.88 7.18 -1.84
CA LEU A 81 -8.17 7.84 -1.97
C LEU A 81 -8.96 7.26 -3.14
N VAL A 82 -10.14 6.72 -2.85
CA VAL A 82 -10.99 6.14 -3.87
C VAL A 82 -12.30 6.89 -3.99
N GLU A 83 -12.39 7.78 -4.99
CA GLU A 83 -13.59 8.57 -5.20
C GLU A 83 -14.46 7.94 -6.29
N ASN A 84 -15.76 8.19 -6.22
CA ASN A 84 -16.70 7.66 -7.19
C ASN A 84 -17.96 8.52 -7.28
N LYS A 85 -18.93 8.08 -8.07
CA LYS A 85 -20.19 8.80 -8.22
C LYS A 85 -20.87 9.02 -6.88
N LEU A 86 -20.90 7.96 -6.07
CA LEU A 86 -21.53 8.04 -4.76
C LEU A 86 -20.74 8.94 -3.82
N GLY A 87 -19.57 8.47 -3.38
CA GLY A 87 -18.74 9.26 -2.49
C GLY A 87 -17.26 8.98 -2.70
N SER A 88 -16.53 8.83 -1.60
CA SER A 88 -15.10 8.57 -1.66
C SER A 88 -14.59 7.99 -0.34
N ARG A 89 -13.49 7.25 -0.41
CA ARG A 89 -12.91 6.64 0.77
C ARG A 89 -11.40 6.88 0.83
N GLN A 90 -10.82 6.74 2.01
CA GLN A 90 -9.38 6.94 2.19
C GLN A 90 -8.81 5.96 3.21
N ALA A 91 -7.64 5.42 2.90
CA ALA A 91 -6.99 4.46 3.79
C ALA A 91 -5.65 5.00 4.28
N GLN A 92 -4.95 4.18 5.07
CA GLN A 92 -3.65 4.57 5.61
C GLN A 92 -2.82 3.35 5.94
N VAL A 93 -1.55 3.36 5.52
CA VAL A 93 -0.65 2.26 5.78
C VAL A 93 0.76 2.75 6.09
N ASN A 94 1.25 2.45 7.28
CA ASN A 94 2.58 2.86 7.70
C ASN A 94 3.65 1.94 7.12
N LEU A 95 4.71 2.53 6.59
CA LEU A 95 5.80 1.76 6.01
C LEU A 95 7.13 2.09 6.68
N THR A 96 8.05 1.14 6.68
CA THR A 96 9.36 1.34 7.28
C THR A 96 10.47 0.77 6.41
N VAL A 97 11.50 1.56 6.17
CA VAL A 97 12.63 1.12 5.34
C VAL A 97 13.81 0.71 6.21
N VAL A 98 14.38 -0.44 5.89
CA VAL A 98 15.54 -0.96 6.64
C VAL A 98 16.65 -1.39 5.69
N ASP A 99 17.82 -0.76 5.85
CA ASP A 99 18.98 -1.09 5.02
C ASP A 99 19.87 -2.12 5.70
N LYS A 100 19.33 -2.77 6.74
CA LYS A 100 20.08 -3.78 7.47
C LYS A 100 20.24 -5.05 6.63
N PRO A 101 21.39 -5.72 6.78
CA PRO A 101 21.70 -6.96 6.05
C PRO A 101 20.85 -8.13 6.53
N ASP A 102 20.73 -9.15 5.69
CA ASP A 102 19.94 -10.33 6.02
C ASP A 102 20.63 -11.60 5.52
N PRO A 103 20.50 -12.68 6.30
CA PRO A 103 21.10 -13.98 5.96
C PRO A 103 20.44 -14.64 4.75
N PRO A 104 21.24 -15.38 3.98
CA PRO A 104 20.76 -16.08 2.78
C PRO A 104 19.83 -17.23 3.11
N ALA A 105 18.53 -16.95 3.14
CA ALA A 105 17.52 -17.97 3.45
C ALA A 105 17.83 -19.28 2.72
N GLY A 106 18.44 -20.22 3.42
CA GLY A 106 18.77 -21.50 2.83
C GLY A 106 18.83 -22.62 3.85
N THR A 107 18.51 -23.83 3.41
CA THR A 107 18.52 -24.99 4.29
C THR A 107 19.66 -24.89 5.30
N PRO A 108 19.36 -25.26 6.56
CA PRO A 108 20.35 -25.24 7.65
C PRO A 108 21.42 -26.30 7.48
N SER A 109 22.55 -26.10 8.16
CA SER A 109 23.65 -27.05 8.09
C SER A 109 23.21 -28.45 8.52
N GLY A 110 22.80 -29.27 7.55
CA GLY A 110 22.37 -30.61 7.86
C GLY A 110 20.89 -30.67 8.23
N PRO A 111 20.51 -31.70 8.98
CA PRO A 111 19.12 -31.89 9.42
C PRO A 111 18.70 -30.86 10.47
N SER A 112 17.54 -30.25 10.24
CA SER A 112 17.02 -29.24 11.16
C SER A 112 16.59 -29.86 12.47
N SER A 113 15.74 -30.89 12.38
CA SER A 113 15.24 -31.58 13.56
C SER A 113 16.40 -32.17 14.37
N GLY A 114 16.13 -32.48 15.63
CA GLY A 114 17.16 -33.04 16.49
C GLY A 114 17.06 -34.55 16.59
N GLY A 1 -28.67 9.07 2.91
CA GLY A 1 -27.62 9.31 1.95
C GLY A 1 -27.95 8.75 0.57
N SER A 2 -27.18 7.77 0.14
CA SER A 2 -27.40 7.15 -1.17
C SER A 2 -28.07 5.79 -1.02
N SER A 3 -29.40 5.78 -1.06
CA SER A 3 -30.17 4.55 -0.92
C SER A 3 -29.89 3.61 -2.09
N GLY A 4 -29.32 2.44 -1.78
CA GLY A 4 -29.01 1.48 -2.81
C GLY A 4 -27.52 1.36 -3.07
N SER A 5 -27.06 1.99 -4.15
CA SER A 5 -25.65 1.96 -4.52
C SER A 5 -24.78 2.44 -3.37
N SER A 6 -23.91 1.56 -2.86
CA SER A 6 -23.03 1.90 -1.76
C SER A 6 -21.76 2.57 -2.27
N GLY A 7 -21.30 3.59 -1.54
CA GLY A 7 -20.10 4.29 -1.94
C GLY A 7 -18.87 3.41 -1.95
N PRO A 8 -17.73 3.96 -2.39
CA PRO A 8 -16.47 3.23 -2.46
C PRO A 8 -15.91 2.90 -1.08
N GLN A 9 -15.34 1.71 -0.94
CA GLN A 9 -14.76 1.28 0.33
C GLN A 9 -13.62 0.30 0.10
N ILE A 10 -12.59 0.38 0.95
CA ILE A 10 -11.44 -0.50 0.84
C ILE A 10 -11.56 -1.69 1.79
N ILE A 11 -12.04 -2.81 1.28
CA ILE A 11 -12.20 -4.01 2.09
C ILE A 11 -10.88 -4.73 2.26
N GLN A 12 -9.96 -4.53 1.32
CA GLN A 12 -8.65 -5.16 1.38
C GLN A 12 -7.54 -4.12 1.27
N PHE A 13 -6.67 -4.09 2.27
CA PHE A 13 -5.57 -3.13 2.29
C PHE A 13 -4.44 -3.63 3.19
N PRO A 14 -3.19 -3.43 2.73
CA PRO A 14 -2.00 -3.86 3.49
C PRO A 14 -1.78 -3.03 4.73
N GLU A 15 -1.69 -3.69 5.88
CA GLU A 15 -1.47 -3.01 7.15
C GLU A 15 0.00 -2.66 7.34
N ASP A 16 0.29 -1.95 8.43
CA ASP A 16 1.67 -1.55 8.72
C ASP A 16 2.64 -2.68 8.42
N GLN A 17 3.64 -2.39 7.60
CA GLN A 17 4.64 -3.39 7.24
C GLN A 17 6.02 -2.74 7.07
N LYS A 18 7.04 -3.57 6.85
CA LYS A 18 8.40 -3.09 6.67
C LYS A 18 8.97 -3.54 5.33
N VAL A 19 10.13 -3.00 4.96
CA VAL A 19 10.78 -3.34 3.71
C VAL A 19 12.26 -3.00 3.74
N ARG A 20 13.06 -3.77 3.00
CA ARG A 20 14.49 -3.55 2.96
C ARG A 20 14.86 -2.54 1.87
N ALA A 21 15.41 -1.40 2.28
CA ALA A 21 15.79 -0.36 1.34
C ALA A 21 16.34 -0.95 0.05
N GLY A 22 15.57 -0.82 -1.03
CA GLY A 22 15.99 -1.36 -2.31
C GLY A 22 15.16 -2.54 -2.75
N GLU A 23 14.17 -2.90 -1.94
CA GLU A 23 13.29 -4.03 -2.24
C GLU A 23 12.08 -3.58 -3.06
N SER A 24 11.23 -4.53 -3.42
CA SER A 24 10.04 -4.23 -4.20
C SER A 24 8.77 -4.51 -3.39
N VAL A 25 7.99 -3.47 -3.15
CA VAL A 25 6.76 -3.60 -2.39
C VAL A 25 5.54 -3.39 -3.28
N GLU A 26 4.41 -3.99 -2.89
CA GLU A 26 3.18 -3.86 -3.65
C GLU A 26 1.99 -3.57 -2.73
N LEU A 27 1.52 -2.33 -2.76
CA LEU A 27 0.38 -1.92 -1.93
C LEU A 27 -0.86 -1.72 -2.77
N PHE A 28 -1.82 -2.63 -2.63
CA PHE A 28 -3.06 -2.55 -3.39
C PHE A 28 -4.26 -2.48 -2.45
N GLY A 29 -5.21 -1.60 -2.77
CA GLY A 29 -6.39 -1.46 -1.94
C GLY A 29 -7.67 -1.81 -2.68
N LYS A 30 -8.07 -3.07 -2.62
CA LYS A 30 -9.27 -3.52 -3.29
C LYS A 30 -10.46 -2.64 -2.93
N VAL A 31 -11.24 -2.26 -3.95
CA VAL A 31 -12.40 -1.41 -3.73
C VAL A 31 -13.65 -2.05 -4.34
N THR A 32 -14.80 -1.84 -3.68
CA THR A 32 -16.06 -2.39 -4.16
C THR A 32 -16.99 -1.29 -4.66
N GLY A 33 -17.59 -0.57 -3.73
CA GLY A 33 -18.50 0.50 -4.09
C GLY A 33 -19.22 0.24 -5.40
N THR A 34 -19.20 1.21 -6.30
CA THR A 34 -19.85 1.09 -7.59
C THR A 34 -19.01 1.71 -8.70
N GLN A 35 -18.38 0.86 -9.51
CA GLN A 35 -17.54 1.34 -10.61
C GLN A 35 -18.38 2.05 -11.66
N PRO A 36 -17.74 2.96 -12.40
CA PRO A 36 -16.32 3.27 -12.23
C PRO A 36 -16.04 4.00 -10.92
N ILE A 37 -14.81 3.89 -10.42
CA ILE A 37 -14.42 4.54 -9.18
C ILE A 37 -13.01 5.12 -9.29
N THR A 38 -12.86 6.38 -8.91
CA THR A 38 -11.56 7.05 -8.96
C THR A 38 -10.63 6.50 -7.88
N CYS A 39 -9.33 6.53 -8.17
CA CYS A 39 -8.33 6.04 -7.23
C CYS A 39 -7.05 6.87 -7.32
N THR A 40 -6.61 7.38 -6.18
CA THR A 40 -5.40 8.20 -6.13
C THR A 40 -4.51 7.80 -4.95
N TRP A 41 -3.21 7.74 -5.18
CA TRP A 41 -2.26 7.37 -4.14
C TRP A 41 -1.48 8.59 -3.66
N MET A 42 -1.61 8.88 -2.36
CA MET A 42 -0.92 10.02 -1.77
C MET A 42 -0.26 9.64 -0.46
N LYS A 43 0.84 10.31 -0.12
CA LYS A 43 1.57 10.04 1.11
C LYS A 43 1.77 11.31 1.92
N PHE A 44 1.28 11.30 3.16
CA PHE A 44 1.41 12.46 4.03
C PHE A 44 0.78 13.70 3.39
N ARG A 45 -0.43 13.53 2.87
CA ARG A 45 -1.15 14.64 2.22
C ARG A 45 -0.38 15.14 1.01
N LYS A 46 0.37 14.25 0.37
CA LYS A 46 1.16 14.61 -0.81
C LYS A 46 0.90 13.63 -1.95
N GLN A 47 0.27 14.12 -3.00
CA GLN A 47 -0.04 13.27 -4.16
C GLN A 47 1.22 12.61 -4.70
N ILE A 48 1.23 11.29 -4.74
CA ILE A 48 2.37 10.52 -5.23
C ILE A 48 2.60 10.78 -6.72
N GLN A 49 3.86 10.76 -7.13
CA GLN A 49 4.22 10.99 -8.52
C GLN A 49 4.66 9.68 -9.19
N GLU A 50 3.99 9.34 -10.29
CA GLU A 50 4.31 8.11 -11.02
C GLU A 50 5.75 8.15 -11.53
N SER A 51 6.46 7.05 -11.35
CA SER A 51 7.86 6.96 -11.79
C SER A 51 8.38 5.54 -11.61
N GLU A 52 9.55 5.27 -12.20
CA GLU A 52 10.17 3.95 -12.10
C GLU A 52 10.38 3.55 -10.65
N HIS A 53 10.29 4.52 -9.75
CA HIS A 53 10.47 4.26 -8.33
C HIS A 53 9.11 4.07 -7.66
N MET A 54 8.13 4.82 -8.17
CA MET A 54 6.77 4.76 -7.64
C MET A 54 5.75 4.65 -8.77
N LYS A 55 5.34 3.42 -9.07
CA LYS A 55 4.37 3.18 -10.14
C LYS A 55 2.96 3.08 -9.57
N VAL A 56 1.96 3.12 -10.45
CA VAL A 56 0.56 3.03 -10.04
C VAL A 56 -0.26 2.26 -11.06
N GLU A 57 -0.99 1.25 -10.59
CA GLU A 57 -1.82 0.44 -11.46
C GLU A 57 -3.28 0.50 -11.03
N ASN A 58 -3.98 1.53 -11.50
CA ASN A 58 -5.39 1.72 -11.17
C ASN A 58 -6.28 0.89 -12.09
N SER A 59 -7.17 0.11 -11.49
CA SER A 59 -8.09 -0.74 -12.26
C SER A 59 -9.38 -1.00 -11.48
N GLU A 60 -10.25 -1.82 -12.05
CA GLU A 60 -11.52 -2.16 -11.42
C GLU A 60 -11.29 -2.65 -9.99
N ASN A 61 -10.38 -3.59 -9.83
CA ASN A 61 -10.07 -4.15 -8.52
C ASN A 61 -9.76 -3.04 -7.51
N GLY A 62 -9.06 -2.01 -7.97
CA GLY A 62 -8.71 -0.90 -7.10
C GLY A 62 -7.49 -0.14 -7.59
N SER A 63 -6.52 0.03 -6.72
CA SER A 63 -5.29 0.76 -7.06
C SER A 63 -4.09 0.16 -6.35
N LYS A 64 -3.01 -0.06 -7.10
CA LYS A 64 -1.79 -0.62 -6.54
C LYS A 64 -0.62 0.37 -6.65
N LEU A 65 0.29 0.31 -5.68
CA LEU A 65 1.45 1.20 -5.69
C LEU A 65 2.74 0.41 -5.51
N THR A 66 3.41 0.13 -6.62
CA THR A 66 4.66 -0.61 -6.59
C THR A 66 5.85 0.31 -6.41
N ILE A 67 6.55 0.16 -5.29
CA ILE A 67 7.72 0.99 -5.00
C ILE A 67 9.00 0.26 -5.33
N LEU A 68 9.68 0.70 -6.40
CA LEU A 68 10.92 0.08 -6.81
C LEU A 68 12.10 0.68 -6.06
N ALA A 69 13.12 -0.15 -5.81
CA ALA A 69 14.31 0.30 -5.09
C ALA A 69 13.94 1.15 -3.88
N ALA A 70 13.02 0.63 -3.07
CA ALA A 70 12.59 1.34 -1.87
C ALA A 70 13.73 2.11 -1.23
N ARG A 71 13.55 3.42 -1.10
CA ARG A 71 14.58 4.28 -0.51
C ARG A 71 14.23 4.63 0.94
N GLN A 72 15.21 5.12 1.68
CA GLN A 72 15.01 5.50 3.08
C GLN A 72 13.98 6.63 3.19
N GLU A 73 13.74 7.30 2.07
CA GLU A 73 12.78 8.41 2.06
C GLU A 73 11.36 7.89 1.82
N HIS A 74 11.25 6.80 1.07
CA HIS A 74 9.94 6.23 0.80
C HIS A 74 9.23 5.89 2.10
N CYS A 75 10.03 5.78 3.16
CA CYS A 75 9.50 5.48 4.49
C CYS A 75 8.46 6.50 4.91
N GLY A 76 7.33 6.01 5.44
CA GLY A 76 6.27 6.90 5.88
C GLY A 76 4.89 6.32 5.64
N CYS A 77 3.88 6.99 6.16
CA CYS A 77 2.50 6.54 6.00
C CYS A 77 1.91 7.01 4.68
N TYR A 78 1.12 6.14 4.05
CA TYR A 78 0.50 6.47 2.77
C TYR A 78 -1.00 6.68 2.93
N THR A 79 -1.67 7.04 1.84
CA THR A 79 -3.10 7.29 1.86
C THR A 79 -3.71 7.07 0.48
N LEU A 80 -4.60 6.09 0.37
CA LEU A 80 -5.26 5.78 -0.89
C LEU A 80 -6.65 6.38 -0.93
N LEU A 81 -6.82 7.44 -1.72
CA LEU A 81 -8.11 8.11 -1.85
C LEU A 81 -8.90 7.54 -3.03
N VAL A 82 -10.10 7.05 -2.76
CA VAL A 82 -10.95 6.49 -3.79
C VAL A 82 -12.30 7.20 -3.85
N GLU A 83 -12.43 8.13 -4.79
CA GLU A 83 -13.67 8.89 -4.95
C GLU A 83 -14.47 8.39 -6.15
N ASN A 84 -15.79 8.56 -6.10
CA ASN A 84 -16.66 8.12 -7.18
C ASN A 84 -17.94 8.94 -7.20
N LYS A 85 -18.86 8.56 -8.08
CA LYS A 85 -20.13 9.26 -8.21
C LYS A 85 -20.91 9.22 -6.90
N LEU A 86 -20.74 8.13 -6.15
CA LEU A 86 -21.42 7.96 -4.88
C LEU A 86 -20.75 8.79 -3.78
N GLY A 87 -19.60 8.32 -3.31
CA GLY A 87 -18.87 9.04 -2.28
C GLY A 87 -17.37 8.95 -2.44
N SER A 88 -16.67 8.70 -1.35
CA SER A 88 -15.21 8.59 -1.39
C SER A 88 -14.69 7.90 -0.13
N ARG A 89 -13.51 7.30 -0.23
CA ARG A 89 -12.90 6.61 0.89
C ARG A 89 -11.40 6.90 0.97
N GLN A 90 -10.84 6.76 2.16
CA GLN A 90 -9.41 7.02 2.36
C GLN A 90 -8.83 6.06 3.39
N ALA A 91 -7.71 5.44 3.04
CA ALA A 91 -7.05 4.49 3.94
C ALA A 91 -5.69 5.02 4.39
N GLN A 92 -4.98 4.21 5.16
CA GLN A 92 -3.66 4.60 5.67
C GLN A 92 -2.84 3.38 6.03
N VAL A 93 -1.60 3.33 5.55
CA VAL A 93 -0.71 2.21 5.83
C VAL A 93 0.71 2.69 6.10
N ASN A 94 1.19 2.42 7.31
CA ASN A 94 2.53 2.83 7.71
C ASN A 94 3.59 1.90 7.10
N LEU A 95 4.71 2.47 6.70
CA LEU A 95 5.80 1.70 6.10
C LEU A 95 7.15 2.14 6.65
N THR A 96 8.04 1.18 6.87
CA THR A 96 9.37 1.47 7.40
C THR A 96 10.45 0.87 6.51
N VAL A 97 11.45 1.69 6.18
CA VAL A 97 12.55 1.23 5.34
C VAL A 97 13.77 0.86 6.17
N VAL A 98 14.36 -0.29 5.89
CA VAL A 98 15.53 -0.77 6.61
C VAL A 98 16.65 -1.15 5.64
N ASP A 99 17.81 -0.54 5.83
CA ASP A 99 18.96 -0.82 4.99
C ASP A 99 19.86 -1.88 5.61
N LYS A 100 19.33 -2.56 6.63
CA LYS A 100 20.09 -3.61 7.32
C LYS A 100 19.15 -4.68 7.87
N PRO A 101 19.64 -5.92 7.93
CA PRO A 101 18.87 -7.05 8.44
C PRO A 101 18.62 -6.97 9.94
N ASP A 102 17.93 -7.96 10.48
CA ASP A 102 17.62 -8.00 11.90
C ASP A 102 18.74 -8.69 12.68
N PRO A 103 19.05 -8.17 13.87
CA PRO A 103 20.10 -8.74 14.73
C PRO A 103 19.71 -10.09 15.32
N PRO A 104 20.71 -10.94 15.55
CA PRO A 104 20.50 -12.28 16.11
C PRO A 104 20.06 -12.23 17.58
N ALA A 105 19.77 -13.41 18.13
CA ALA A 105 19.34 -13.50 19.52
C ALA A 105 20.53 -13.77 20.44
N GLY A 106 21.52 -14.48 19.92
CA GLY A 106 22.69 -14.80 20.72
C GLY A 106 23.88 -13.93 20.36
N THR A 107 24.97 -14.08 21.12
CA THR A 107 26.17 -13.29 20.89
C THR A 107 26.62 -13.39 19.43
N PRO A 108 26.84 -12.25 18.79
CA PRO A 108 27.27 -12.18 17.39
C PRO A 108 28.71 -12.66 17.22
N SER A 109 29.60 -12.14 18.05
CA SER A 109 31.02 -12.51 17.99
C SER A 109 31.23 -13.95 18.46
N GLY A 110 32.15 -14.64 17.81
CA GLY A 110 32.44 -16.02 18.19
C GLY A 110 33.87 -16.22 18.61
N PRO A 111 34.24 -15.64 19.77
CA PRO A 111 35.60 -15.75 20.31
C PRO A 111 35.92 -17.15 20.80
N SER A 112 36.91 -17.79 20.18
CA SER A 112 37.30 -19.13 20.55
C SER A 112 38.57 -19.12 21.40
N SER A 113 38.53 -19.81 22.54
CA SER A 113 39.66 -19.86 23.45
C SER A 113 40.00 -21.30 23.80
N GLY A 114 41.13 -21.79 23.28
CA GLY A 114 41.56 -23.14 23.54
C GLY A 114 41.37 -24.06 22.35
N GLY A 1 -28.22 2.19 6.54
CA GLY A 1 -27.81 0.95 5.90
C GLY A 1 -28.37 0.81 4.50
N SER A 2 -28.07 1.80 3.65
CA SER A 2 -28.55 1.79 2.27
C SER A 2 -28.40 0.41 1.65
N SER A 3 -29.45 -0.04 0.98
CA SER A 3 -29.44 -1.36 0.35
C SER A 3 -29.40 -1.22 -1.17
N GLY A 4 -28.20 -1.09 -1.72
CA GLY A 4 -28.06 -0.95 -3.16
C GLY A 4 -26.72 -0.34 -3.55
N SER A 5 -26.78 0.77 -4.28
CA SER A 5 -25.56 1.45 -4.72
C SER A 5 -24.85 2.11 -3.55
N SER A 6 -23.83 1.45 -3.02
CA SER A 6 -23.08 1.96 -1.89
C SER A 6 -21.77 2.59 -2.35
N GLY A 7 -21.44 3.74 -1.78
CA GLY A 7 -20.22 4.44 -2.15
C GLY A 7 -19.01 3.52 -2.12
N PRO A 8 -17.85 4.04 -2.58
CA PRO A 8 -16.61 3.28 -2.61
C PRO A 8 -16.04 3.02 -1.21
N GLN A 9 -15.52 1.82 -1.00
CA GLN A 9 -14.95 1.46 0.29
C GLN A 9 -13.78 0.49 0.12
N ILE A 10 -12.82 0.55 1.04
CA ILE A 10 -11.66 -0.31 0.99
C ILE A 10 -11.77 -1.45 2.01
N ILE A 11 -12.20 -2.61 1.55
CA ILE A 11 -12.36 -3.78 2.41
C ILE A 11 -11.02 -4.49 2.61
N GLN A 12 -10.11 -4.32 1.65
CA GLN A 12 -8.80 -4.95 1.72
C GLN A 12 -7.70 -3.90 1.61
N PHE A 13 -6.74 -3.95 2.54
CA PHE A 13 -5.63 -3.01 2.55
C PHE A 13 -4.52 -3.50 3.47
N PRO A 14 -3.26 -3.32 3.02
CA PRO A 14 -2.08 -3.74 3.79
C PRO A 14 -1.87 -2.88 5.02
N GLU A 15 -1.51 -3.53 6.14
CA GLU A 15 -1.28 -2.82 7.38
C GLU A 15 0.20 -2.47 7.55
N ASP A 16 0.52 -1.71 8.60
CA ASP A 16 1.89 -1.31 8.85
C ASP A 16 2.86 -2.45 8.57
N GLN A 17 3.73 -2.25 7.59
CA GLN A 17 4.71 -3.26 7.21
C GLN A 17 6.09 -2.64 7.03
N LYS A 18 7.08 -3.49 6.79
CA LYS A 18 8.45 -3.03 6.60
C LYS A 18 9.01 -3.52 5.27
N VAL A 19 10.09 -2.90 4.81
CA VAL A 19 10.71 -3.28 3.55
C VAL A 19 12.20 -2.90 3.55
N ARG A 20 13.03 -3.79 3.01
CA ARG A 20 14.46 -3.56 2.93
C ARG A 20 14.78 -2.49 1.89
N ALA A 21 15.63 -1.54 2.26
CA ALA A 21 16.03 -0.46 1.35
C ALA A 21 16.53 -1.02 0.03
N GLY A 22 15.76 -0.80 -1.03
CA GLY A 22 16.14 -1.29 -2.34
C GLY A 22 15.19 -2.33 -2.88
N GLU A 23 14.43 -2.95 -1.97
CA GLU A 23 13.48 -3.98 -2.35
C GLU A 23 12.28 -3.37 -3.07
N SER A 24 11.31 -4.22 -3.42
CA SER A 24 10.11 -3.76 -4.11
C SER A 24 8.85 -4.16 -3.35
N VAL A 25 8.00 -3.18 -3.06
CA VAL A 25 6.76 -3.42 -2.34
C VAL A 25 5.55 -3.22 -3.24
N GLU A 26 4.45 -3.90 -2.91
CA GLU A 26 3.22 -3.78 -3.68
C GLU A 26 2.02 -3.58 -2.78
N LEU A 27 1.56 -2.35 -2.66
CA LEU A 27 0.41 -2.02 -1.82
C LEU A 27 -0.86 -1.88 -2.65
N PHE A 28 -1.72 -2.87 -2.55
CA PHE A 28 -2.98 -2.86 -3.30
C PHE A 28 -4.18 -2.78 -2.36
N GLY A 29 -5.11 -1.88 -2.66
CA GLY A 29 -6.28 -1.71 -1.83
C GLY A 29 -7.57 -1.99 -2.59
N LYS A 30 -8.14 -3.17 -2.36
CA LYS A 30 -9.38 -3.57 -3.02
C LYS A 30 -10.51 -2.61 -2.66
N VAL A 31 -11.17 -2.07 -3.69
CA VAL A 31 -12.27 -1.15 -3.49
C VAL A 31 -13.57 -1.70 -4.08
N THR A 32 -14.68 -1.46 -3.38
CA THR A 32 -15.98 -1.93 -3.83
C THR A 32 -17.02 -0.82 -3.79
N GLY A 33 -18.05 -0.94 -4.62
CA GLY A 33 -19.09 0.07 -4.66
C GLY A 33 -19.79 0.13 -6.01
N THR A 34 -19.38 1.08 -6.85
CA THR A 34 -19.98 1.24 -8.17
C THR A 34 -19.01 1.90 -9.14
N GLN A 35 -18.54 1.13 -10.12
CA GLN A 35 -17.60 1.65 -11.10
C GLN A 35 -18.30 2.59 -12.08
N PRO A 36 -17.52 3.51 -12.68
CA PRO A 36 -16.08 3.61 -12.43
C PRO A 36 -15.77 4.13 -11.02
N ILE A 37 -14.54 3.90 -10.57
CA ILE A 37 -14.13 4.34 -9.24
C ILE A 37 -12.73 4.94 -9.28
N THR A 38 -12.60 6.17 -8.79
CA THR A 38 -11.31 6.86 -8.77
C THR A 38 -10.39 6.26 -7.71
N CYS A 39 -9.08 6.35 -7.96
CA CYS A 39 -8.09 5.82 -7.03
C CYS A 39 -6.80 6.63 -7.10
N THR A 40 -6.45 7.26 -5.98
CA THR A 40 -5.23 8.06 -5.91
C THR A 40 -4.39 7.68 -4.70
N TRP A 41 -3.07 7.61 -4.91
CA TRP A 41 -2.15 7.26 -3.82
C TRP A 41 -1.39 8.49 -3.34
N MET A 42 -1.57 8.83 -2.07
CA MET A 42 -0.89 9.97 -1.48
C MET A 42 -0.20 9.59 -0.19
N LYS A 43 1.02 10.09 0.00
CA LYS A 43 1.80 9.80 1.20
C LYS A 43 2.00 11.06 2.03
N PHE A 44 1.55 11.02 3.28
CA PHE A 44 1.70 12.16 4.18
C PHE A 44 1.03 13.40 3.59
N ARG A 45 -0.20 13.22 3.12
CA ARG A 45 -0.96 14.32 2.53
C ARG A 45 -0.25 14.89 1.31
N LYS A 46 0.50 14.03 0.62
CA LYS A 46 1.24 14.45 -0.57
C LYS A 46 0.94 13.51 -1.74
N GLN A 47 0.31 14.06 -2.77
CA GLN A 47 -0.03 13.28 -3.96
C GLN A 47 1.22 12.65 -4.57
N ILE A 48 1.22 11.32 -4.68
CA ILE A 48 2.35 10.60 -5.25
C ILE A 48 2.43 10.82 -6.75
N GLN A 49 3.65 10.91 -7.27
CA GLN A 49 3.87 11.11 -8.69
C GLN A 49 4.37 9.84 -9.36
N GLU A 50 3.61 9.33 -10.33
CA GLU A 50 3.98 8.11 -11.03
C GLU A 50 5.39 8.23 -11.61
N SER A 51 6.20 7.19 -11.42
CA SER A 51 7.57 7.17 -11.92
C SER A 51 8.21 5.82 -11.68
N GLU A 52 9.46 5.68 -12.12
CA GLU A 52 10.20 4.44 -11.95
C GLU A 52 10.41 4.12 -10.48
N HIS A 53 10.22 5.11 -9.63
CA HIS A 53 10.39 4.93 -8.20
C HIS A 53 9.06 4.53 -7.57
N MET A 54 7.99 5.11 -8.08
CA MET A 54 6.65 4.82 -7.58
C MET A 54 5.67 4.67 -8.74
N LYS A 55 5.25 3.44 -9.01
CA LYS A 55 4.32 3.17 -10.09
C LYS A 55 2.91 2.92 -9.54
N VAL A 56 1.93 2.92 -10.43
CA VAL A 56 0.55 2.70 -10.03
C VAL A 56 -0.21 1.90 -11.10
N GLU A 57 -0.93 0.87 -10.66
CA GLU A 57 -1.70 0.04 -11.57
C GLU A 57 -3.20 0.18 -11.31
N ASN A 58 -3.79 1.23 -11.88
CA ASN A 58 -5.21 1.49 -11.70
C ASN A 58 -6.04 0.42 -12.41
N SER A 59 -6.84 -0.31 -11.64
CA SER A 59 -7.69 -1.37 -12.19
C SER A 59 -9.08 -1.31 -11.58
N GLU A 60 -9.94 -2.23 -12.01
CA GLU A 60 -11.32 -2.29 -11.51
C GLU A 60 -11.33 -2.64 -10.02
N ASN A 61 -10.79 -3.81 -9.69
CA ASN A 61 -10.75 -4.27 -8.30
C ASN A 61 -10.28 -3.15 -7.38
N GLY A 62 -9.31 -2.37 -7.85
CA GLY A 62 -8.79 -1.28 -7.05
C GLY A 62 -7.57 -0.63 -7.68
N SER A 63 -6.60 -0.25 -6.85
CA SER A 63 -5.38 0.39 -7.33
C SER A 63 -4.16 -0.13 -6.57
N LYS A 64 -3.08 -0.35 -7.30
CA LYS A 64 -1.85 -0.85 -6.70
C LYS A 64 -0.75 0.21 -6.75
N LEU A 65 0.19 0.13 -5.82
CA LEU A 65 1.29 1.08 -5.76
C LEU A 65 2.63 0.36 -5.58
N THR A 66 3.31 0.12 -6.69
CA THR A 66 4.60 -0.57 -6.65
C THR A 66 5.74 0.42 -6.40
N ILE A 67 6.56 0.14 -5.40
CA ILE A 67 7.69 1.00 -5.07
C ILE A 67 9.02 0.33 -5.40
N LEU A 68 9.74 0.89 -6.36
CA LEU A 68 11.02 0.35 -6.78
C LEU A 68 12.16 0.94 -5.94
N ALA A 69 13.21 0.16 -5.75
CA ALA A 69 14.37 0.60 -4.98
C ALA A 69 13.93 1.33 -3.72
N ALA A 70 13.09 0.69 -2.92
CA ALA A 70 12.59 1.28 -1.68
C ALA A 70 13.65 2.16 -1.04
N ARG A 71 13.61 3.44 -1.34
CA ARG A 71 14.57 4.39 -0.79
C ARG A 71 14.22 4.75 0.65
N GLN A 72 15.23 5.12 1.43
CA GLN A 72 15.03 5.48 2.83
C GLN A 72 13.95 6.56 2.96
N GLU A 73 13.66 7.23 1.86
CA GLU A 73 12.65 8.29 1.84
C GLU A 73 11.24 7.70 1.77
N HIS A 74 11.12 6.58 1.06
CA HIS A 74 9.83 5.94 0.91
C HIS A 74 9.19 5.74 2.29
N CYS A 75 10.05 5.52 3.28
CA CYS A 75 9.59 5.32 4.65
C CYS A 75 8.54 6.35 5.04
N GLY A 76 7.39 5.87 5.49
CA GLY A 76 6.32 6.76 5.88
C GLY A 76 4.94 6.14 5.71
N CYS A 77 3.90 6.87 6.08
CA CYS A 77 2.54 6.38 5.96
C CYS A 77 1.89 6.85 4.67
N TYR A 78 1.21 5.94 3.99
CA TYR A 78 0.54 6.27 2.73
C TYR A 78 -0.96 6.43 2.94
N THR A 79 -1.66 6.82 1.87
CA THR A 79 -3.10 7.02 1.94
C THR A 79 -3.74 6.81 0.57
N LEU A 80 -4.65 5.84 0.48
CA LEU A 80 -5.33 5.54 -0.76
C LEU A 80 -6.70 6.20 -0.80
N LEU A 81 -6.84 7.23 -1.63
CA LEU A 81 -8.11 7.94 -1.76
C LEU A 81 -8.90 7.44 -2.96
N VAL A 82 -10.12 7.00 -2.71
CA VAL A 82 -10.98 6.49 -3.77
C VAL A 82 -12.30 7.26 -3.82
N GLU A 83 -12.42 8.13 -4.82
CA GLU A 83 -13.62 8.94 -4.98
C GLU A 83 -14.42 8.47 -6.19
N ASN A 84 -15.73 8.70 -6.16
CA ASN A 84 -16.62 8.30 -7.25
C ASN A 84 -17.95 9.04 -7.17
N LYS A 85 -18.78 8.85 -8.18
CA LYS A 85 -20.09 9.50 -8.23
C LYS A 85 -20.80 9.40 -6.88
N LEU A 86 -20.86 8.18 -6.34
CA LEU A 86 -21.50 7.95 -5.04
C LEU A 86 -20.84 8.77 -3.95
N GLY A 87 -19.66 8.32 -3.50
CA GLY A 87 -18.94 9.02 -2.47
C GLY A 87 -17.44 8.89 -2.61
N SER A 88 -16.74 8.79 -1.48
CA SER A 88 -15.29 8.66 -1.49
C SER A 88 -14.80 7.94 -0.23
N ARG A 89 -13.52 7.58 -0.24
CA ARG A 89 -12.93 6.88 0.90
C ARG A 89 -11.42 7.10 0.95
N GLN A 90 -10.83 6.89 2.12
CA GLN A 90 -9.40 7.06 2.30
C GLN A 90 -8.85 6.07 3.32
N ALA A 91 -7.69 5.49 3.02
CA ALA A 91 -7.05 4.53 3.92
C ALA A 91 -5.72 5.06 4.44
N GLN A 92 -5.04 4.25 5.24
CA GLN A 92 -3.76 4.64 5.81
C GLN A 92 -2.91 3.40 6.14
N VAL A 93 -1.72 3.33 5.55
CA VAL A 93 -0.82 2.22 5.78
C VAL A 93 0.60 2.70 6.07
N ASN A 94 1.10 2.36 7.25
CA ASN A 94 2.45 2.77 7.65
C ASN A 94 3.50 1.91 6.96
N LEU A 95 4.64 2.51 6.65
CA LEU A 95 5.73 1.80 5.99
C LEU A 95 7.08 2.25 6.51
N THR A 96 8.07 1.36 6.48
CA THR A 96 9.41 1.67 6.95
C THR A 96 10.47 1.02 6.08
N VAL A 97 11.58 1.72 5.88
CA VAL A 97 12.67 1.20 5.07
C VAL A 97 13.89 0.86 5.92
N VAL A 98 14.43 -0.34 5.72
CA VAL A 98 15.59 -0.79 6.48
C VAL A 98 16.71 -1.24 5.54
N ASP A 99 17.85 -0.57 5.62
CA ASP A 99 19.00 -0.92 4.77
C ASP A 99 19.88 -1.95 5.46
N LYS A 100 19.38 -2.52 6.55
CA LYS A 100 20.12 -3.52 7.30
C LYS A 100 19.24 -4.73 7.64
N PRO A 101 19.87 -5.90 7.79
CA PRO A 101 19.15 -7.14 8.11
C PRO A 101 18.60 -7.14 9.53
N ASP A 102 17.49 -7.83 9.74
CA ASP A 102 16.85 -7.91 11.04
C ASP A 102 16.62 -9.36 11.45
N PRO A 103 16.84 -9.67 12.73
CA PRO A 103 16.66 -11.02 13.27
C PRO A 103 15.19 -11.42 13.33
N PRO A 104 14.94 -12.73 13.57
CA PRO A 104 13.58 -13.25 13.65
C PRO A 104 12.85 -12.80 14.91
N ALA A 105 11.72 -12.13 14.72
CA ALA A 105 10.93 -11.62 15.83
C ALA A 105 9.67 -12.45 16.02
N GLY A 106 9.73 -13.43 16.92
CA GLY A 106 8.58 -14.28 17.18
C GLY A 106 8.93 -15.46 18.04
N THR A 107 8.22 -16.57 17.84
CA THR A 107 8.45 -17.78 18.62
C THR A 107 9.14 -18.85 17.78
N PRO A 108 10.27 -19.36 18.29
CA PRO A 108 11.05 -20.39 17.60
C PRO A 108 10.34 -21.74 17.58
N SER A 109 9.77 -22.08 16.43
CA SER A 109 9.05 -23.34 16.27
C SER A 109 8.73 -23.61 14.80
N GLY A 110 8.75 -24.88 14.42
CA GLY A 110 8.47 -25.25 13.04
C GLY A 110 7.56 -26.46 12.94
N PRO A 111 7.85 -27.34 11.98
CA PRO A 111 7.05 -28.56 11.76
C PRO A 111 7.22 -29.57 12.88
N SER A 112 6.23 -30.44 13.05
CA SER A 112 6.26 -31.46 14.08
C SER A 112 6.54 -32.84 13.49
N SER A 113 7.76 -33.34 13.71
CA SER A 113 8.16 -34.64 13.19
C SER A 113 7.48 -35.77 13.97
N GLY A 114 6.54 -36.45 13.32
CA GLY A 114 5.83 -37.53 13.96
C GLY A 114 4.56 -37.91 13.23
N GLY A 1 -26.52 -1.74 7.97
CA GLY A 1 -26.03 -2.42 6.79
C GLY A 1 -26.92 -2.19 5.58
N SER A 2 -26.84 -1.00 5.00
CA SER A 2 -27.66 -0.66 3.84
C SER A 2 -27.51 -1.71 2.74
N SER A 3 -28.55 -1.87 1.94
CA SER A 3 -28.54 -2.85 0.86
C SER A 3 -28.72 -2.16 -0.49
N GLY A 4 -27.74 -2.35 -1.38
CA GLY A 4 -27.80 -1.74 -2.70
C GLY A 4 -26.50 -1.12 -3.12
N SER A 5 -26.58 -0.03 -3.88
CA SER A 5 -25.38 0.66 -4.35
C SER A 5 -24.73 1.45 -3.22
N SER A 6 -23.63 0.92 -2.69
CA SER A 6 -22.92 1.57 -1.59
C SER A 6 -21.66 2.26 -2.11
N GLY A 7 -21.40 3.47 -1.60
CA GLY A 7 -20.23 4.22 -2.02
C GLY A 7 -18.97 3.36 -2.01
N PRO A 8 -17.85 3.95 -2.46
CA PRO A 8 -16.56 3.26 -2.52
C PRO A 8 -15.98 3.00 -1.14
N GLN A 9 -15.52 1.78 -0.91
CA GLN A 9 -14.94 1.41 0.37
C GLN A 9 -13.75 0.48 0.19
N ILE A 10 -12.81 0.53 1.12
CA ILE A 10 -11.62 -0.31 1.06
C ILE A 10 -11.71 -1.46 2.05
N ILE A 11 -12.13 -2.63 1.55
CA ILE A 11 -12.26 -3.81 2.39
C ILE A 11 -10.91 -4.48 2.60
N GLN A 12 -10.00 -4.27 1.66
CA GLN A 12 -8.67 -4.86 1.74
C GLN A 12 -7.59 -3.78 1.65
N PHE A 13 -6.59 -3.88 2.52
CA PHE A 13 -5.50 -2.91 2.53
C PHE A 13 -4.37 -3.40 3.43
N PRO A 14 -3.12 -3.17 2.98
CA PRO A 14 -1.92 -3.57 3.72
C PRO A 14 -1.71 -2.74 4.98
N GLU A 15 -1.46 -3.42 6.10
CA GLU A 15 -1.24 -2.73 7.37
C GLU A 15 0.24 -2.42 7.57
N ASP A 16 0.56 -1.87 8.73
CA ASP A 16 1.94 -1.53 9.05
C ASP A 16 2.89 -2.66 8.69
N GLN A 17 3.76 -2.41 7.72
CA GLN A 17 4.72 -3.42 7.27
C GLN A 17 6.10 -2.79 7.05
N LYS A 18 7.09 -3.64 6.81
CA LYS A 18 8.45 -3.18 6.58
C LYS A 18 8.95 -3.60 5.20
N VAL A 19 10.08 -3.05 4.79
CA VAL A 19 10.66 -3.37 3.49
C VAL A 19 12.15 -3.02 3.45
N ARG A 20 12.95 -3.96 2.95
CA ARG A 20 14.39 -3.75 2.86
C ARG A 20 14.72 -2.71 1.78
N ALA A 21 15.47 -1.67 2.18
CA ALA A 21 15.85 -0.62 1.24
C ALA A 21 16.35 -1.21 -0.08
N GLY A 22 15.56 -1.00 -1.14
CA GLY A 22 15.94 -1.52 -2.44
C GLY A 22 14.95 -2.54 -2.97
N GLU A 23 14.34 -3.30 -2.06
CA GLU A 23 13.38 -4.32 -2.44
C GLU A 23 12.21 -3.70 -3.19
N SER A 24 11.20 -4.52 -3.48
CA SER A 24 10.01 -4.05 -4.20
C SER A 24 8.74 -4.43 -3.46
N VAL A 25 7.87 -3.45 -3.25
CA VAL A 25 6.61 -3.67 -2.55
C VAL A 25 5.42 -3.49 -3.49
N GLU A 26 4.29 -4.08 -3.12
CA GLU A 26 3.08 -3.97 -3.93
C GLU A 26 1.87 -3.68 -3.04
N LEU A 27 1.64 -2.41 -2.77
CA LEU A 27 0.51 -1.99 -1.94
C LEU A 27 -0.76 -1.86 -2.78
N PHE A 28 -1.67 -2.81 -2.61
CA PHE A 28 -2.93 -2.80 -3.34
C PHE A 28 -4.12 -2.69 -2.39
N GLY A 29 -5.00 -1.74 -2.66
CA GLY A 29 -6.17 -1.55 -1.82
C GLY A 29 -7.46 -1.86 -2.55
N LYS A 30 -7.97 -3.07 -2.37
CA LYS A 30 -9.21 -3.48 -3.01
C LYS A 30 -10.35 -2.53 -2.66
N VAL A 31 -11.04 -2.04 -3.69
CA VAL A 31 -12.16 -1.12 -3.50
C VAL A 31 -13.44 -1.68 -4.09
N THR A 32 -14.56 -1.46 -3.39
CA THR A 32 -15.85 -1.94 -3.85
C THR A 32 -16.90 -0.84 -3.80
N GLY A 33 -17.94 -0.99 -4.61
CA GLY A 33 -19.00 0.00 -4.64
C GLY A 33 -19.73 0.03 -5.96
N THR A 34 -19.39 1.00 -6.81
CA THR A 34 -20.02 1.13 -8.12
C THR A 34 -19.07 1.77 -9.12
N GLN A 35 -18.54 0.96 -10.03
CA GLN A 35 -17.62 1.46 -11.06
C GLN A 35 -18.34 2.34 -12.06
N PRO A 36 -17.59 3.25 -12.70
CA PRO A 36 -16.15 3.39 -12.45
C PRO A 36 -15.84 3.96 -11.07
N ILE A 37 -14.61 3.76 -10.61
CA ILE A 37 -14.19 4.26 -9.31
C ILE A 37 -12.79 4.83 -9.36
N THR A 38 -12.63 6.06 -8.86
CA THR A 38 -11.34 6.72 -8.85
C THR A 38 -10.45 6.19 -7.73
N CYS A 39 -9.14 6.20 -7.95
CA CYS A 39 -8.18 5.72 -6.96
C CYS A 39 -6.88 6.52 -7.03
N THR A 40 -6.67 7.36 -6.03
CA THR A 40 -5.46 8.18 -5.97
C THR A 40 -4.57 7.77 -4.81
N TRP A 41 -3.26 7.74 -5.05
CA TRP A 41 -2.30 7.37 -4.03
C TRP A 41 -1.51 8.57 -3.55
N MET A 42 -1.59 8.86 -2.25
CA MET A 42 -0.88 9.99 -1.67
C MET A 42 -0.10 9.56 -0.43
N LYS A 43 0.72 10.47 0.09
CA LYS A 43 1.51 10.18 1.28
C LYS A 43 1.88 11.48 2.01
N PHE A 44 1.52 11.56 3.29
CA PHE A 44 1.82 12.74 4.10
C PHE A 44 1.07 13.97 3.56
N ARG A 45 -0.17 13.75 3.13
CA ARG A 45 -0.99 14.82 2.60
C ARG A 45 -0.37 15.41 1.33
N LYS A 46 0.14 14.53 0.47
CA LYS A 46 0.76 14.96 -0.77
C LYS A 46 0.60 13.89 -1.85
N GLN A 47 0.05 14.29 -2.99
CA GLN A 47 -0.15 13.36 -4.10
C GLN A 47 1.18 12.78 -4.58
N ILE A 48 1.21 11.47 -4.76
CA ILE A 48 2.42 10.79 -5.22
C ILE A 48 2.65 11.02 -6.71
N GLN A 49 3.92 11.13 -7.09
CA GLN A 49 4.28 11.36 -8.48
C GLN A 49 4.78 10.06 -9.13
N GLU A 50 4.03 9.57 -10.11
CA GLU A 50 4.40 8.34 -10.81
C GLU A 50 5.85 8.41 -11.31
N SER A 51 6.59 7.32 -11.12
CA SER A 51 7.98 7.27 -11.54
C SER A 51 8.55 5.86 -11.34
N GLU A 52 9.61 5.55 -12.08
CA GLU A 52 10.25 4.24 -11.99
C GLU A 52 10.44 3.83 -10.53
N HIS A 53 10.41 4.81 -9.64
CA HIS A 53 10.59 4.54 -8.22
C HIS A 53 9.24 4.21 -7.60
N MET A 54 8.22 4.94 -8.04
CA MET A 54 6.86 4.74 -7.55
C MET A 54 5.86 4.66 -8.70
N LYS A 55 5.44 3.45 -9.03
CA LYS A 55 4.48 3.25 -10.11
C LYS A 55 3.08 3.00 -9.55
N VAL A 56 2.09 3.01 -10.44
CA VAL A 56 0.71 2.79 -10.04
C VAL A 56 -0.04 1.96 -11.09
N GLU A 57 -0.86 1.02 -10.62
CA GLU A 57 -1.64 0.17 -11.51
C GLU A 57 -3.13 0.32 -11.25
N ASN A 58 -3.72 1.36 -11.84
CA ASN A 58 -5.15 1.62 -11.67
C ASN A 58 -5.98 0.57 -12.39
N SER A 59 -6.97 0.02 -11.70
CA SER A 59 -7.84 -1.00 -12.26
C SER A 59 -9.18 -1.05 -11.52
N GLU A 60 -10.09 -1.89 -12.02
CA GLU A 60 -11.40 -2.03 -11.41
C GLU A 60 -11.28 -2.44 -9.95
N ASN A 61 -10.73 -3.62 -9.71
CA ASN A 61 -10.56 -4.13 -8.35
C ASN A 61 -10.15 -3.02 -7.40
N GLY A 62 -9.22 -2.16 -7.86
CA GLY A 62 -8.76 -1.07 -7.03
C GLY A 62 -7.52 -0.39 -7.61
N SER A 63 -6.54 -0.14 -6.76
CA SER A 63 -5.30 0.52 -7.19
C SER A 63 -4.09 -0.10 -6.49
N LYS A 64 -2.97 -0.11 -7.18
CA LYS A 64 -1.73 -0.67 -6.63
C LYS A 64 -0.59 0.34 -6.73
N LEU A 65 0.32 0.29 -5.76
CA LEU A 65 1.46 1.20 -5.74
C LEU A 65 2.77 0.42 -5.58
N THR A 66 3.44 0.17 -6.70
CA THR A 66 4.70 -0.56 -6.70
C THR A 66 5.87 0.39 -6.45
N ILE A 67 6.60 0.14 -5.37
CA ILE A 67 7.76 0.97 -5.03
C ILE A 67 9.06 0.26 -5.36
N LEU A 68 9.72 0.72 -6.41
CA LEU A 68 10.98 0.13 -6.85
C LEU A 68 12.16 0.73 -6.06
N ALA A 69 13.17 -0.10 -5.81
CA ALA A 69 14.35 0.34 -5.08
C ALA A 69 13.96 1.10 -3.83
N ALA A 70 13.13 0.47 -3.00
CA ALA A 70 12.68 1.09 -1.75
C ALA A 70 13.77 1.96 -1.15
N ARG A 71 13.54 3.27 -1.15
CA ARG A 71 14.50 4.21 -0.61
C ARG A 71 14.21 4.50 0.87
N GLN A 72 15.27 4.84 1.61
CA GLN A 72 15.13 5.13 3.03
C GLN A 72 14.09 6.23 3.26
N GLU A 73 13.95 7.11 2.28
CA GLU A 73 12.99 8.22 2.38
C GLU A 73 11.57 7.72 2.21
N HIS A 74 11.37 6.82 1.26
CA HIS A 74 10.05 6.27 1.00
C HIS A 74 9.32 6.05 2.32
N CYS A 75 10.08 5.66 3.33
CA CYS A 75 9.53 5.41 4.66
C CYS A 75 8.53 6.49 5.04
N GLY A 76 7.28 6.10 5.21
CA GLY A 76 6.24 7.05 5.58
C GLY A 76 4.85 6.47 5.46
N CYS A 77 3.85 7.20 5.95
CA CYS A 77 2.47 6.75 5.90
C CYS A 77 1.81 7.20 4.59
N TYR A 78 1.17 6.25 3.92
CA TYR A 78 0.49 6.54 2.66
C TYR A 78 -1.02 6.66 2.86
N THR A 79 -1.72 7.03 1.80
CA THR A 79 -3.17 7.19 1.86
C THR A 79 -3.81 6.93 0.50
N LEU A 80 -4.78 6.03 0.46
CA LEU A 80 -5.47 5.69 -0.78
C LEU A 80 -6.87 6.31 -0.80
N LEU A 81 -7.03 7.36 -1.60
CA LEU A 81 -8.32 8.05 -1.72
C LEU A 81 -9.09 7.54 -2.92
N VAL A 82 -10.28 7.00 -2.67
CA VAL A 82 -11.12 6.48 -3.74
C VAL A 82 -12.45 7.24 -3.82
N GLU A 83 -12.60 8.04 -4.87
CA GLU A 83 -13.82 8.82 -5.06
C GLU A 83 -14.65 8.26 -6.22
N ASN A 84 -15.96 8.25 -6.03
CA ASN A 84 -16.88 7.74 -7.05
C ASN A 84 -18.21 8.46 -7.00
N LYS A 85 -18.93 8.44 -8.11
CA LYS A 85 -20.24 9.10 -8.20
C LYS A 85 -20.98 9.00 -6.87
N LEU A 86 -21.00 7.81 -6.29
CA LEU A 86 -21.67 7.60 -5.01
C LEU A 86 -21.07 8.47 -3.92
N GLY A 87 -19.88 8.09 -3.44
CA GLY A 87 -19.21 8.85 -2.41
C GLY A 87 -17.70 8.83 -2.56
N SER A 88 -17.01 8.54 -1.46
CA SER A 88 -15.55 8.51 -1.48
C SER A 88 -15.01 7.79 -0.23
N ARG A 89 -13.70 7.64 -0.17
CA ARG A 89 -13.06 6.98 0.97
C ARG A 89 -11.55 7.23 0.97
N GLN A 90 -10.94 7.05 2.13
CA GLN A 90 -9.50 7.27 2.27
C GLN A 90 -8.92 6.36 3.35
N ALA A 91 -7.88 5.61 2.97
CA ALA A 91 -7.24 4.69 3.91
C ALA A 91 -5.85 5.21 4.31
N GLN A 92 -5.13 4.41 5.09
CA GLN A 92 -3.79 4.79 5.55
C GLN A 92 -2.98 3.56 5.91
N VAL A 93 -1.68 3.60 5.60
CA VAL A 93 -0.79 2.49 5.90
C VAL A 93 0.60 2.99 6.29
N ASN A 94 1.20 2.32 7.26
CA ASN A 94 2.54 2.70 7.73
C ASN A 94 3.60 1.79 7.13
N LEU A 95 4.63 2.41 6.54
CA LEU A 95 5.72 1.65 5.92
C LEU A 95 7.06 2.06 6.52
N THR A 96 8.03 1.16 6.42
CA THR A 96 9.36 1.42 6.96
C THR A 96 10.44 0.79 6.07
N VAL A 97 11.54 1.52 5.87
CA VAL A 97 12.64 1.03 5.04
C VAL A 97 13.84 0.67 5.90
N VAL A 98 14.46 -0.47 5.61
CA VAL A 98 15.62 -0.93 6.34
C VAL A 98 16.72 -1.42 5.40
N ASP A 99 17.90 -0.83 5.51
CA ASP A 99 19.04 -1.20 4.67
C ASP A 99 19.99 -2.11 5.43
N LYS A 100 19.53 -2.65 6.55
CA LYS A 100 20.34 -3.55 7.37
C LYS A 100 19.48 -4.38 8.30
N PRO A 101 19.97 -5.57 8.66
CA PRO A 101 19.25 -6.49 9.56
C PRO A 101 19.19 -5.97 10.99
N ASP A 102 18.09 -6.27 11.68
CA ASP A 102 17.91 -5.83 13.06
C ASP A 102 18.67 -6.74 14.02
N PRO A 103 19.28 -6.14 15.05
CA PRO A 103 20.04 -6.88 16.06
C PRO A 103 19.16 -7.74 16.95
N PRO A 104 19.74 -8.79 17.52
CA PRO A 104 19.02 -9.72 18.41
C PRO A 104 18.67 -9.08 19.75
N ALA A 105 17.38 -8.85 19.97
CA ALA A 105 16.91 -8.24 21.21
C ALA A 105 16.34 -9.31 22.15
N GLY A 106 16.01 -8.88 23.37
CA GLY A 106 15.47 -9.80 24.35
C GLY A 106 15.67 -9.32 25.77
N THR A 107 16.61 -9.93 26.48
CA THR A 107 16.89 -9.56 27.86
C THR A 107 18.37 -9.71 28.17
N PRO A 108 18.87 -8.89 29.12
CA PRO A 108 20.27 -8.91 29.53
C PRO A 108 20.63 -10.17 30.30
N SER A 109 19.65 -10.72 31.03
CA SER A 109 19.87 -11.93 31.82
C SER A 109 18.67 -12.87 31.71
N GLY A 110 18.95 -14.17 31.60
CA GLY A 110 17.88 -15.15 31.49
C GLY A 110 18.40 -16.56 31.52
N PRO A 111 18.81 -17.02 32.71
CA PRO A 111 19.34 -18.38 32.91
C PRO A 111 18.26 -19.44 32.76
N SER A 112 18.17 -20.04 31.58
CA SER A 112 17.18 -21.07 31.30
C SER A 112 17.18 -22.13 32.41
N SER A 113 16.00 -22.50 32.86
CA SER A 113 15.87 -23.50 33.91
C SER A 113 15.46 -24.85 33.33
N GLY A 114 16.46 -25.69 33.04
CA GLY A 114 16.18 -27.00 32.49
C GLY A 114 16.45 -27.07 31.00
N GLY A 1 -33.40 -6.75 -6.43
CA GLY A 1 -32.68 -7.36 -5.32
C GLY A 1 -31.18 -7.36 -5.54
N SER A 2 -30.45 -7.95 -4.60
CA SER A 2 -28.99 -8.01 -4.69
C SER A 2 -28.42 -6.67 -5.15
N SER A 3 -28.96 -5.58 -4.60
CA SER A 3 -28.51 -4.24 -4.96
C SER A 3 -28.18 -3.42 -3.71
N GLY A 4 -27.29 -2.45 -3.86
CA GLY A 4 -26.90 -1.62 -2.73
C GLY A 4 -25.78 -0.66 -3.09
N SER A 5 -26.11 0.38 -3.84
CA SER A 5 -25.12 1.38 -4.25
C SER A 5 -24.91 2.42 -3.14
N SER A 6 -24.01 2.11 -2.22
CA SER A 6 -23.72 3.02 -1.11
C SER A 6 -22.55 3.94 -1.46
N GLY A 7 -21.40 3.34 -1.75
CA GLY A 7 -20.22 4.12 -2.09
C GLY A 7 -18.94 3.29 -2.06
N PRO A 8 -17.83 3.92 -2.47
CA PRO A 8 -16.52 3.25 -2.51
C PRO A 8 -15.98 2.98 -1.10
N GLN A 9 -15.45 1.78 -0.91
CA GLN A 9 -14.89 1.40 0.39
C GLN A 9 -13.69 0.48 0.22
N ILE A 10 -12.79 0.50 1.19
CA ILE A 10 -11.59 -0.33 1.13
C ILE A 10 -11.69 -1.49 2.13
N ILE A 11 -12.10 -2.65 1.64
CA ILE A 11 -12.24 -3.84 2.48
C ILE A 11 -10.90 -4.53 2.66
N GLN A 12 -9.99 -4.34 1.71
CA GLN A 12 -8.67 -4.95 1.77
C GLN A 12 -7.58 -3.88 1.67
N PHE A 13 -6.64 -3.92 2.60
CA PHE A 13 -5.54 -2.95 2.62
C PHE A 13 -4.41 -3.42 3.53
N PRO A 14 -3.16 -3.22 3.08
CA PRO A 14 -1.97 -3.62 3.84
C PRO A 14 -1.77 -2.76 5.08
N GLU A 15 -1.46 -3.42 6.20
CA GLU A 15 -1.25 -2.71 7.46
C GLU A 15 0.23 -2.36 7.63
N ASP A 16 0.56 -1.76 8.77
CA ASP A 16 1.94 -1.37 9.06
C ASP A 16 2.90 -2.51 8.76
N GLN A 17 3.76 -2.30 7.77
CA GLN A 17 4.74 -3.32 7.38
C GLN A 17 6.10 -2.69 7.12
N LYS A 18 7.12 -3.54 7.00
CA LYS A 18 8.48 -3.07 6.74
C LYS A 18 8.95 -3.50 5.36
N VAL A 19 10.08 -2.95 4.93
CA VAL A 19 10.65 -3.29 3.63
C VAL A 19 12.11 -2.88 3.55
N ARG A 20 12.97 -3.82 3.13
CA ARG A 20 14.40 -3.54 3.01
C ARG A 20 14.66 -2.50 1.93
N ALA A 21 15.47 -1.51 2.27
CA ALA A 21 15.81 -0.44 1.33
C ALA A 21 16.26 -1.01 -0.01
N GLY A 22 15.46 -0.81 -1.04
CA GLY A 22 15.79 -1.31 -2.36
C GLY A 22 14.83 -2.38 -2.84
N GLU A 23 14.18 -3.05 -1.90
CA GLU A 23 13.23 -4.12 -2.23
C GLU A 23 12.05 -3.55 -3.02
N SER A 24 11.10 -4.42 -3.32
CA SER A 24 9.92 -4.01 -4.08
C SER A 24 8.63 -4.34 -3.31
N VAL A 25 7.81 -3.32 -3.11
CA VAL A 25 6.55 -3.49 -2.38
C VAL A 25 5.36 -3.29 -3.31
N GLU A 26 4.24 -3.93 -2.97
CA GLU A 26 3.03 -3.82 -3.77
C GLU A 26 1.80 -3.58 -2.89
N LEU A 27 1.50 -2.31 -2.62
CA LEU A 27 0.37 -1.95 -1.79
C LEU A 27 -0.90 -1.83 -2.62
N PHE A 28 -1.78 -2.82 -2.53
CA PHE A 28 -3.02 -2.83 -3.26
C PHE A 28 -4.22 -2.75 -2.33
N GLY A 29 -5.07 -1.74 -2.54
CA GLY A 29 -6.24 -1.58 -1.70
C GLY A 29 -7.53 -1.87 -2.43
N LYS A 30 -7.99 -3.11 -2.33
CA LYS A 30 -9.23 -3.53 -2.98
C LYS A 30 -10.37 -2.57 -2.65
N VAL A 31 -11.00 -2.04 -3.68
CA VAL A 31 -12.13 -1.12 -3.50
C VAL A 31 -13.40 -1.66 -4.12
N THR A 32 -14.52 -1.43 -3.45
CA THR A 32 -15.81 -1.91 -3.92
C THR A 32 -16.85 -0.80 -3.90
N GLY A 33 -17.84 -0.90 -4.78
CA GLY A 33 -18.89 0.10 -4.84
C GLY A 33 -19.60 0.12 -6.18
N THR A 34 -19.37 1.18 -6.96
CA THR A 34 -20.00 1.32 -8.27
C THR A 34 -19.06 2.00 -9.25
N GLN A 35 -18.51 1.22 -10.17
CA GLN A 35 -17.59 1.75 -11.17
C GLN A 35 -18.33 2.66 -12.15
N PRO A 36 -17.57 3.59 -12.77
CA PRO A 36 -16.14 3.73 -12.53
C PRO A 36 -15.83 4.28 -11.14
N ILE A 37 -14.60 4.08 -10.68
CA ILE A 37 -14.18 4.53 -9.37
C ILE A 37 -12.77 5.12 -9.42
N THR A 38 -12.57 6.25 -8.75
CA THR A 38 -11.27 6.90 -8.71
C THR A 38 -10.38 6.28 -7.64
N CYS A 39 -9.07 6.35 -7.85
CA CYS A 39 -8.11 5.80 -6.90
C CYS A 39 -6.76 6.52 -7.01
N THR A 40 -6.48 7.37 -6.03
CA THR A 40 -5.23 8.12 -6.01
C THR A 40 -4.38 7.74 -4.80
N TRP A 41 -3.08 7.60 -5.01
CA TRP A 41 -2.17 7.25 -3.94
C TRP A 41 -1.42 8.48 -3.44
N MET A 42 -1.49 8.72 -2.12
CA MET A 42 -0.81 9.86 -1.52
C MET A 42 -0.09 9.45 -0.24
N LYS A 43 0.92 10.23 0.13
CA LYS A 43 1.69 9.95 1.35
C LYS A 43 1.84 11.21 2.20
N PHE A 44 1.27 11.17 3.40
CA PHE A 44 1.34 12.30 4.31
C PHE A 44 0.70 13.54 3.69
N ARG A 45 -0.49 13.36 3.13
CA ARG A 45 -1.21 14.46 2.51
C ARG A 45 -0.44 15.01 1.31
N LYS A 46 0.28 14.13 0.62
CA LYS A 46 1.06 14.52 -0.54
C LYS A 46 0.85 13.54 -1.70
N GLN A 47 0.22 14.02 -2.76
CA GLN A 47 -0.06 13.19 -3.93
C GLN A 47 1.24 12.63 -4.51
N ILE A 48 1.30 11.31 -4.65
CA ILE A 48 2.48 10.65 -5.19
C ILE A 48 2.61 10.89 -6.69
N GLN A 49 3.84 11.07 -7.15
CA GLN A 49 4.10 11.31 -8.57
C GLN A 49 4.65 10.06 -9.24
N GLU A 50 3.86 9.50 -10.15
CA GLU A 50 4.27 8.29 -10.87
C GLU A 50 5.72 8.41 -11.36
N SER A 51 6.48 7.33 -11.20
CA SER A 51 7.88 7.32 -11.61
C SER A 51 8.45 5.91 -11.54
N GLU A 52 9.75 5.79 -11.80
CA GLU A 52 10.42 4.50 -11.76
C GLU A 52 10.55 3.99 -10.33
N HIS A 53 10.38 4.90 -9.37
CA HIS A 53 10.49 4.53 -7.97
C HIS A 53 9.10 4.18 -7.43
N MET A 54 8.11 4.91 -7.92
CA MET A 54 6.73 4.69 -7.51
C MET A 54 5.80 4.63 -8.71
N LYS A 55 5.32 3.43 -9.03
CA LYS A 55 4.42 3.23 -10.16
C LYS A 55 2.99 3.06 -9.68
N VAL A 56 2.07 2.94 -10.64
CA VAL A 56 0.66 2.76 -10.33
C VAL A 56 -0.04 1.90 -11.38
N GLU A 57 -0.89 0.98 -10.92
CA GLU A 57 -1.61 0.10 -11.82
C GLU A 57 -3.12 0.21 -11.59
N ASN A 58 -3.75 1.17 -12.24
CA ASN A 58 -5.18 1.38 -12.11
C ASN A 58 -5.96 0.19 -12.66
N SER A 59 -6.91 -0.30 -11.87
CA SER A 59 -7.73 -1.44 -12.27
C SER A 59 -9.11 -1.38 -11.61
N GLU A 60 -10.01 -2.26 -12.05
CA GLU A 60 -11.35 -2.31 -11.51
C GLU A 60 -11.31 -2.64 -10.02
N ASN A 61 -10.74 -3.79 -9.68
CA ASN A 61 -10.65 -4.22 -8.29
C ASN A 61 -10.19 -3.07 -7.39
N GLY A 62 -9.29 -2.24 -7.92
CA GLY A 62 -8.79 -1.12 -7.15
C GLY A 62 -7.57 -0.48 -7.79
N SER A 63 -6.58 -0.14 -6.96
CA SER A 63 -5.35 0.48 -7.46
C SER A 63 -4.13 -0.09 -6.74
N LYS A 64 -3.09 -0.38 -7.50
CA LYS A 64 -1.85 -0.92 -6.93
C LYS A 64 -0.71 0.08 -7.06
N LEU A 65 0.07 0.22 -5.99
CA LEU A 65 1.19 1.14 -5.98
C LEU A 65 2.51 0.40 -5.80
N THR A 66 3.19 0.13 -6.91
CA THR A 66 4.47 -0.59 -6.87
C THR A 66 5.61 0.37 -6.55
N ILE A 67 6.40 0.03 -5.54
CA ILE A 67 7.53 0.85 -5.14
C ILE A 67 8.85 0.15 -5.44
N LEU A 68 9.55 0.64 -6.47
CA LEU A 68 10.83 0.06 -6.85
C LEU A 68 11.98 0.71 -6.09
N ALA A 69 13.01 -0.07 -5.80
CA ALA A 69 14.17 0.42 -5.07
C ALA A 69 13.75 1.18 -3.82
N ALA A 70 12.95 0.53 -2.98
CA ALA A 70 12.47 1.14 -1.75
C ALA A 70 13.53 2.05 -1.15
N ARG A 71 13.43 3.34 -1.47
CA ARG A 71 14.39 4.32 -0.96
C ARG A 71 14.00 4.78 0.44
N GLN A 72 14.99 5.20 1.21
CA GLN A 72 14.76 5.67 2.58
C GLN A 72 13.57 6.61 2.63
N GLU A 73 13.51 7.54 1.67
CA GLU A 73 12.42 8.51 1.60
C GLU A 73 11.06 7.81 1.62
N HIS A 74 10.95 6.75 0.82
CA HIS A 74 9.70 6.00 0.75
C HIS A 74 9.15 5.79 2.17
N CYS A 75 10.07 5.58 3.10
CA CYS A 75 9.70 5.35 4.49
C CYS A 75 8.65 6.37 4.94
N GLY A 76 7.51 5.85 5.42
CA GLY A 76 6.44 6.72 5.88
C GLY A 76 5.07 6.12 5.65
N CYS A 77 4.04 6.81 6.12
CA CYS A 77 2.67 6.34 5.98
C CYS A 77 2.05 6.84 4.67
N TYR A 78 1.28 5.98 4.02
CA TYR A 78 0.63 6.34 2.76
C TYR A 78 -0.87 6.51 2.95
N THR A 79 -1.57 6.77 1.85
CA THR A 79 -3.02 6.96 1.89
C THR A 79 -3.64 6.73 0.52
N LEU A 80 -4.53 5.75 0.45
CA LEU A 80 -5.21 5.42 -0.81
C LEU A 80 -6.59 6.06 -0.86
N LEU A 81 -6.71 7.13 -1.62
CA LEU A 81 -7.98 7.83 -1.76
C LEU A 81 -8.79 7.26 -2.92
N VAL A 82 -10.10 7.08 -2.69
CA VAL A 82 -10.98 6.54 -3.72
C VAL A 82 -12.29 7.31 -3.77
N GLU A 83 -12.45 8.14 -4.80
CA GLU A 83 -13.67 8.94 -4.96
C GLU A 83 -14.46 8.46 -6.17
N ASN A 84 -15.79 8.50 -6.06
CA ASN A 84 -16.67 8.07 -7.13
C ASN A 84 -17.97 8.86 -7.11
N LYS A 85 -18.86 8.55 -8.05
CA LYS A 85 -20.15 9.23 -8.14
C LYS A 85 -20.89 9.16 -6.81
N LEU A 86 -20.80 8.01 -6.15
CA LEU A 86 -21.45 7.81 -4.86
C LEU A 86 -20.82 8.69 -3.78
N GLY A 87 -19.63 8.29 -3.33
CA GLY A 87 -18.94 9.06 -2.31
C GLY A 87 -17.43 9.00 -2.46
N SER A 88 -16.74 8.82 -1.34
CA SER A 88 -15.28 8.74 -1.35
C SER A 88 -14.77 8.02 -0.10
N ARG A 89 -13.50 7.60 -0.15
CA ARG A 89 -12.89 6.90 0.97
C ARG A 89 -11.38 7.12 0.98
N GLN A 90 -10.77 6.95 2.15
CA GLN A 90 -9.34 7.13 2.29
C GLN A 90 -8.76 6.16 3.33
N ALA A 91 -7.69 5.47 2.96
CA ALA A 91 -7.06 4.51 3.86
C ALA A 91 -5.73 5.05 4.38
N GLN A 92 -5.02 4.22 5.15
CA GLN A 92 -3.74 4.62 5.71
C GLN A 92 -2.88 3.40 6.03
N VAL A 93 -1.62 3.44 5.63
CA VAL A 93 -0.70 2.34 5.87
C VAL A 93 0.71 2.85 6.18
N ASN A 94 1.25 2.43 7.32
CA ASN A 94 2.59 2.84 7.73
C ASN A 94 3.65 1.93 7.12
N LEU A 95 4.71 2.53 6.60
CA LEU A 95 5.80 1.77 5.99
C LEU A 95 7.15 2.22 6.55
N THR A 96 8.07 1.26 6.68
CA THR A 96 9.39 1.55 7.19
C THR A 96 10.48 0.91 6.32
N VAL A 97 11.49 1.70 5.97
CA VAL A 97 12.58 1.22 5.15
C VAL A 97 13.81 0.90 5.99
N VAL A 98 14.41 -0.26 5.73
CA VAL A 98 15.59 -0.68 6.46
C VAL A 98 16.70 -1.14 5.51
N ASP A 99 17.83 -0.43 5.56
CA ASP A 99 18.97 -0.76 4.69
C ASP A 99 19.92 -1.71 5.40
N LYS A 100 19.46 -2.30 6.50
CA LYS A 100 20.28 -3.23 7.27
C LYS A 100 19.92 -4.67 6.94
N PRO A 101 20.90 -5.58 7.10
CA PRO A 101 20.70 -7.01 6.82
C PRO A 101 19.78 -7.67 7.84
N ASP A 102 19.40 -8.92 7.57
CA ASP A 102 18.53 -9.67 8.46
C ASP A 102 19.11 -9.74 9.87
N PRO A 103 18.24 -9.69 10.88
CA PRO A 103 18.65 -9.76 12.28
C PRO A 103 19.17 -11.13 12.67
N PRO A 104 20.07 -11.17 13.67
CA PRO A 104 20.67 -12.42 14.16
C PRO A 104 19.66 -13.27 14.91
N ALA A 105 19.93 -14.58 14.97
CA ALA A 105 19.05 -15.50 15.66
C ALA A 105 19.84 -16.63 16.30
N GLY A 106 19.57 -16.90 17.58
CA GLY A 106 20.27 -17.96 18.28
C GLY A 106 19.60 -19.30 18.12
N THR A 107 20.14 -20.32 18.78
CA THR A 107 19.59 -21.67 18.70
C THR A 107 19.12 -22.15 20.05
N PRO A 108 17.84 -22.54 20.13
CA PRO A 108 17.23 -23.03 21.38
C PRO A 108 17.76 -24.40 21.79
N SER A 109 18.34 -25.11 20.82
CA SER A 109 18.88 -26.44 21.08
C SER A 109 20.39 -26.37 21.34
N GLY A 110 20.83 -27.07 22.38
CA GLY A 110 22.24 -27.08 22.72
C GLY A 110 23.03 -28.11 21.93
N PRO A 111 24.37 -28.04 22.04
CA PRO A 111 25.27 -28.97 21.34
C PRO A 111 25.19 -30.38 21.91
N SER A 112 25.25 -31.37 21.04
CA SER A 112 25.19 -32.77 21.44
C SER A 112 26.56 -33.26 21.88
N SER A 113 26.58 -34.17 22.87
CA SER A 113 27.82 -34.71 23.39
C SER A 113 28.79 -35.03 22.25
N GLY A 114 30.06 -34.69 22.46
CA GLY A 114 31.06 -34.95 21.43
C GLY A 114 32.08 -35.98 21.87
N GLY A 1 -30.33 4.98 3.53
CA GLY A 1 -31.26 5.52 2.55
C GLY A 1 -31.75 4.46 1.58
N SER A 2 -31.23 4.48 0.37
CA SER A 2 -31.62 3.52 -0.66
C SER A 2 -30.82 2.23 -0.53
N SER A 3 -31.42 1.13 -0.95
CA SER A 3 -30.76 -0.18 -0.88
C SER A 3 -30.38 -0.66 -2.28
N GLY A 4 -29.08 -0.73 -2.54
CA GLY A 4 -28.60 -1.18 -3.83
C GLY A 4 -27.19 -0.74 -4.12
N SER A 5 -27.05 0.46 -4.68
CA SER A 5 -25.74 1.01 -5.00
C SER A 5 -25.00 1.47 -3.73
N SER A 6 -23.83 0.89 -3.51
CA SER A 6 -23.03 1.24 -2.33
C SER A 6 -21.75 1.96 -2.74
N GLY A 7 -21.56 3.17 -2.19
CA GLY A 7 -20.38 3.94 -2.51
C GLY A 7 -19.10 3.12 -2.43
N PRO A 8 -17.98 3.72 -2.84
CA PRO A 8 -16.67 3.06 -2.83
C PRO A 8 -16.15 2.84 -1.41
N GLN A 9 -15.61 1.66 -1.16
CA GLN A 9 -15.07 1.32 0.16
C GLN A 9 -13.87 0.40 0.04
N ILE A 10 -12.94 0.53 0.97
CA ILE A 10 -11.72 -0.29 0.98
C ILE A 10 -11.86 -1.47 1.94
N ILE A 11 -12.22 -2.63 1.41
CA ILE A 11 -12.38 -3.82 2.22
C ILE A 11 -11.03 -4.46 2.52
N GLN A 12 -10.09 -4.33 1.58
CA GLN A 12 -8.76 -4.89 1.75
C GLN A 12 -7.69 -3.81 1.63
N PHE A 13 -6.67 -3.90 2.47
CA PHE A 13 -5.58 -2.92 2.46
C PHE A 13 -4.43 -3.38 3.36
N PRO A 14 -3.19 -3.17 2.89
CA PRO A 14 -1.99 -3.55 3.63
C PRO A 14 -1.78 -2.69 4.87
N GLU A 15 -1.53 -3.34 6.00
CA GLU A 15 -1.31 -2.64 7.27
C GLU A 15 0.17 -2.33 7.46
N ASP A 16 0.50 -1.68 8.57
CA ASP A 16 1.87 -1.33 8.89
C ASP A 16 2.81 -2.49 8.59
N GLN A 17 3.73 -2.28 7.65
CA GLN A 17 4.69 -3.31 7.28
C GLN A 17 6.08 -2.73 7.09
N LYS A 18 7.04 -3.58 6.76
CA LYS A 18 8.42 -3.14 6.54
C LYS A 18 8.91 -3.57 5.16
N VAL A 19 10.06 -3.04 4.76
CA VAL A 19 10.64 -3.37 3.46
C VAL A 19 12.13 -3.02 3.42
N ARG A 20 12.91 -3.92 2.85
CA ARG A 20 14.36 -3.71 2.76
C ARG A 20 14.68 -2.65 1.71
N ALA A 21 15.53 -1.69 2.08
CA ALA A 21 15.91 -0.62 1.17
C ALA A 21 16.38 -1.17 -0.16
N GLY A 22 15.60 -0.91 -1.21
CA GLY A 22 15.95 -1.39 -2.53
C GLY A 22 14.97 -2.44 -3.05
N GLU A 23 14.29 -3.11 -2.13
CA GLU A 23 13.34 -4.14 -2.50
C GLU A 23 12.14 -3.53 -3.22
N SER A 24 11.14 -4.36 -3.51
CA SER A 24 9.95 -3.91 -4.21
C SER A 24 8.69 -4.32 -3.45
N VAL A 25 7.87 -3.32 -3.11
CA VAL A 25 6.63 -3.56 -2.38
C VAL A 25 5.42 -3.45 -3.29
N GLU A 26 4.31 -4.04 -2.87
CA GLU A 26 3.08 -4.00 -3.65
C GLU A 26 1.88 -3.67 -2.77
N LEU A 27 1.59 -2.38 -2.61
CA LEU A 27 0.48 -1.94 -1.79
C LEU A 27 -0.81 -1.87 -2.61
N PHE A 28 -1.61 -2.94 -2.55
CA PHE A 28 -2.86 -3.00 -3.28
C PHE A 28 -4.05 -2.86 -2.34
N GLY A 29 -4.96 -1.94 -2.67
CA GLY A 29 -6.13 -1.72 -1.85
C GLY A 29 -7.43 -2.02 -2.58
N LYS A 30 -7.94 -3.22 -2.39
CA LYS A 30 -9.19 -3.63 -3.03
C LYS A 30 -10.31 -2.65 -2.71
N VAL A 31 -11.12 -2.35 -3.72
CA VAL A 31 -12.24 -1.43 -3.54
C VAL A 31 -13.52 -2.00 -4.15
N THR A 32 -14.67 -1.61 -3.58
CA THR A 32 -15.96 -2.08 -4.07
C THR A 32 -16.99 -0.97 -4.05
N GLY A 33 -17.96 -1.04 -4.96
CA GLY A 33 -18.99 -0.02 -5.02
C GLY A 33 -19.68 0.02 -6.38
N THR A 34 -19.44 1.08 -7.13
CA THR A 34 -20.05 1.24 -8.45
C THR A 34 -19.07 1.91 -9.42
N GLN A 35 -18.53 1.11 -10.33
CA GLN A 35 -17.59 1.62 -11.32
C GLN A 35 -18.28 2.55 -12.31
N PRO A 36 -17.50 3.46 -12.91
CA PRO A 36 -16.07 3.59 -12.65
C PRO A 36 -15.78 4.11 -11.24
N ILE A 37 -14.56 3.89 -10.77
CA ILE A 37 -14.16 4.35 -9.45
C ILE A 37 -12.78 4.99 -9.48
N THR A 38 -12.67 6.17 -8.87
CA THR A 38 -11.41 6.89 -8.83
C THR A 38 -10.49 6.36 -7.73
N CYS A 39 -9.19 6.50 -7.92
CA CYS A 39 -8.21 6.03 -6.96
C CYS A 39 -6.92 6.83 -7.05
N THR A 40 -6.56 7.48 -5.95
CA THR A 40 -5.34 8.29 -5.90
C THR A 40 -4.46 7.89 -4.73
N TRP A 41 -3.16 7.78 -4.98
CA TRP A 41 -2.20 7.41 -3.94
C TRP A 41 -1.41 8.62 -3.48
N MET A 42 -1.60 8.99 -2.22
CA MET A 42 -0.89 10.14 -1.64
C MET A 42 -0.06 9.72 -0.44
N LYS A 43 1.04 10.42 -0.20
CA LYS A 43 1.91 10.12 0.93
C LYS A 43 2.22 11.37 1.72
N PHE A 44 1.90 11.36 3.02
CA PHE A 44 2.13 12.50 3.88
C PHE A 44 1.32 13.71 3.44
N ARG A 45 0.05 13.46 3.12
CA ARG A 45 -0.84 14.53 2.69
C ARG A 45 -0.32 15.18 1.40
N LYS A 46 0.21 14.36 0.50
CA LYS A 46 0.75 14.85 -0.76
C LYS A 46 0.63 13.79 -1.85
N GLN A 47 -0.07 14.13 -2.92
CA GLN A 47 -0.26 13.20 -4.04
C GLN A 47 1.08 12.66 -4.52
N ILE A 48 1.20 11.34 -4.58
CA ILE A 48 2.42 10.69 -5.03
C ILE A 48 2.63 10.88 -6.53
N GLN A 49 3.87 11.03 -6.95
CA GLN A 49 4.20 11.21 -8.35
C GLN A 49 4.58 9.88 -9.01
N GLU A 50 3.85 9.50 -10.04
CA GLU A 50 4.11 8.25 -10.75
C GLU A 50 5.51 8.26 -11.37
N SER A 51 6.33 7.28 -10.99
CA SER A 51 7.68 7.18 -11.51
C SER A 51 8.23 5.77 -11.31
N GLU A 52 9.32 5.46 -12.02
CA GLU A 52 9.95 4.15 -11.92
C GLU A 52 10.18 3.76 -10.46
N HIS A 53 10.20 4.76 -9.59
CA HIS A 53 10.41 4.51 -8.17
C HIS A 53 9.08 4.17 -7.50
N MET A 54 8.04 4.89 -7.93
CA MET A 54 6.71 4.69 -7.38
C MET A 54 5.66 4.64 -8.50
N LYS A 55 5.24 3.43 -8.86
CA LYS A 55 4.25 3.24 -9.91
C LYS A 55 2.86 3.06 -9.33
N VAL A 56 1.85 3.12 -10.19
CA VAL A 56 0.47 2.96 -9.75
C VAL A 56 -0.36 2.23 -10.81
N GLU A 57 -1.06 1.18 -10.39
CA GLU A 57 -1.89 0.40 -11.29
C GLU A 57 -3.35 0.42 -10.84
N ASN A 58 -4.08 1.46 -11.27
CA ASN A 58 -5.49 1.59 -10.91
C ASN A 58 -6.36 0.74 -11.83
N SER A 59 -7.40 0.12 -11.24
CA SER A 59 -8.30 -0.72 -12.00
C SER A 59 -9.55 -1.04 -11.18
N GLU A 60 -10.42 -1.88 -11.73
CA GLU A 60 -11.65 -2.27 -11.06
C GLU A 60 -11.36 -2.81 -9.66
N ASN A 61 -10.35 -3.67 -9.56
CA ASN A 61 -9.97 -4.26 -8.29
C ASN A 61 -9.64 -3.17 -7.27
N GLY A 62 -8.99 -2.10 -7.73
CA GLY A 62 -8.62 -1.02 -6.84
C GLY A 62 -7.41 -0.25 -7.34
N SER A 63 -6.41 -0.10 -6.49
CA SER A 63 -5.20 0.63 -6.84
C SER A 63 -3.98 0.02 -6.14
N LYS A 64 -2.94 -0.23 -6.92
CA LYS A 64 -1.71 -0.81 -6.38
C LYS A 64 -0.54 0.16 -6.54
N LEU A 65 0.23 0.31 -5.47
CA LEU A 65 1.38 1.21 -5.49
C LEU A 65 2.68 0.43 -5.36
N THR A 66 3.32 0.16 -6.50
CA THR A 66 4.58 -0.59 -6.51
C THR A 66 5.76 0.35 -6.34
N ILE A 67 6.53 0.13 -5.28
CA ILE A 67 7.70 0.96 -5.00
C ILE A 67 8.99 0.22 -5.36
N LEU A 68 9.68 0.72 -6.39
CA LEU A 68 10.93 0.11 -6.84
C LEU A 68 12.11 0.72 -6.12
N ALA A 69 13.14 -0.09 -5.88
CA ALA A 69 14.34 0.38 -5.21
C ALA A 69 14.00 1.17 -3.95
N ALA A 70 13.13 0.60 -3.11
CA ALA A 70 12.72 1.26 -1.88
C ALA A 70 13.86 2.06 -1.28
N ARG A 71 13.68 3.38 -1.19
CA ARG A 71 14.69 4.25 -0.63
C ARG A 71 14.43 4.52 0.85
N GLN A 72 15.39 5.17 1.51
CA GLN A 72 15.26 5.49 2.93
C GLN A 72 14.14 6.50 3.16
N GLU A 73 13.90 7.34 2.16
CA GLU A 73 12.86 8.36 2.25
C GLU A 73 11.47 7.73 2.17
N HIS A 74 11.29 6.82 1.22
CA HIS A 74 10.02 6.15 1.05
C HIS A 74 9.38 5.92 2.42
N CYS A 75 10.22 5.52 3.37
CA CYS A 75 9.76 5.25 4.73
C CYS A 75 8.85 6.36 5.23
N GLY A 76 7.60 6.00 5.54
CA GLY A 76 6.65 6.99 6.02
C GLY A 76 5.24 6.44 6.08
N CYS A 77 4.28 7.22 5.59
CA CYS A 77 2.88 6.81 5.59
C CYS A 77 2.20 7.16 4.27
N TYR A 78 1.28 6.31 3.83
CA TYR A 78 0.58 6.52 2.58
C TYR A 78 -0.92 6.65 2.82
N THR A 79 -1.66 7.04 1.78
CA THR A 79 -3.10 7.20 1.87
C THR A 79 -3.77 6.95 0.52
N LEU A 80 -4.70 6.00 0.50
CA LEU A 80 -5.42 5.66 -0.73
C LEU A 80 -6.80 6.31 -0.75
N LEU A 81 -6.97 7.29 -1.63
CA LEU A 81 -8.25 7.99 -1.76
C LEU A 81 -9.03 7.49 -2.96
N VAL A 82 -10.22 6.93 -2.70
CA VAL A 82 -11.07 6.42 -3.77
C VAL A 82 -12.39 7.16 -3.83
N GLU A 83 -12.56 7.97 -4.86
CA GLU A 83 -13.79 8.74 -5.03
C GLU A 83 -14.61 8.21 -6.21
N ASN A 84 -15.93 8.26 -6.07
CA ASN A 84 -16.83 7.77 -7.10
C ASN A 84 -18.15 8.55 -7.09
N LYS A 85 -18.82 8.56 -8.23
CA LYS A 85 -20.10 9.26 -8.35
C LYS A 85 -20.93 9.10 -7.08
N LEU A 86 -20.77 7.97 -6.41
CA LEU A 86 -21.49 7.69 -5.18
C LEU A 86 -20.93 8.49 -4.02
N GLY A 87 -19.77 8.06 -3.52
CA GLY A 87 -19.14 8.76 -2.41
C GLY A 87 -17.63 8.79 -2.53
N SER A 88 -16.94 8.45 -1.45
CA SER A 88 -15.48 8.45 -1.43
C SER A 88 -14.96 7.77 -0.17
N ARG A 89 -13.68 7.41 -0.20
CA ARG A 89 -13.05 6.76 0.95
C ARG A 89 -11.56 7.07 1.00
N GLN A 90 -10.96 6.92 2.18
CA GLN A 90 -9.54 7.18 2.37
C GLN A 90 -8.95 6.25 3.42
N ALA A 91 -7.79 5.67 3.10
CA ALA A 91 -7.12 4.76 4.02
C ALA A 91 -5.73 5.27 4.38
N GLN A 92 -4.99 4.49 5.15
CA GLN A 92 -3.64 4.87 5.57
C GLN A 92 -2.82 3.64 5.93
N VAL A 93 -1.54 3.67 5.57
CA VAL A 93 -0.64 2.56 5.85
C VAL A 93 0.77 3.05 6.16
N ASN A 94 1.34 2.56 7.25
CA ASN A 94 2.70 2.95 7.66
C ASN A 94 3.74 2.00 7.08
N LEU A 95 4.74 2.55 6.43
CA LEU A 95 5.81 1.75 5.83
C LEU A 95 7.16 2.12 6.43
N THR A 96 8.09 1.16 6.42
CA THR A 96 9.42 1.39 6.96
C THR A 96 10.48 0.77 6.06
N VAL A 97 11.59 1.48 5.87
CA VAL A 97 12.67 1.01 5.04
C VAL A 97 13.89 0.62 5.88
N VAL A 98 14.47 -0.53 5.57
CA VAL A 98 15.63 -1.02 6.30
C VAL A 98 16.72 -1.50 5.34
N ASP A 99 17.89 -0.87 5.43
CA ASP A 99 19.01 -1.23 4.57
C ASP A 99 19.90 -2.26 5.25
N LYS A 100 19.38 -2.89 6.29
CA LYS A 100 20.13 -3.91 7.03
C LYS A 100 20.26 -5.18 6.21
N PRO A 101 21.30 -5.98 6.51
CA PRO A 101 21.56 -7.25 5.81
C PRO A 101 20.51 -8.31 6.15
N ASP A 102 20.62 -9.46 5.48
CA ASP A 102 19.69 -10.56 5.71
C ASP A 102 20.33 -11.64 6.56
N PRO A 103 19.54 -12.23 7.48
CA PRO A 103 20.02 -13.29 8.37
C PRO A 103 20.29 -14.59 7.63
N PRO A 104 21.32 -15.33 8.09
CA PRO A 104 21.70 -16.61 7.49
C PRO A 104 20.68 -17.70 7.73
N ALA A 105 19.73 -17.85 6.82
CA ALA A 105 18.69 -18.86 6.95
C ALA A 105 19.27 -20.26 6.84
N GLY A 106 18.92 -21.12 7.79
CA GLY A 106 19.42 -22.48 7.79
C GLY A 106 19.00 -23.26 9.02
N THR A 107 19.82 -24.23 9.42
CA THR A 107 19.53 -25.04 10.59
C THR A 107 20.06 -24.38 11.87
N PRO A 108 19.15 -24.13 12.81
CA PRO A 108 19.49 -23.50 14.09
C PRO A 108 20.32 -24.43 14.99
N SER A 109 20.52 -25.65 14.52
CA SER A 109 21.30 -26.64 15.28
C SER A 109 22.75 -26.20 15.43
N GLY A 110 23.44 -26.78 16.40
CA GLY A 110 24.83 -26.43 16.63
C GLY A 110 25.76 -27.03 15.59
N PRO A 111 26.34 -28.19 15.90
CA PRO A 111 27.25 -28.90 15.00
C PRO A 111 26.54 -29.47 13.77
N SER A 112 26.51 -28.68 12.70
CA SER A 112 25.86 -29.10 11.47
C SER A 112 26.03 -30.60 11.24
N SER A 113 24.93 -31.29 10.99
CA SER A 113 24.96 -32.73 10.77
C SER A 113 26.00 -33.09 9.71
N GLY A 114 26.22 -34.39 9.52
CA GLY A 114 27.19 -34.84 8.54
C GLY A 114 28.46 -35.36 9.18
N GLY A 1 -31.55 4.22 -1.71
CA GLY A 1 -30.14 3.87 -1.72
C GLY A 1 -29.92 2.38 -1.56
N SER A 2 -29.19 1.78 -2.51
CA SER A 2 -28.92 0.35 -2.47
C SER A 2 -27.70 0.06 -1.59
N SER A 3 -27.79 -1.01 -0.81
CA SER A 3 -26.71 -1.40 0.08
C SER A 3 -25.41 -1.58 -0.68
N GLY A 4 -25.48 -2.30 -1.80
CA GLY A 4 -24.30 -2.54 -2.62
C GLY A 4 -23.61 -1.27 -3.02
N SER A 5 -24.29 -0.45 -3.82
CA SER A 5 -23.73 0.81 -4.30
C SER A 5 -23.83 1.89 -3.21
N SER A 6 -22.97 1.80 -2.22
CA SER A 6 -22.97 2.75 -1.11
C SER A 6 -21.58 3.36 -0.92
N GLY A 7 -21.18 4.24 -1.83
CA GLY A 7 -19.88 4.87 -1.73
C GLY A 7 -18.75 3.86 -1.74
N PRO A 8 -17.56 4.29 -2.16
CA PRO A 8 -16.37 3.44 -2.23
C PRO A 8 -15.84 3.07 -0.84
N GLN A 9 -15.28 1.87 -0.73
CA GLN A 9 -14.75 1.39 0.54
C GLN A 9 -13.67 0.35 0.31
N ILE A 10 -12.51 0.55 0.93
CA ILE A 10 -11.40 -0.38 0.79
C ILE A 10 -11.47 -1.47 1.87
N ILE A 11 -11.99 -2.63 1.49
CA ILE A 11 -12.10 -3.75 2.42
C ILE A 11 -10.78 -4.51 2.52
N GLN A 12 -9.91 -4.33 1.53
CA GLN A 12 -8.62 -4.99 1.52
C GLN A 12 -7.49 -3.98 1.39
N PHE A 13 -6.62 -3.95 2.40
CA PHE A 13 -5.49 -3.02 2.40
C PHE A 13 -4.38 -3.52 3.32
N PRO A 14 -3.13 -3.35 2.88
CA PRO A 14 -1.95 -3.78 3.64
C PRO A 14 -1.73 -2.92 4.89
N GLU A 15 -1.51 -3.59 6.03
CA GLU A 15 -1.29 -2.89 7.29
C GLU A 15 0.19 -2.57 7.48
N ASP A 16 0.49 -1.81 8.52
CA ASP A 16 1.88 -1.44 8.82
C ASP A 16 2.83 -2.59 8.51
N GLN A 17 3.66 -2.40 7.50
CA GLN A 17 4.61 -3.43 7.09
C GLN A 17 6.02 -2.84 6.93
N LYS A 18 7.00 -3.70 6.75
CA LYS A 18 8.39 -3.26 6.59
C LYS A 18 8.91 -3.62 5.20
N VAL A 19 10.07 -3.08 4.86
CA VAL A 19 10.67 -3.34 3.55
C VAL A 19 12.18 -3.06 3.58
N ARG A 20 12.95 -3.92 2.93
CA ARG A 20 14.40 -3.76 2.88
C ARG A 20 14.79 -2.74 1.83
N ALA A 21 15.35 -1.62 2.28
CA ALA A 21 15.78 -0.56 1.38
C ALA A 21 16.32 -1.13 0.07
N GLY A 22 15.57 -0.93 -1.01
CA GLY A 22 15.98 -1.44 -2.31
C GLY A 22 15.15 -2.60 -2.78
N GLU A 23 14.08 -2.90 -2.03
CA GLU A 23 13.19 -3.99 -2.37
C GLU A 23 11.99 -3.49 -3.18
N SER A 24 11.06 -4.39 -3.46
CA SER A 24 9.86 -4.04 -4.22
C SER A 24 8.60 -4.36 -3.44
N VAL A 25 7.81 -3.33 -3.14
CA VAL A 25 6.57 -3.51 -2.39
C VAL A 25 5.35 -3.30 -3.29
N GLU A 26 4.23 -3.90 -2.90
CA GLU A 26 2.99 -3.78 -3.67
C GLU A 26 1.82 -3.45 -2.76
N LEU A 27 1.46 -2.18 -2.70
CA LEU A 27 0.35 -1.73 -1.87
C LEU A 27 -0.90 -1.47 -2.72
N PHE A 28 -1.84 -2.41 -2.69
CA PHE A 28 -3.07 -2.29 -3.45
C PHE A 28 -4.28 -2.34 -2.53
N GLY A 29 -5.28 -1.51 -2.83
CA GLY A 29 -6.48 -1.47 -2.03
C GLY A 29 -7.73 -1.86 -2.81
N LYS A 30 -8.27 -3.03 -2.50
CA LYS A 30 -9.47 -3.51 -3.18
C LYS A 30 -10.69 -2.65 -2.83
N VAL A 31 -11.36 -2.15 -3.86
CA VAL A 31 -12.54 -1.31 -3.67
C VAL A 31 -13.82 -2.06 -4.02
N THR A 32 -14.89 -1.78 -3.28
CA THR A 32 -16.17 -2.43 -3.52
C THR A 32 -17.15 -1.48 -4.21
N GLY A 33 -17.03 -0.19 -3.90
CA GLY A 33 -17.92 0.80 -4.49
C GLY A 33 -18.20 0.52 -5.95
N THR A 34 -19.26 1.12 -6.47
CA THR A 34 -19.64 0.94 -7.86
C THR A 34 -18.57 1.49 -8.81
N GLN A 35 -18.22 0.70 -9.82
CA GLN A 35 -17.22 1.10 -10.79
C GLN A 35 -17.83 1.92 -11.92
N PRO A 36 -17.00 2.75 -12.57
CA PRO A 36 -15.58 2.87 -12.24
C PRO A 36 -15.36 3.55 -10.90
N ILE A 37 -14.16 3.40 -10.35
CA ILE A 37 -13.82 4.00 -9.06
C ILE A 37 -12.46 4.69 -9.13
N THR A 38 -12.45 5.98 -8.83
CA THR A 38 -11.22 6.76 -8.85
C THR A 38 -10.23 6.27 -7.79
N CYS A 39 -8.95 6.54 -8.00
CA CYS A 39 -7.92 6.13 -7.06
C CYS A 39 -6.75 7.11 -7.07
N THR A 40 -6.40 7.62 -5.88
CA THR A 40 -5.30 8.56 -5.75
C THR A 40 -4.43 8.24 -4.55
N TRP A 41 -3.18 7.84 -4.80
CA TRP A 41 -2.25 7.50 -3.74
C TRP A 41 -1.48 8.74 -3.27
N MET A 42 -1.62 9.08 -1.99
CA MET A 42 -0.93 10.23 -1.43
C MET A 42 -0.26 9.87 -0.11
N LYS A 43 0.98 10.32 0.07
CA LYS A 43 1.74 10.05 1.28
C LYS A 43 1.89 11.32 2.12
N PHE A 44 1.37 11.28 3.34
CA PHE A 44 1.45 12.43 4.24
C PHE A 44 0.79 13.66 3.62
N ARG A 45 -0.39 13.46 3.05
CA ARG A 45 -1.12 14.56 2.42
C ARG A 45 -0.34 15.12 1.23
N LYS A 46 0.44 14.25 0.59
CA LYS A 46 1.23 14.66 -0.57
C LYS A 46 0.98 13.73 -1.76
N GLN A 47 0.34 14.26 -2.80
CA GLN A 47 0.05 13.48 -3.99
C GLN A 47 1.31 12.84 -4.55
N ILE A 48 1.26 11.53 -4.76
CA ILE A 48 2.41 10.80 -5.30
C ILE A 48 2.51 10.99 -6.81
N GLN A 49 3.75 11.07 -7.30
CA GLN A 49 3.99 11.24 -8.73
C GLN A 49 4.47 9.95 -9.36
N GLU A 50 3.70 9.44 -10.31
CA GLU A 50 4.04 8.20 -11.00
C GLU A 50 5.48 8.24 -11.49
N SER A 51 6.20 7.14 -11.29
CA SER A 51 7.59 7.04 -11.71
C SER A 51 8.14 5.64 -11.47
N GLU A 52 9.29 5.34 -12.08
CA GLU A 52 9.92 4.03 -11.93
C GLU A 52 10.10 3.69 -10.46
N HIS A 53 10.12 4.70 -9.61
CA HIS A 53 10.29 4.48 -8.18
C HIS A 53 8.92 4.26 -7.54
N MET A 54 7.93 4.98 -8.05
CA MET A 54 6.57 4.87 -7.54
C MET A 54 5.57 4.77 -8.68
N LYS A 55 5.17 3.54 -9.00
CA LYS A 55 4.22 3.30 -10.08
C LYS A 55 2.80 3.15 -9.52
N VAL A 56 1.81 3.19 -10.42
CA VAL A 56 0.41 3.06 -10.02
C VAL A 56 -0.38 2.28 -11.07
N GLU A 57 -1.02 1.20 -10.64
CA GLU A 57 -1.83 0.38 -11.53
C GLU A 57 -3.31 0.49 -11.19
N ASN A 58 -4.05 1.20 -12.03
CA ASN A 58 -5.48 1.38 -11.82
C ASN A 58 -6.28 0.31 -12.56
N SER A 59 -7.25 -0.27 -11.88
CA SER A 59 -8.08 -1.32 -12.47
C SER A 59 -9.33 -1.57 -11.62
N GLU A 60 -10.27 -2.31 -12.18
CA GLU A 60 -11.51 -2.62 -11.47
C GLU A 60 -11.24 -2.90 -9.99
N ASN A 61 -10.60 -4.03 -9.72
CA ASN A 61 -10.28 -4.42 -8.36
C ASN A 61 -9.94 -3.19 -7.51
N GLY A 62 -9.19 -2.27 -8.09
CA GLY A 62 -8.81 -1.07 -7.38
C GLY A 62 -7.54 -0.45 -7.92
N SER A 63 -6.64 -0.06 -7.01
CA SER A 63 -5.38 0.55 -7.41
C SER A 63 -4.20 -0.12 -6.68
N LYS A 64 -3.05 -0.11 -7.33
CA LYS A 64 -1.85 -0.72 -6.75
C LYS A 64 -0.65 0.22 -6.88
N LEU A 65 0.03 0.46 -5.77
CA LEU A 65 1.21 1.33 -5.77
C LEU A 65 2.49 0.52 -5.61
N THR A 66 3.17 0.28 -6.71
CA THR A 66 4.43 -0.48 -6.69
C THR A 66 5.62 0.44 -6.47
N ILE A 67 6.30 0.24 -5.35
CA ILE A 67 7.47 1.05 -5.01
C ILE A 67 8.76 0.31 -5.33
N LEU A 68 9.51 0.83 -6.30
CA LEU A 68 10.78 0.22 -6.70
C LEU A 68 11.95 0.82 -5.93
N ALA A 69 12.98 0.02 -5.72
CA ALA A 69 14.16 0.48 -4.99
C ALA A 69 13.78 1.26 -3.74
N ALA A 70 12.90 0.67 -2.93
CA ALA A 70 12.46 1.32 -1.70
C ALA A 70 13.57 2.14 -1.07
N ARG A 71 13.43 3.46 -1.10
CA ARG A 71 14.44 4.34 -0.52
C ARG A 71 14.14 4.62 0.95
N GLN A 72 15.14 5.11 1.67
CA GLN A 72 14.98 5.42 3.08
C GLN A 72 14.03 6.59 3.28
N GLU A 73 13.61 7.21 2.18
CA GLU A 73 12.70 8.34 2.24
C GLU A 73 11.26 7.88 2.03
N HIS A 74 11.07 6.90 1.17
CA HIS A 74 9.74 6.38 0.90
C HIS A 74 9.01 6.13 2.21
N CYS A 75 9.79 5.77 3.23
CA CYS A 75 9.24 5.49 4.55
C CYS A 75 8.29 6.59 4.99
N GLY A 76 7.04 6.23 5.26
CA GLY A 76 6.05 7.20 5.70
C GLY A 76 4.67 6.60 5.83
N CYS A 77 3.64 7.43 5.64
CA CYS A 77 2.27 6.97 5.75
C CYS A 77 1.49 7.27 4.47
N TYR A 78 1.29 6.23 3.65
CA TYR A 78 0.58 6.38 2.39
C TYR A 78 -0.93 6.49 2.64
N THR A 79 -1.64 7.06 1.67
CA THR A 79 -3.08 7.23 1.77
C THR A 79 -3.76 6.99 0.43
N LEU A 80 -4.57 5.95 0.35
CA LEU A 80 -5.28 5.62 -0.89
C LEU A 80 -6.66 6.25 -0.90
N LEU A 81 -6.83 7.28 -1.74
CA LEU A 81 -8.10 7.97 -1.86
C LEU A 81 -8.89 7.46 -3.05
N VAL A 82 -10.05 6.85 -2.79
CA VAL A 82 -10.89 6.33 -3.84
C VAL A 82 -12.23 7.07 -3.90
N GLU A 83 -12.34 8.01 -4.83
CA GLU A 83 -13.56 8.79 -4.99
C GLU A 83 -14.38 8.29 -6.17
N ASN A 84 -15.69 8.50 -6.11
CA ASN A 84 -16.59 8.07 -7.18
C ASN A 84 -17.90 8.85 -7.14
N LYS A 85 -18.79 8.54 -8.07
CA LYS A 85 -20.08 9.21 -8.14
C LYS A 85 -20.80 9.16 -6.80
N LEU A 86 -20.75 8.00 -6.15
CA LEU A 86 -21.39 7.81 -4.85
C LEU A 86 -20.70 8.64 -3.78
N GLY A 87 -19.53 8.18 -3.35
CA GLY A 87 -18.78 8.89 -2.33
C GLY A 87 -17.28 8.77 -2.51
N SER A 88 -16.56 8.66 -1.40
CA SER A 88 -15.11 8.55 -1.45
C SER A 88 -14.56 7.91 -0.17
N ARG A 89 -13.40 7.29 -0.28
CA ARG A 89 -12.77 6.64 0.87
C ARG A 89 -11.28 6.92 0.91
N GLN A 90 -10.69 6.82 2.09
CA GLN A 90 -9.27 7.06 2.27
C GLN A 90 -8.66 6.09 3.27
N ALA A 91 -7.61 5.39 2.85
CA ALA A 91 -6.94 4.42 3.72
C ALA A 91 -5.65 4.99 4.27
N GLN A 92 -4.90 4.15 5.00
CA GLN A 92 -3.64 4.58 5.59
C GLN A 92 -2.77 3.38 5.95
N VAL A 93 -1.55 3.36 5.44
CA VAL A 93 -0.62 2.27 5.70
C VAL A 93 0.78 2.79 5.98
N ASN A 94 1.32 2.45 7.15
CA ASN A 94 2.66 2.88 7.52
C ASN A 94 3.71 1.91 7.01
N LEU A 95 4.73 2.44 6.33
CA LEU A 95 5.81 1.62 5.79
C LEU A 95 7.15 2.02 6.38
N THR A 96 8.02 1.03 6.60
CA THR A 96 9.34 1.28 7.16
C THR A 96 10.42 0.68 6.29
N VAL A 97 11.47 1.47 6.03
CA VAL A 97 12.58 1.02 5.20
C VAL A 97 13.77 0.61 6.07
N VAL A 98 14.34 -0.55 5.77
CA VAL A 98 15.49 -1.05 6.52
C VAL A 98 16.62 -1.47 5.58
N ASP A 99 17.83 -0.98 5.86
CA ASP A 99 18.99 -1.31 5.04
C ASP A 99 19.82 -2.41 5.69
N LYS A 100 19.23 -3.08 6.66
CA LYS A 100 19.92 -4.16 7.37
C LYS A 100 20.58 -5.12 6.38
N PRO A 101 21.64 -5.80 6.84
CA PRO A 101 22.37 -6.76 6.01
C PRO A 101 21.57 -8.02 5.72
N ASP A 102 22.04 -8.82 4.77
CA ASP A 102 21.36 -10.06 4.41
C ASP A 102 21.47 -11.09 5.53
N PRO A 103 20.39 -11.86 5.73
CA PRO A 103 20.34 -12.90 6.76
C PRO A 103 21.25 -14.08 6.45
N PRO A 104 21.51 -14.91 7.46
CA PRO A 104 22.36 -16.10 7.31
C PRO A 104 21.71 -17.18 6.46
N ALA A 105 22.47 -18.23 6.16
CA ALA A 105 21.97 -19.33 5.35
C ALA A 105 22.52 -20.67 5.85
N GLY A 106 21.63 -21.51 6.37
CA GLY A 106 22.04 -22.80 6.88
C GLY A 106 22.75 -23.63 5.83
N THR A 107 22.92 -24.92 6.12
CA THR A 107 23.60 -25.82 5.19
C THR A 107 23.18 -25.55 3.75
N PRO A 108 24.14 -25.64 2.82
CA PRO A 108 23.89 -25.41 1.40
C PRO A 108 23.04 -26.51 0.76
N SER A 109 23.14 -27.71 1.32
CA SER A 109 22.38 -28.84 0.80
C SER A 109 22.93 -29.30 -0.54
N GLY A 110 24.25 -29.26 -0.68
CA GLY A 110 24.88 -29.67 -1.93
C GLY A 110 25.93 -30.74 -1.72
N PRO A 111 27.19 -30.32 -1.53
CA PRO A 111 28.32 -31.23 -1.33
C PRO A 111 28.25 -31.93 0.03
N SER A 112 29.23 -32.78 0.30
CA SER A 112 29.28 -33.51 1.55
C SER A 112 30.66 -34.14 1.76
N SER A 113 31.12 -34.15 3.01
CA SER A 113 32.42 -34.72 3.33
C SER A 113 32.27 -35.99 4.16
N GLY A 114 33.20 -36.91 3.98
CA GLY A 114 33.15 -38.16 4.72
C GLY A 114 33.33 -39.38 3.83
N GLY A 1 -33.58 1.39 3.22
CA GLY A 1 -33.23 0.92 1.89
C GLY A 1 -32.01 0.02 1.91
N SER A 2 -32.14 -1.15 1.29
CA SER A 2 -31.05 -2.12 1.24
C SER A 2 -30.50 -2.24 -0.18
N SER A 3 -31.36 -2.65 -1.10
CA SER A 3 -30.96 -2.81 -2.50
C SER A 3 -30.75 -1.46 -3.16
N GLY A 4 -29.49 -1.03 -3.22
CA GLY A 4 -29.17 0.25 -3.83
C GLY A 4 -27.69 0.59 -3.71
N SER A 5 -27.20 1.42 -4.62
CA SER A 5 -25.81 1.83 -4.61
C SER A 5 -25.46 2.55 -3.30
N SER A 6 -24.23 2.33 -2.82
CA SER A 6 -23.78 2.95 -1.58
C SER A 6 -22.58 3.86 -1.84
N GLY A 7 -21.43 3.25 -2.09
CA GLY A 7 -20.22 4.02 -2.35
C GLY A 7 -18.97 3.17 -2.26
N PRO A 8 -17.83 3.75 -2.66
CA PRO A 8 -16.53 3.06 -2.64
C PRO A 8 -16.03 2.84 -1.22
N GLN A 9 -15.52 1.63 -0.98
CA GLN A 9 -15.00 1.28 0.35
C GLN A 9 -13.80 0.35 0.23
N ILE A 10 -12.80 0.55 1.08
CA ILE A 10 -11.60 -0.27 1.06
C ILE A 10 -11.72 -1.43 2.05
N ILE A 11 -12.20 -2.58 1.57
CA ILE A 11 -12.35 -3.75 2.41
C ILE A 11 -11.03 -4.49 2.59
N GLN A 12 -10.10 -4.25 1.68
CA GLN A 12 -8.79 -4.88 1.75
C GLN A 12 -7.68 -3.84 1.64
N PHE A 13 -6.74 -3.89 2.58
CA PHE A 13 -5.63 -2.95 2.60
C PHE A 13 -4.49 -3.47 3.48
N PRO A 14 -3.24 -3.28 3.01
CA PRO A 14 -2.06 -3.73 3.74
C PRO A 14 -1.81 -2.91 5.01
N GLU A 15 -1.56 -3.61 6.12
CA GLU A 15 -1.31 -2.95 7.39
C GLU A 15 0.16 -2.58 7.54
N ASP A 16 0.52 -2.01 8.68
CA ASP A 16 1.90 -1.61 8.94
C ASP A 16 2.87 -2.72 8.58
N GLN A 17 3.76 -2.43 7.63
CA GLN A 17 4.74 -3.41 7.18
C GLN A 17 6.12 -2.77 7.04
N LYS A 18 7.10 -3.57 6.61
CA LYS A 18 8.46 -3.08 6.44
C LYS A 18 9.00 -3.47 5.06
N VAL A 19 10.12 -2.86 4.69
CA VAL A 19 10.74 -3.15 3.39
C VAL A 19 12.24 -2.82 3.42
N ARG A 20 13.05 -3.74 2.93
CA ARG A 20 14.49 -3.55 2.89
C ARG A 20 14.87 -2.51 1.84
N ALA A 21 15.50 -1.44 2.29
CA ALA A 21 15.93 -0.37 1.38
C ALA A 21 16.49 -0.94 0.09
N GLY A 22 15.78 -0.71 -1.01
CA GLY A 22 16.23 -1.20 -2.30
C GLY A 22 15.45 -2.42 -2.75
N GLU A 23 14.35 -2.70 -2.07
CA GLU A 23 13.52 -3.85 -2.40
C GLU A 23 12.33 -3.44 -3.26
N SER A 24 11.44 -4.39 -3.55
CA SER A 24 10.28 -4.11 -4.37
C SER A 24 8.99 -4.45 -3.62
N VAL A 25 8.17 -3.43 -3.39
CA VAL A 25 6.90 -3.61 -2.68
C VAL A 25 5.72 -3.25 -3.58
N GLU A 26 4.52 -3.55 -3.09
CA GLU A 26 3.30 -3.27 -3.85
C GLU A 26 2.08 -3.26 -2.93
N LEU A 27 1.52 -2.08 -2.70
CA LEU A 27 0.34 -1.94 -1.85
C LEU A 27 -0.92 -1.79 -2.68
N PHE A 28 -1.82 -2.77 -2.56
CA PHE A 28 -3.07 -2.75 -3.31
C PHE A 28 -4.26 -2.63 -2.36
N GLY A 29 -5.19 -1.73 -2.69
CA GLY A 29 -6.36 -1.53 -1.85
C GLY A 29 -7.64 -1.85 -2.58
N LYS A 30 -8.16 -3.06 -2.37
CA LYS A 30 -9.40 -3.48 -3.01
C LYS A 30 -10.54 -2.53 -2.69
N VAL A 31 -11.16 -1.97 -3.71
CA VAL A 31 -12.27 -1.05 -3.54
C VAL A 31 -13.55 -1.60 -4.15
N THR A 32 -14.66 -1.46 -3.42
CA THR A 32 -15.95 -1.95 -3.89
C THR A 32 -17.02 -0.86 -3.80
N GLY A 33 -17.97 -0.89 -4.72
CA GLY A 33 -19.04 0.10 -4.71
C GLY A 33 -19.77 0.17 -6.04
N THR A 34 -19.48 1.19 -6.83
CA THR A 34 -20.12 1.38 -8.12
C THR A 34 -19.19 2.07 -9.11
N GLN A 35 -18.69 1.33 -10.08
CA GLN A 35 -17.79 1.88 -11.08
C GLN A 35 -18.52 2.86 -11.99
N PRO A 36 -17.77 3.81 -12.57
CA PRO A 36 -16.31 3.90 -12.37
C PRO A 36 -15.96 4.35 -10.95
N ILE A 37 -14.73 4.08 -10.55
CA ILE A 37 -14.26 4.46 -9.22
C ILE A 37 -12.82 5.00 -9.26
N THR A 38 -12.66 6.24 -8.83
CA THR A 38 -11.34 6.87 -8.82
C THR A 38 -10.45 6.27 -7.75
N CYS A 39 -9.15 6.26 -7.99
CA CYS A 39 -8.18 5.71 -7.05
C CYS A 39 -6.84 6.44 -7.14
N THR A 40 -6.54 7.23 -6.13
CA THR A 40 -5.29 7.99 -6.09
C THR A 40 -4.43 7.59 -4.90
N TRP A 41 -3.12 7.66 -5.07
CA TRP A 41 -2.19 7.30 -4.00
C TRP A 41 -1.44 8.53 -3.50
N MET A 42 -1.49 8.76 -2.18
CA MET A 42 -0.81 9.89 -1.57
C MET A 42 -0.10 9.48 -0.28
N LYS A 43 0.67 10.40 0.27
CA LYS A 43 1.41 10.13 1.50
C LYS A 43 1.72 11.43 2.24
N PHE A 44 1.19 11.55 3.46
CA PHE A 44 1.41 12.74 4.28
C PHE A 44 0.80 13.97 3.61
N ARG A 45 -0.37 13.78 3.00
CA ARG A 45 -1.06 14.88 2.34
C ARG A 45 -0.31 15.32 1.10
N LYS A 46 0.16 14.36 0.31
CA LYS A 46 0.91 14.65 -0.91
C LYS A 46 0.62 13.61 -1.98
N GLN A 47 0.21 14.08 -3.16
CA GLN A 47 -0.09 13.19 -4.28
C GLN A 47 1.18 12.58 -4.86
N ILE A 48 1.33 11.28 -4.72
CA ILE A 48 2.51 10.58 -5.24
C ILE A 48 2.61 10.73 -6.75
N GLN A 49 3.84 10.93 -7.24
CA GLN A 49 4.08 11.10 -8.66
C GLN A 49 4.59 9.79 -9.28
N GLU A 50 3.91 9.33 -10.33
CA GLU A 50 4.30 8.10 -11.00
C GLU A 50 5.75 8.17 -11.48
N SER A 51 6.47 7.06 -11.33
CA SER A 51 7.87 7.01 -11.74
C SER A 51 8.41 5.59 -11.58
N GLU A 52 9.60 5.36 -12.15
CA GLU A 52 10.23 4.04 -12.07
C GLU A 52 10.42 3.62 -10.62
N HIS A 53 10.39 4.59 -9.71
CA HIS A 53 10.55 4.29 -8.30
C HIS A 53 9.19 3.98 -7.67
N MET A 54 8.18 4.72 -8.13
CA MET A 54 6.83 4.54 -7.63
C MET A 54 5.83 4.48 -8.79
N LYS A 55 5.33 3.27 -9.06
CA LYS A 55 4.36 3.08 -10.14
C LYS A 55 2.96 2.90 -9.58
N VAL A 56 1.97 2.92 -10.47
CA VAL A 56 0.57 2.76 -10.08
C VAL A 56 -0.20 1.94 -11.09
N GLU A 57 -0.78 0.83 -10.63
CA GLU A 57 -1.54 -0.05 -11.51
C GLU A 57 -3.05 0.12 -11.26
N ASN A 58 -3.63 1.14 -11.87
CA ASN A 58 -5.06 1.41 -11.70
C ASN A 58 -5.89 0.32 -12.40
N SER A 59 -6.92 -0.15 -11.69
CA SER A 59 -7.79 -1.19 -12.23
C SER A 59 -9.13 -1.19 -11.51
N GLU A 60 -10.08 -1.95 -12.04
CA GLU A 60 -11.41 -2.05 -11.45
C GLU A 60 -11.33 -2.43 -9.98
N ASN A 61 -10.80 -3.62 -9.72
CA ASN A 61 -10.67 -4.11 -8.34
C ASN A 61 -10.23 -2.98 -7.41
N GLY A 62 -9.29 -2.17 -7.86
CA GLY A 62 -8.80 -1.07 -7.06
C GLY A 62 -7.59 -0.39 -7.68
N SER A 63 -6.56 -0.19 -6.86
CA SER A 63 -5.34 0.46 -7.33
C SER A 63 -4.13 -0.03 -6.53
N LYS A 64 -3.07 -0.39 -7.25
CA LYS A 64 -1.85 -0.88 -6.61
C LYS A 64 -0.71 0.14 -6.76
N LEU A 65 0.15 0.20 -5.75
CA LEU A 65 1.27 1.13 -5.76
C LEU A 65 2.58 0.39 -5.55
N THR A 66 3.27 0.08 -6.65
CA THR A 66 4.54 -0.62 -6.59
C THR A 66 5.69 0.35 -6.36
N ILE A 67 6.64 -0.06 -5.52
CA ILE A 67 7.80 0.78 -5.21
C ILE A 67 9.10 0.06 -5.55
N LEU A 68 9.81 0.57 -6.55
CA LEU A 68 11.07 -0.02 -6.98
C LEU A 68 12.25 0.65 -6.28
N ALA A 69 13.31 -0.11 -6.04
CA ALA A 69 14.50 0.41 -5.39
C ALA A 69 14.13 1.28 -4.20
N ALA A 70 13.27 0.76 -3.32
CA ALA A 70 12.84 1.50 -2.14
C ALA A 70 13.96 2.40 -1.61
N ARG A 71 13.59 3.56 -1.09
CA ARG A 71 14.56 4.50 -0.55
C ARG A 71 14.16 4.95 0.84
N GLN A 72 15.15 5.11 1.71
CA GLN A 72 14.90 5.54 3.09
C GLN A 72 13.75 6.53 3.15
N GLU A 73 13.67 7.40 2.15
CA GLU A 73 12.62 8.40 2.09
C GLU A 73 11.24 7.75 2.04
N HIS A 74 11.10 6.75 1.18
CA HIS A 74 9.83 6.05 1.05
C HIS A 74 9.18 5.90 2.43
N CYS A 75 10.02 5.58 3.41
CA CYS A 75 9.54 5.41 4.78
C CYS A 75 8.46 6.43 5.11
N GLY A 76 7.34 5.94 5.65
CA GLY A 76 6.24 6.81 6.01
C GLY A 76 4.89 6.17 5.79
N CYS A 77 3.83 6.85 6.23
CA CYS A 77 2.47 6.34 6.07
C CYS A 77 1.85 6.85 4.78
N TYR A 78 1.23 5.96 4.02
CA TYR A 78 0.59 6.32 2.77
C TYR A 78 -0.91 6.49 2.96
N THR A 79 -1.60 6.88 1.89
CA THR A 79 -3.04 7.09 1.93
C THR A 79 -3.67 6.86 0.56
N LEU A 80 -4.60 5.91 0.49
CA LEU A 80 -5.28 5.60 -0.75
C LEU A 80 -6.67 6.25 -0.80
N LEU A 81 -6.83 7.24 -1.66
CA LEU A 81 -8.09 7.93 -1.81
C LEU A 81 -8.90 7.37 -2.97
N VAL A 82 -10.13 6.94 -2.67
CA VAL A 82 -11.01 6.38 -3.69
C VAL A 82 -12.33 7.12 -3.75
N GLU A 83 -12.48 7.99 -4.76
CA GLU A 83 -13.70 8.77 -4.93
C GLU A 83 -14.57 8.18 -6.04
N ASN A 84 -15.87 8.43 -5.95
CA ASN A 84 -16.81 7.93 -6.94
C ASN A 84 -18.10 8.73 -6.92
N LYS A 85 -18.79 8.76 -8.06
CA LYS A 85 -20.05 9.50 -8.17
C LYS A 85 -20.84 9.42 -6.87
N LEU A 86 -20.84 8.25 -6.25
CA LEU A 86 -21.56 8.04 -5.00
C LEU A 86 -20.87 8.77 -3.85
N GLY A 87 -19.72 8.25 -3.42
CA GLY A 87 -18.99 8.87 -2.34
C GLY A 87 -17.49 8.72 -2.50
N SER A 88 -16.76 8.77 -1.39
CA SER A 88 -15.31 8.64 -1.41
C SER A 88 -14.80 7.99 -0.13
N ARG A 89 -13.57 7.51 -0.17
CA ARG A 89 -12.96 6.85 0.98
C ARG A 89 -11.46 7.08 1.01
N GLN A 90 -10.84 6.84 2.16
CA GLN A 90 -9.40 7.01 2.31
C GLN A 90 -8.84 6.04 3.34
N ALA A 91 -7.69 5.45 3.01
CA ALA A 91 -7.05 4.49 3.91
C ALA A 91 -5.69 5.01 4.38
N GLN A 92 -5.02 4.22 5.21
CA GLN A 92 -3.71 4.60 5.74
C GLN A 92 -2.90 3.36 6.10
N VAL A 93 -1.61 3.37 5.75
CA VAL A 93 -0.73 2.26 6.04
C VAL A 93 0.69 2.75 6.33
N ASN A 94 1.19 2.42 7.53
CA ASN A 94 2.52 2.83 7.93
C ASN A 94 3.58 1.93 7.29
N LEU A 95 4.63 2.55 6.75
CA LEU A 95 5.70 1.82 6.10
C LEU A 95 7.06 2.21 6.68
N THR A 96 7.98 1.25 6.73
CA THR A 96 9.32 1.51 7.26
C THR A 96 10.38 0.90 6.36
N VAL A 97 11.48 1.63 6.16
CA VAL A 97 12.58 1.17 5.32
C VAL A 97 13.78 0.78 6.17
N VAL A 98 14.42 -0.32 5.80
CA VAL A 98 15.60 -0.80 6.51
C VAL A 98 16.71 -1.22 5.56
N ASP A 99 17.87 -0.61 5.70
CA ASP A 99 19.01 -0.92 4.85
C ASP A 99 19.92 -1.95 5.51
N LYS A 100 19.40 -2.62 6.52
CA LYS A 100 20.17 -3.64 7.24
C LYS A 100 21.01 -4.47 6.28
N PRO A 101 22.22 -4.83 6.72
CA PRO A 101 23.15 -5.63 5.91
C PRO A 101 22.67 -7.07 5.74
N ASP A 102 23.44 -7.86 5.00
CA ASP A 102 23.10 -9.26 4.76
C ASP A 102 23.27 -10.09 6.03
N PRO A 103 22.42 -11.11 6.19
CA PRO A 103 22.47 -12.00 7.36
C PRO A 103 23.70 -12.89 7.36
N PRO A 104 24.26 -13.12 8.55
CA PRO A 104 25.45 -13.96 8.71
C PRO A 104 25.16 -15.44 8.47
N ALA A 105 26.19 -16.17 8.02
CA ALA A 105 26.04 -17.59 7.74
C ALA A 105 26.96 -18.42 8.64
N GLY A 106 26.49 -18.75 9.83
CA GLY A 106 27.28 -19.54 10.75
C GLY A 106 26.53 -19.89 12.02
N THR A 107 27.22 -20.52 12.96
CA THR A 107 26.60 -20.91 14.23
C THR A 107 27.50 -20.56 15.40
N PRO A 108 26.88 -20.34 16.57
CA PRO A 108 27.61 -20.01 17.80
C PRO A 108 28.42 -21.17 18.34
N SER A 109 28.39 -22.29 17.62
CA SER A 109 29.12 -23.48 18.04
C SER A 109 30.62 -23.20 18.12
N GLY A 110 31.31 -24.00 18.92
CA GLY A 110 32.75 -23.82 19.08
C GLY A 110 33.16 -23.65 20.52
N PRO A 111 34.38 -24.09 20.86
CA PRO A 111 34.91 -23.99 22.23
C PRO A 111 35.22 -22.55 22.62
N SER A 112 34.32 -21.95 23.39
CA SER A 112 34.49 -20.57 23.85
C SER A 112 35.82 -20.40 24.58
N SER A 113 36.51 -19.31 24.30
CA SER A 113 37.79 -19.03 24.92
C SER A 113 37.71 -19.24 26.43
N GLY A 114 38.84 -19.62 27.02
CA GLY A 114 38.88 -19.86 28.45
C GLY A 114 40.14 -20.58 28.90
#